data_5EGE
#
_entry.id   5EGE
#
_cell.length_a   64.290
_cell.length_b   78.240
_cell.length_c   103.640
_cell.angle_alpha   90.040
_cell.angle_beta   89.980
_cell.angle_gamma   114.610
#
_symmetry.space_group_name_H-M   'P 1'
#
loop_
_entity.id
_entity.type
_entity.pdbx_description
1 polymer 'Ectonucleotide pyrophosphatase/phosphodiesterase family member 6'
2 branched 2-acetamido-2-deoxy-beta-D-glucopyranose-(1-4)-[beta-L-fucopyranose-(1-6)]2-acetamido-2-deoxy-beta-D-glucopyranose
3 branched 2-acetamido-2-deoxy-beta-D-glucopyranose-(1-4)-2-acetamido-2-deoxy-beta-D-glucopyranose
4 non-polymer 2-acetamido-2-deoxy-beta-D-glucopyranose
5 non-polymer 'ZINC ION'
6 non-polymer 1,2-ETHANEDIOL
7 water water
#
_entity_poly.entity_id   1
_entity_poly.type   'polypeptide(L)'
_entity_poly.pdbx_seq_one_letter_code
;MAAKLWTFLLGFGLSWVWPASAHRKLLVLLLDGFRSDYISEDALASLPGFREIVNRGVKVDYLTPDFPSLSYPNYYTLMT
GRHCEVHQMIGNYMWDPRTNKSFDIGVNRDSLMPLWWNGSEPLWITLMKARRKVYMYYWPGCEVEILGVRPTYCLEYKTV
PTDINFANAVSDALDSLKSGRADLAAIYHERIDVEGHHYGPSSPQRKDALRAVDTVLKYMIQWIQDRGLQQDLNVILFSD
HGMTDIFWMDKVIELSNYISLDDLQQVKDRGPVVSLWPVPGKHSEIYHKLRTVEHMTVYEKESIPNRFYYKKGKFVSPLT
LVADEGWFIAESREMLPFWMNSTGKREGWQRGWHGYDNELMDMRGIFLAIGPDFKSNFRAAPIRSVDVYNIMAHVAGITP
LPNNGSWSRVVSMLKGQTSSASRENLYFQ
;
_entity_poly.pdbx_strand_id   A,B,C,D
#
loop_
_chem_comp.id
_chem_comp.type
_chem_comp.name
_chem_comp.formula
EDO non-polymer 1,2-ETHANEDIOL 'C2 H6 O2'
FUL L-saccharide, beta linking beta-L-fucopyranose 'C6 H12 O5'
NAG D-saccharide, beta linking 2-acetamido-2-deoxy-beta-D-glucopyranose 'C8 H15 N O6'
ZN non-polymer 'ZINC ION' 'Zn 2'
#
# COMPACT_ATOMS: atom_id res chain seq x y z
N ARG A 24 -15.91 6.64 16.35
CA ARG A 24 -14.83 5.80 15.79
C ARG A 24 -15.05 5.42 14.33
N LYS A 25 -14.07 5.72 13.47
CA LYS A 25 -14.21 5.53 12.04
C LYS A 25 -14.21 4.04 11.69
N LEU A 26 -14.79 3.72 10.53
CA LEU A 26 -14.89 2.33 10.10
C LEU A 26 -14.57 2.23 8.61
N LEU A 27 -13.59 1.40 8.27
CA LEU A 27 -13.24 1.03 6.91
C LEU A 27 -13.65 -0.41 6.67
N VAL A 28 -14.43 -0.65 5.62
CA VAL A 28 -14.94 -1.97 5.27
C VAL A 28 -14.41 -2.38 3.91
N LEU A 29 -13.79 -3.57 3.83
CA LEU A 29 -13.25 -4.11 2.59
C LEU A 29 -14.02 -5.37 2.20
N LEU A 30 -14.66 -5.35 1.04
CA LEU A 30 -15.34 -6.52 0.50
C LEU A 30 -14.42 -7.10 -0.57
N LEU A 31 -13.83 -8.27 -0.27
CA LEU A 31 -12.95 -8.95 -1.21
C LEU A 31 -13.78 -10.04 -1.88
N ASP A 32 -14.25 -9.77 -3.10
CA ASP A 32 -15.18 -10.68 -3.74
C ASP A 32 -14.52 -12.04 -4.00
N GLY A 33 -15.27 -13.12 -3.74
CA GLY A 33 -14.83 -14.45 -4.14
C GLY A 33 -13.66 -15.00 -3.36
N PHE A 34 -13.38 -14.41 -2.19
CA PHE A 34 -12.30 -14.82 -1.31
C PHE A 34 -12.78 -16.03 -0.50
N ARG A 35 -12.32 -17.22 -0.88
CA ARG A 35 -12.71 -18.45 -0.20
C ARG A 35 -12.03 -18.59 1.16
N SER A 36 -12.75 -19.21 2.10
CA SER A 36 -12.27 -19.36 3.47
C SER A 36 -10.85 -19.90 3.55
N ASP A 37 -10.58 -20.98 2.82
CA ASP A 37 -9.27 -21.60 2.97
C ASP A 37 -8.16 -20.89 2.20
N TYR A 38 -8.45 -19.77 1.52
CA TYR A 38 -7.36 -18.98 0.96
C TYR A 38 -6.43 -18.44 2.03
N ILE A 39 -6.88 -18.36 3.28
CA ILE A 39 -6.01 -17.94 4.37
C ILE A 39 -5.97 -19.02 5.43
N SER A 40 -5.89 -20.28 4.99
CA SER A 40 -5.57 -21.35 5.92
C SER A 40 -4.22 -21.09 6.58
N GLU A 41 -3.93 -21.84 7.65
CA GLU A 41 -2.61 -21.76 8.26
C GLU A 41 -1.51 -21.91 7.23
N ASP A 42 -1.62 -22.94 6.37
CA ASP A 42 -0.61 -23.16 5.33
C ASP A 42 -0.44 -21.93 4.45
N ALA A 43 -1.55 -21.38 3.97
CA ALA A 43 -1.46 -20.20 3.11
C ALA A 43 -0.90 -19.00 3.85
N LEU A 44 -1.25 -18.85 5.14
CA LEU A 44 -0.81 -17.64 5.85
C LEU A 44 0.71 -17.57 6.01
N ALA A 45 1.40 -18.71 5.92
CA ALA A 45 2.86 -18.69 6.01
C ALA A 45 3.50 -17.78 4.97
N SER A 46 2.83 -17.51 3.86
CA SER A 46 3.37 -16.64 2.82
C SER A 46 2.52 -15.41 2.58
N LEU A 47 1.66 -15.03 3.53
CA LEU A 47 0.75 -13.91 3.38
C LEU A 47 0.96 -12.97 4.57
N PRO A 48 2.03 -12.16 4.55
CA PRO A 48 2.36 -11.37 5.75
C PRO A 48 1.34 -10.31 6.08
N GLY A 49 0.66 -9.75 5.09
CA GLY A 49 -0.41 -8.81 5.38
C GLY A 49 -1.54 -9.44 6.16
N PHE A 50 -2.09 -10.55 5.65
CA PHE A 50 -3.17 -11.22 6.36
C PHE A 50 -2.69 -11.80 7.69
N ARG A 51 -1.44 -12.29 7.73
CA ARG A 51 -0.93 -12.88 8.96
C ARG A 51 -0.84 -11.86 10.08
N GLU A 52 -0.47 -10.61 9.74
CA GLU A 52 -0.45 -9.59 10.78
C GLU A 52 -1.85 -9.27 11.28
N ILE A 53 -2.83 -9.21 10.37
CA ILE A 53 -4.20 -8.93 10.77
C ILE A 53 -4.72 -10.05 11.67
N VAL A 54 -4.48 -11.31 11.29
CA VAL A 54 -4.88 -12.45 12.13
C VAL A 54 -4.20 -12.35 13.51
N ASN A 55 -2.89 -12.09 13.52
CA ASN A 55 -2.14 -12.05 14.78
C ASN A 55 -2.60 -10.91 15.68
N ARG A 56 -3.01 -9.78 15.11
CA ARG A 56 -3.36 -8.63 15.91
C ARG A 56 -4.85 -8.33 15.96
N GLY A 57 -5.69 -9.17 15.35
CA GLY A 57 -7.12 -8.94 15.31
C GLY A 57 -7.94 -10.22 15.38
N VAL A 58 -9.13 -10.17 14.79
CA VAL A 58 -10.12 -11.24 14.84
C VAL A 58 -10.17 -11.94 13.47
N LYS A 59 -10.13 -13.28 13.47
CA LYS A 59 -10.42 -14.07 12.28
C LYS A 59 -11.41 -15.17 12.63
N VAL A 60 -12.54 -15.22 11.90
CA VAL A 60 -13.48 -16.31 12.07
C VAL A 60 -12.97 -17.52 11.31
N ASP A 61 -13.31 -18.71 11.82
CA ASP A 61 -13.04 -19.95 11.07
C ASP A 61 -13.42 -19.78 9.61
N TYR A 62 -14.66 -19.31 9.37
CA TYR A 62 -15.14 -18.97 8.04
C TYR A 62 -16.45 -18.21 8.21
N LEU A 63 -16.88 -17.60 7.12
CA LEU A 63 -18.16 -16.90 7.03
C LEU A 63 -19.04 -17.70 6.06
N THR A 64 -20.20 -18.13 6.52
CA THR A 64 -21.11 -18.88 5.66
C THR A 64 -21.99 -17.90 4.88
N PRO A 65 -21.98 -17.93 3.54
CA PRO A 65 -22.81 -16.98 2.78
C PRO A 65 -24.30 -17.35 2.88
N ASP A 66 -25.15 -16.42 2.43
CA ASP A 66 -26.54 -16.76 2.14
C ASP A 66 -26.61 -17.60 0.86
N PHE A 67 -27.70 -18.38 0.74
CA PHE A 67 -28.11 -18.93 -0.55
C PHE A 67 -28.93 -17.87 -1.27
N PRO A 68 -28.68 -17.67 -2.58
CA PRO A 68 -27.63 -18.34 -3.34
C PRO A 68 -26.28 -17.67 -3.08
N SER A 69 -25.20 -18.42 -3.20
CA SER A 69 -23.86 -17.89 -2.91
C SER A 69 -23.34 -17.10 -4.11
N LEU A 70 -24.15 -16.14 -4.54
CA LEU A 70 -23.86 -15.22 -5.64
C LEU A 70 -23.61 -13.82 -5.07
N SER A 71 -23.07 -12.95 -5.92
CA SER A 71 -22.58 -11.65 -5.48
C SER A 71 -23.67 -10.69 -5.02
N TYR A 72 -24.54 -10.25 -5.92
CA TYR A 72 -25.52 -9.23 -5.51
C TYR A 72 -26.40 -9.70 -4.35
N PRO A 73 -26.91 -10.93 -4.32
CA PRO A 73 -27.64 -11.36 -3.11
C PRO A 73 -26.82 -11.18 -1.85
N ASN A 74 -25.57 -11.65 -1.86
CA ASN A 74 -24.79 -11.62 -0.62
C ASN A 74 -24.26 -10.24 -0.27
N TYR A 75 -24.02 -9.37 -1.26
CA TYR A 75 -23.70 -7.97 -0.92
C TYR A 75 -24.76 -7.39 0.01
N TYR A 76 -26.02 -7.61 -0.35
CA TYR A 76 -27.12 -7.03 0.41
C TYR A 76 -27.33 -7.76 1.72
N THR A 77 -27.11 -9.07 1.76
CA THR A 77 -27.12 -9.78 3.03
C THR A 77 -26.12 -9.14 3.98
N LEU A 78 -24.89 -8.95 3.51
CA LEU A 78 -23.84 -8.41 4.35
C LEU A 78 -24.23 -7.04 4.92
N MET A 79 -24.83 -6.19 4.08
CA MET A 79 -25.13 -4.81 4.48
C MET A 79 -26.54 -4.60 5.02
N THR A 80 -27.35 -5.65 5.18
CA THR A 80 -28.64 -5.56 5.85
C THR A 80 -28.80 -6.48 7.05
N GLY A 81 -27.94 -7.48 7.21
CA GLY A 81 -28.15 -8.50 8.22
C GLY A 81 -29.36 -9.37 8.00
N ARG A 82 -29.92 -9.37 6.80
CA ARG A 82 -31.18 -10.05 6.51
C ARG A 82 -30.96 -11.09 5.42
N HIS A 83 -31.70 -12.19 5.50
CA HIS A 83 -31.63 -13.21 4.47
C HIS A 83 -32.24 -12.70 3.17
N CYS A 84 -31.93 -13.39 2.06
CA CYS A 84 -32.31 -12.85 0.74
C CYS A 84 -33.82 -12.82 0.57
N GLU A 85 -34.53 -13.75 1.21
CA GLU A 85 -35.98 -13.72 1.07
C GLU A 85 -36.59 -12.49 1.74
N VAL A 86 -35.83 -11.81 2.59
CA VAL A 86 -36.28 -10.57 3.24
C VAL A 86 -35.81 -9.33 2.47
N HIS A 87 -34.51 -9.22 2.18
CA HIS A 87 -34.09 -7.99 1.52
C HIS A 87 -34.44 -7.99 0.03
N GLN A 88 -34.90 -9.12 -0.52
CA GLN A 88 -35.52 -9.34 -1.83
C GLN A 88 -34.50 -9.46 -2.96
N MET A 89 -33.20 -9.22 -2.73
CA MET A 89 -32.22 -9.34 -3.81
C MET A 89 -31.78 -10.80 -3.92
N ILE A 90 -32.58 -11.59 -4.64
CA ILE A 90 -32.46 -13.05 -4.59
C ILE A 90 -31.60 -13.60 -5.72
N GLY A 91 -31.24 -12.78 -6.72
CA GLY A 91 -30.39 -13.25 -7.80
C GLY A 91 -29.49 -12.14 -8.30
N ASN A 92 -28.42 -12.55 -9.01
CA ASN A 92 -27.69 -11.63 -9.87
C ASN A 92 -28.57 -11.16 -11.02
N TYR A 93 -29.40 -12.05 -11.54
CA TYR A 93 -30.34 -11.76 -12.58
C TYR A 93 -31.74 -11.99 -12.02
N MET A 94 -32.62 -10.99 -12.17
CA MET A 94 -33.97 -11.05 -11.67
C MET A 94 -34.96 -10.48 -12.68
N TRP A 95 -36.20 -10.97 -12.62
CA TRP A 95 -37.26 -10.51 -13.51
C TRP A 95 -38.55 -10.30 -12.73
N ASP A 96 -39.22 -9.21 -13.03
CA ASP A 96 -40.50 -8.86 -12.40
C ASP A 96 -41.62 -9.05 -13.42
N PRO A 97 -42.47 -10.06 -13.28
CA PRO A 97 -43.55 -10.24 -14.27
C PRO A 97 -44.52 -9.08 -14.31
N ARG A 98 -44.71 -8.36 -13.21
CA ARG A 98 -45.70 -7.29 -13.17
C ARG A 98 -45.33 -6.17 -14.14
N THR A 99 -44.10 -5.66 -14.04
CA THR A 99 -43.62 -4.55 -14.86
C THR A 99 -42.79 -5.00 -16.05
N ASN A 100 -42.45 -6.29 -16.15
CA ASN A 100 -41.65 -6.82 -17.25
C ASN A 100 -40.27 -6.14 -17.30
N LYS A 101 -39.73 -5.82 -16.13
CA LYS A 101 -38.40 -5.25 -16.03
C LYS A 101 -37.43 -6.28 -15.47
N SER A 102 -36.14 -6.13 -15.78
CA SER A 102 -35.11 -7.06 -15.34
C SER A 102 -34.03 -6.31 -14.59
N PHE A 103 -33.42 -7.00 -13.66
CA PHE A 103 -32.14 -6.63 -13.06
C PHE A 103 -31.12 -7.61 -13.64
N ASP A 104 -30.31 -7.17 -14.60
CA ASP A 104 -29.33 -8.06 -15.24
C ASP A 104 -27.94 -7.72 -14.70
N ILE A 105 -27.64 -8.30 -13.53
CA ILE A 105 -26.36 -8.21 -12.82
C ILE A 105 -25.83 -6.77 -12.78
N GLY A 106 -26.75 -5.82 -12.61
CA GLY A 106 -26.36 -4.43 -12.45
C GLY A 106 -25.95 -3.70 -13.71
N VAL A 107 -26.09 -4.30 -14.89
CA VAL A 107 -25.56 -3.71 -16.11
C VAL A 107 -26.62 -2.90 -16.86
N ASN A 108 -27.80 -3.47 -17.09
CA ASN A 108 -28.82 -2.72 -17.80
C ASN A 108 -29.27 -1.53 -16.95
N ARG A 109 -29.88 -0.55 -17.64
CA ARG A 109 -30.28 0.67 -16.95
C ARG A 109 -31.32 0.38 -15.89
N ASP A 110 -32.22 -0.57 -16.17
CA ASP A 110 -33.30 -0.87 -15.24
C ASP A 110 -32.79 -1.49 -13.94
N SER A 111 -31.50 -1.86 -13.88
CA SER A 111 -30.88 -2.25 -12.61
C SER A 111 -30.85 -1.12 -11.60
N LEU A 112 -30.91 0.13 -12.05
CA LEU A 112 -30.94 1.27 -11.16
C LEU A 112 -32.30 1.53 -10.55
N MET A 113 -33.34 0.80 -10.94
CA MET A 113 -34.68 1.04 -10.42
C MET A 113 -34.71 0.75 -8.93
N PRO A 114 -35.25 1.64 -8.10
CA PRO A 114 -35.43 1.31 -6.68
C PRO A 114 -36.24 0.04 -6.46
N LEU A 115 -37.02 -0.40 -7.45
CA LEU A 115 -37.78 -1.63 -7.34
C LEU A 115 -36.94 -2.78 -6.80
N TRP A 116 -35.68 -2.89 -7.24
CA TRP A 116 -34.82 -4.01 -6.85
C TRP A 116 -34.13 -3.82 -5.51
N TRP A 117 -34.06 -2.59 -4.99
CA TRP A 117 -33.22 -2.28 -3.83
C TRP A 117 -34.00 -1.92 -2.57
N ASN A 118 -35.30 -1.63 -2.67
CA ASN A 118 -36.06 -1.06 -1.56
C ASN A 118 -36.70 -2.12 -0.66
N GLY A 119 -36.33 -3.39 -0.82
CA GLY A 119 -36.84 -4.43 0.05
C GLY A 119 -36.24 -4.47 1.44
N SER A 120 -35.12 -3.76 1.65
CA SER A 120 -34.55 -3.57 2.98
C SER A 120 -33.54 -2.44 2.91
N GLU A 121 -33.41 -1.71 4.02
CA GLU A 121 -32.52 -0.58 4.10
C GLU A 121 -31.11 -1.05 4.45
N PRO A 122 -30.13 -0.83 3.59
CA PRO A 122 -28.76 -1.24 3.91
C PRO A 122 -28.07 -0.21 4.80
N LEU A 123 -26.94 -0.65 5.38
CA LEU A 123 -26.31 0.11 6.46
C LEU A 123 -25.90 1.50 6.02
N TRP A 124 -25.42 1.66 4.78
CA TRP A 124 -24.95 2.99 4.40
C TRP A 124 -26.10 3.98 4.31
N ILE A 125 -27.29 3.52 3.93
CA ILE A 125 -28.46 4.39 3.86
C ILE A 125 -28.87 4.81 5.26
N THR A 126 -28.99 3.85 6.18
CA THR A 126 -29.25 4.16 7.58
C THR A 126 -28.23 5.17 8.14
N LEU A 127 -26.96 5.04 7.75
CA LEU A 127 -25.96 6.00 8.21
C LEU A 127 -26.25 7.40 7.67
N MET A 128 -26.44 7.51 6.35
CA MET A 128 -26.83 8.79 5.75
C MET A 128 -28.04 9.38 6.45
N LYS A 129 -29.06 8.56 6.72
CA LYS A 129 -30.28 9.11 7.32
C LYS A 129 -30.04 9.61 8.74
N ALA A 130 -29.06 9.05 9.44
CA ALA A 130 -28.66 9.57 10.74
C ALA A 130 -27.67 10.73 10.63
N ARG A 131 -27.46 11.24 9.41
CA ARG A 131 -26.56 12.35 9.14
C ARG A 131 -25.10 12.03 9.45
N ARG A 132 -24.71 10.77 9.36
CA ARG A 132 -23.30 10.42 9.22
C ARG A 132 -22.93 10.44 7.74
N LYS A 133 -21.64 10.30 7.46
CA LYS A 133 -21.09 10.47 6.13
C LYS A 133 -20.52 9.15 5.62
N VAL A 134 -20.82 8.79 4.36
CA VAL A 134 -20.42 7.48 3.83
C VAL A 134 -19.73 7.67 2.47
N TYR A 135 -18.49 7.17 2.38
CA TYR A 135 -17.72 7.10 1.13
C TYR A 135 -17.64 5.66 0.65
N MET A 136 -18.02 5.42 -0.60
CA MET A 136 -18.02 4.07 -1.15
C MET A 136 -17.23 4.03 -2.45
N TYR A 137 -16.34 3.05 -2.57
CA TYR A 137 -15.38 2.93 -3.65
C TYR A 137 -15.70 1.63 -4.42
N TYR A 138 -16.25 1.77 -5.62
CA TYR A 138 -16.57 0.67 -6.52
C TYR A 138 -17.65 -0.25 -5.95
N TRP A 139 -18.35 0.18 -4.91
CA TRP A 139 -19.25 -0.72 -4.20
C TRP A 139 -20.56 -0.90 -4.95
N PRO A 140 -20.86 -2.11 -5.43
CA PRO A 140 -22.10 -2.30 -6.22
C PRO A 140 -23.31 -1.93 -5.39
N GLY A 141 -24.06 -0.96 -5.88
CA GLY A 141 -25.19 -0.39 -5.18
C GLY A 141 -24.99 1.02 -4.71
N CYS A 142 -23.75 1.49 -4.59
CA CYS A 142 -23.56 2.87 -4.15
C CYS A 142 -24.09 3.86 -5.15
N GLU A 143 -24.24 3.44 -6.41
CA GLU A 143 -24.71 4.27 -7.51
C GLU A 143 -26.24 4.38 -7.57
N VAL A 144 -26.97 3.74 -6.67
CA VAL A 144 -28.43 3.70 -6.70
C VAL A 144 -28.99 4.65 -5.65
N GLU A 145 -30.10 5.32 -5.98
CA GLU A 145 -30.91 5.99 -4.98
C GLU A 145 -31.77 4.93 -4.31
N ILE A 146 -31.45 4.61 -3.06
CA ILE A 146 -32.13 3.54 -2.33
C ILE A 146 -32.99 4.16 -1.24
N LEU A 147 -34.29 3.89 -1.30
CA LEU A 147 -35.24 4.47 -0.35
C LEU A 147 -35.09 5.99 -0.27
N GLY A 148 -34.84 6.61 -1.42
CA GLY A 148 -34.76 8.05 -1.52
C GLY A 148 -33.43 8.66 -1.13
N VAL A 149 -32.41 7.83 -0.87
CA VAL A 149 -31.15 8.29 -0.27
C VAL A 149 -29.98 7.75 -1.08
N ARG A 150 -28.85 8.47 -1.04
CA ARG A 150 -27.61 8.08 -1.67
C ARG A 150 -26.43 8.35 -0.70
N PRO A 151 -25.35 7.60 -0.84
CA PRO A 151 -24.17 7.90 0.00
C PRO A 151 -23.52 9.22 -0.37
N THR A 152 -22.76 9.77 0.59
CA THR A 152 -22.02 11.00 0.38
C THR A 152 -21.18 10.96 -0.88
N TYR A 153 -20.46 9.86 -1.08
CA TYR A 153 -19.56 9.71 -2.20
C TYR A 153 -19.67 8.28 -2.71
N CYS A 154 -19.83 8.14 -4.03
CA CYS A 154 -19.79 6.83 -4.67
C CYS A 154 -18.87 6.92 -5.90
N LEU A 155 -17.72 6.26 -5.82
CA LEU A 155 -16.90 5.98 -7.00
C LEU A 155 -17.49 4.75 -7.68
N GLU A 156 -18.31 4.96 -8.71
CA GLU A 156 -19.15 3.89 -9.26
C GLU A 156 -18.32 2.77 -9.87
N TYR A 157 -18.76 1.52 -9.63
CA TYR A 157 -18.19 0.39 -10.36
C TYR A 157 -18.50 0.51 -11.85
N LYS A 158 -17.47 0.45 -12.68
CA LYS A 158 -17.65 0.41 -14.12
C LYS A 158 -17.01 -0.84 -14.74
N THR A 159 -15.70 -1.02 -14.57
CA THR A 159 -15.01 -2.24 -14.98
C THR A 159 -14.33 -2.86 -13.77
N VAL A 160 -13.70 -4.02 -13.96
CA VAL A 160 -13.01 -4.68 -12.86
C VAL A 160 -11.91 -3.77 -12.33
N PRO A 161 -11.99 -3.32 -11.08
CA PRO A 161 -10.90 -2.49 -10.54
C PRO A 161 -9.57 -3.24 -10.54
N THR A 162 -8.50 -2.51 -10.85
CA THR A 162 -7.15 -3.04 -10.84
C THR A 162 -6.58 -3.09 -9.43
N ASP A 163 -5.44 -3.76 -9.27
CA ASP A 163 -4.75 -3.75 -7.99
C ASP A 163 -4.34 -2.33 -7.58
N ILE A 164 -4.00 -1.49 -8.56
CA ILE A 164 -3.64 -0.11 -8.27
C ILE A 164 -4.88 0.68 -7.87
N ASN A 165 -6.01 0.49 -8.57
CA ASN A 165 -7.27 1.09 -8.14
C ASN A 165 -7.52 0.78 -6.67
N PHE A 166 -7.34 -0.49 -6.30
CA PHE A 166 -7.60 -0.92 -4.93
C PHE A 166 -6.70 -0.17 -3.95
N ALA A 167 -5.40 -0.15 -4.22
CA ALA A 167 -4.46 0.53 -3.33
C ALA A 167 -4.78 2.02 -3.21
N ASN A 168 -5.10 2.68 -4.33
CA ASN A 168 -5.45 4.09 -4.26
C ASN A 168 -6.75 4.30 -3.49
N ALA A 169 -7.71 3.37 -3.64
CA ALA A 169 -8.97 3.52 -2.93
C ALA A 169 -8.78 3.35 -1.43
N VAL A 170 -7.88 2.46 -1.01
CA VAL A 170 -7.58 2.32 0.42
C VAL A 170 -6.96 3.61 0.95
N SER A 171 -5.93 4.13 0.27
CA SER A 171 -5.29 5.36 0.74
C SER A 171 -6.27 6.51 0.78
N ASP A 172 -7.11 6.65 -0.25
CA ASP A 172 -8.07 7.75 -0.28
C ASP A 172 -9.13 7.57 0.81
N ALA A 173 -9.55 6.34 1.07
CA ALA A 173 -10.52 6.07 2.13
C ALA A 173 -9.96 6.45 3.49
N LEU A 174 -8.69 6.11 3.74
CA LEU A 174 -8.05 6.50 5.00
C LEU A 174 -8.04 8.01 5.15
N ASP A 175 -7.74 8.75 4.07
CA ASP A 175 -7.73 10.21 4.14
C ASP A 175 -9.13 10.76 4.38
N SER A 176 -10.14 10.20 3.71
CA SER A 176 -11.49 10.72 3.90
C SER A 176 -12.01 10.41 5.30
N LEU A 177 -11.58 9.29 5.90
CA LEU A 177 -11.99 8.99 7.26
C LEU A 177 -11.27 9.89 8.25
N LYS A 178 -9.96 10.09 8.06
CA LYS A 178 -9.17 10.89 8.99
C LYS A 178 -9.64 12.34 9.01
N SER A 179 -10.00 12.88 7.85
CA SER A 179 -10.45 14.26 7.75
C SER A 179 -11.90 14.45 8.20
N GLY A 180 -12.66 13.37 8.46
CA GLY A 180 -14.04 13.51 8.83
C GLY A 180 -15.01 13.67 7.67
N ARG A 181 -14.51 13.74 6.44
CA ARG A 181 -15.39 13.69 5.28
C ARG A 181 -16.19 12.40 5.24
N ALA A 182 -15.66 11.31 5.81
CA ALA A 182 -16.36 10.03 5.89
C ALA A 182 -16.32 9.49 7.32
N ASP A 183 -17.45 8.91 7.76
CA ASP A 183 -17.47 8.12 8.98
C ASP A 183 -17.41 6.64 8.70
N LEU A 184 -17.97 6.20 7.58
CA LEU A 184 -17.77 4.85 7.06
C LEU A 184 -17.21 4.98 5.65
N ALA A 185 -16.13 4.26 5.36
CA ALA A 185 -15.64 4.08 4.01
C ALA A 185 -15.71 2.60 3.65
N ALA A 186 -16.22 2.30 2.46
CA ALA A 186 -16.44 0.93 2.02
C ALA A 186 -15.82 0.73 0.65
N ILE A 187 -14.98 -0.30 0.52
CA ILE A 187 -14.23 -0.57 -0.71
C ILE A 187 -14.57 -1.98 -1.19
N TYR A 188 -14.84 -2.12 -2.48
CA TYR A 188 -15.08 -3.39 -3.12
C TYR A 188 -13.92 -3.73 -4.06
N HIS A 189 -13.46 -4.98 -3.99
CA HIS A 189 -12.36 -5.49 -4.81
C HIS A 189 -12.81 -6.80 -5.44
N GLU A 190 -12.72 -6.90 -6.77
CA GLU A 190 -13.25 -8.05 -7.50
C GLU A 190 -12.22 -9.05 -7.98
N ARG A 191 -10.93 -8.67 -8.08
CA ARG A 191 -10.05 -9.43 -8.96
C ARG A 191 -9.76 -10.84 -8.45
N ILE A 192 -9.84 -11.09 -7.13
CA ILE A 192 -9.65 -12.47 -6.67
C ILE A 192 -10.76 -13.38 -7.19
N ASP A 193 -11.99 -12.85 -7.24
CA ASP A 193 -13.09 -13.57 -7.87
C ASP A 193 -12.82 -13.81 -9.36
N VAL A 194 -12.37 -12.78 -10.07
CA VAL A 194 -12.12 -12.91 -11.52
C VAL A 194 -11.13 -14.03 -11.79
N GLU A 195 -9.98 -14.02 -11.12
CA GLU A 195 -8.97 -15.03 -11.39
C GLU A 195 -9.40 -16.41 -10.91
N GLY A 196 -10.16 -16.48 -9.81
CA GLY A 196 -10.74 -17.77 -9.45
C GLY A 196 -11.65 -18.32 -10.53
N HIS A 197 -12.49 -17.46 -11.13
CA HIS A 197 -13.31 -17.88 -12.24
C HIS A 197 -12.45 -18.32 -13.43
N HIS A 198 -11.51 -17.47 -13.83
CA HIS A 198 -10.86 -17.68 -15.12
C HIS A 198 -9.87 -18.84 -15.10
N TYR A 199 -9.29 -19.13 -13.94
CA TYR A 199 -8.25 -20.15 -13.85
C TYR A 199 -8.51 -21.16 -12.74
N GLY A 200 -9.56 -20.99 -11.94
CA GLY A 200 -9.88 -21.95 -10.91
C GLY A 200 -9.36 -21.52 -9.56
N PRO A 201 -10.00 -21.97 -8.49
CA PRO A 201 -9.66 -21.49 -7.15
C PRO A 201 -8.27 -21.87 -6.69
N SER A 202 -7.66 -22.92 -7.23
CA SER A 202 -6.34 -23.34 -6.76
C SER A 202 -5.22 -22.97 -7.72
N SER A 203 -5.49 -22.11 -8.72
CA SER A 203 -4.54 -21.74 -9.76
C SER A 203 -3.50 -20.75 -9.28
N PRO A 204 -2.34 -20.66 -9.95
CA PRO A 204 -1.38 -19.60 -9.60
C PRO A 204 -1.89 -18.21 -9.90
N GLN A 205 -2.80 -18.05 -10.86
CA GLN A 205 -3.35 -16.72 -11.15
C GLN A 205 -4.23 -16.21 -9.99
N ARG A 206 -5.06 -17.07 -9.42
CA ARG A 206 -5.82 -16.67 -8.23
C ARG A 206 -4.88 -16.33 -7.08
N LYS A 207 -3.88 -17.18 -6.84
CA LYS A 207 -2.90 -16.92 -5.79
C LYS A 207 -2.17 -15.59 -6.03
N ASP A 208 -1.84 -15.29 -7.29
CA ASP A 208 -1.18 -14.02 -7.56
C ASP A 208 -2.08 -12.84 -7.21
N ALA A 209 -3.36 -12.90 -7.61
CA ALA A 209 -4.29 -11.83 -7.26
C ALA A 209 -4.45 -11.67 -5.76
N LEU A 210 -4.41 -12.79 -5.02
CA LEU A 210 -4.46 -12.73 -3.56
C LEU A 210 -3.21 -12.08 -2.99
N ARG A 211 -2.05 -12.38 -3.57
CA ARG A 211 -0.80 -11.82 -3.05
C ARG A 211 -0.78 -10.31 -3.22
N ALA A 212 -1.29 -9.82 -4.34
CA ALA A 212 -1.38 -8.38 -4.54
C ALA A 212 -2.28 -7.73 -3.50
N VAL A 213 -3.37 -8.41 -3.10
CA VAL A 213 -4.21 -7.87 -2.04
C VAL A 213 -3.45 -7.86 -0.71
N ASP A 214 -2.78 -8.98 -0.39
CA ASP A 214 -1.98 -9.05 0.82
C ASP A 214 -1.01 -7.88 0.90
N THR A 215 -0.34 -7.57 -0.20
CA THR A 215 0.62 -6.47 -0.18
C THR A 215 -0.05 -5.13 0.11
N VAL A 216 -1.20 -4.86 -0.51
CA VAL A 216 -1.92 -3.61 -0.25
C VAL A 216 -2.33 -3.53 1.20
N LEU A 217 -2.65 -4.69 1.81
CA LEU A 217 -2.99 -4.72 3.23
C LEU A 217 -1.78 -4.40 4.11
N LYS A 218 -0.58 -4.78 3.70
CA LYS A 218 0.62 -4.36 4.41
C LYS A 218 0.77 -2.84 4.37
N TYR A 219 0.61 -2.25 3.18
CA TYR A 219 0.62 -0.80 3.07
C TYR A 219 -0.49 -0.17 3.89
N MET A 220 -1.68 -0.80 3.90
CA MET A 220 -2.77 -0.27 4.70
C MET A 220 -2.39 -0.18 6.18
N ILE A 221 -1.82 -1.26 6.72
CA ILE A 221 -1.34 -1.24 8.11
C ILE A 221 -0.32 -0.12 8.30
N GLN A 222 0.61 0.02 7.36
CA GLN A 222 1.62 1.06 7.46
C GLN A 222 0.99 2.46 7.36
N TRP A 223 0.01 2.62 6.46
CA TRP A 223 -0.60 3.92 6.26
C TRP A 223 -1.42 4.34 7.48
N ILE A 224 -2.11 3.38 8.10
CA ILE A 224 -2.84 3.70 9.33
C ILE A 224 -1.88 4.18 10.39
N GLN A 225 -0.66 3.64 10.43
CA GLN A 225 0.35 4.12 11.38
C GLN A 225 0.91 5.47 10.96
N ASP A 226 1.29 5.61 9.69
CA ASP A 226 1.74 6.90 9.17
C ASP A 226 0.80 8.03 9.55
N ARG A 227 -0.52 7.79 9.50
CA ARG A 227 -1.51 8.85 9.62
C ARG A 227 -2.10 8.98 11.02
N GLY A 228 -1.67 8.16 11.96
CA GLY A 228 -2.09 8.31 13.34
C GLY A 228 -3.55 7.94 13.54
N LEU A 229 -4.02 6.92 12.83
CA LEU A 229 -5.41 6.47 12.90
C LEU A 229 -5.61 5.28 13.82
N GLN A 230 -4.53 4.72 14.36
CA GLN A 230 -4.59 3.42 15.04
C GLN A 230 -5.68 3.34 16.11
N GLN A 231 -5.91 4.44 16.82
CA GLN A 231 -6.87 4.46 17.91
C GLN A 231 -8.25 4.95 17.49
N ASP A 232 -8.40 5.40 16.24
CA ASP A 232 -9.66 5.97 15.78
C ASP A 232 -10.35 5.13 14.73
N LEU A 233 -9.86 3.92 14.43
CA LEU A 233 -10.27 3.22 13.23
C LEU A 233 -10.37 1.72 13.49
N ASN A 234 -11.51 1.13 13.13
CA ASN A 234 -11.62 -0.32 12.98
C ASN A 234 -11.63 -0.64 11.49
N VAL A 235 -10.99 -1.75 11.11
CA VAL A 235 -11.07 -2.26 9.75
C VAL A 235 -11.74 -3.64 9.78
N ILE A 236 -12.77 -3.81 8.96
CA ILE A 236 -13.48 -5.08 8.80
C ILE A 236 -13.32 -5.53 7.36
N LEU A 237 -12.86 -6.77 7.16
CA LEU A 237 -12.72 -7.37 5.84
C LEU A 237 -13.61 -8.58 5.77
N PHE A 238 -14.33 -8.74 4.66
CA PHE A 238 -15.12 -9.94 4.47
C PHE A 238 -15.29 -10.21 2.99
N SER A 239 -15.79 -11.41 2.67
CA SER A 239 -16.12 -11.78 1.30
C SER A 239 -17.57 -12.22 1.21
N ASP A 240 -18.09 -12.19 -0.02
CA ASP A 240 -19.49 -12.52 -0.26
C ASP A 240 -19.74 -14.00 -0.44
N HIS A 241 -18.70 -14.79 -0.78
CA HIS A 241 -18.81 -16.23 -1.06
C HIS A 241 -17.40 -16.69 -1.43
N GLY A 242 -17.24 -18.01 -1.53
CA GLY A 242 -16.01 -18.65 -1.99
C GLY A 242 -16.04 -18.97 -3.48
N MET A 243 -15.52 -20.14 -3.83
CA MET A 243 -15.27 -20.52 -5.22
C MET A 243 -14.99 -22.02 -5.27
N THR A 244 -15.44 -22.68 -6.33
CA THR A 244 -15.19 -24.11 -6.47
C THR A 244 -14.91 -24.40 -7.93
N ASP A 245 -14.28 -25.55 -8.18
CA ASP A 245 -13.97 -25.95 -9.54
C ASP A 245 -15.23 -26.27 -10.32
N ILE A 246 -15.24 -25.91 -11.61
CA ILE A 246 -16.25 -26.36 -12.55
C ILE A 246 -15.54 -27.09 -13.69
N PHE A 247 -16.32 -27.86 -14.44
CA PHE A 247 -15.76 -28.86 -15.33
C PHE A 247 -16.48 -28.84 -16.69
N TRP A 248 -16.26 -27.78 -17.46
CA TRP A 248 -16.74 -27.74 -18.85
C TRP A 248 -15.87 -28.69 -19.66
N MET A 249 -16.43 -29.45 -20.61
CA MET A 249 -17.83 -29.40 -20.99
C MET A 249 -18.63 -30.56 -20.39
N ASP A 250 -17.94 -31.53 -19.76
CA ASP A 250 -18.62 -32.71 -19.24
C ASP A 250 -19.78 -32.31 -18.32
N LYS A 251 -19.53 -31.41 -17.38
CA LYS A 251 -20.53 -31.12 -16.35
C LYS A 251 -21.33 -29.87 -16.68
N VAL A 252 -21.93 -29.90 -17.87
CA VAL A 252 -22.83 -28.85 -18.34
C VAL A 252 -24.19 -29.46 -18.60
N ILE A 253 -25.23 -28.82 -18.09
CA ILE A 253 -26.61 -29.23 -18.33
C ILE A 253 -27.20 -28.24 -19.32
N GLU A 254 -27.70 -28.74 -20.47
CA GLU A 254 -28.32 -27.88 -21.47
C GLU A 254 -29.83 -28.04 -21.38
N LEU A 255 -30.51 -26.96 -20.98
CA LEU A 255 -31.96 -27.03 -20.81
C LEU A 255 -32.65 -27.46 -22.11
N SER A 256 -32.15 -27.01 -23.25
CA SER A 256 -32.80 -27.32 -24.52
C SER A 256 -32.70 -28.80 -24.89
N ASN A 257 -31.90 -29.59 -24.18
CA ASN A 257 -31.93 -31.03 -24.35
C ASN A 257 -33.19 -31.66 -23.77
N TYR A 258 -33.98 -30.91 -23.00
CA TYR A 258 -35.08 -31.55 -22.27
C TYR A 258 -36.41 -30.88 -22.54
N ILE A 259 -36.38 -29.57 -22.78
CA ILE A 259 -37.59 -28.79 -22.96
C ILE A 259 -37.38 -27.89 -24.17
N SER A 260 -38.48 -27.32 -24.64
CA SER A 260 -38.43 -26.26 -25.64
C SER A 260 -38.40 -24.92 -24.92
N LEU A 261 -37.38 -24.11 -25.23
CA LEU A 261 -37.28 -22.78 -24.65
C LEU A 261 -38.51 -21.92 -24.98
N ASP A 262 -39.22 -22.24 -26.06
CA ASP A 262 -40.45 -21.53 -26.39
C ASP A 262 -41.54 -21.73 -25.35
N ASP A 263 -41.42 -22.77 -24.52
CA ASP A 263 -42.32 -22.97 -23.39
C ASP A 263 -41.89 -22.20 -22.15
N LEU A 264 -40.95 -21.26 -22.29
CA LEU A 264 -40.47 -20.46 -21.18
C LEU A 264 -40.75 -18.99 -21.47
N GLN A 265 -41.49 -18.35 -20.56
CA GLN A 265 -41.68 -16.92 -20.64
C GLN A 265 -40.37 -16.17 -20.36
N GLN A 266 -39.57 -16.70 -19.45
CA GLN A 266 -38.39 -15.98 -18.98
C GLN A 266 -37.41 -16.98 -18.38
N VAL A 267 -36.12 -16.75 -18.62
CA VAL A 267 -35.03 -17.43 -17.95
C VAL A 267 -34.07 -16.37 -17.44
N LYS A 268 -33.58 -16.52 -16.21
CA LYS A 268 -32.58 -15.61 -15.66
C LYS A 268 -31.40 -16.39 -15.11
N ASP A 269 -30.19 -15.99 -15.53
CA ASP A 269 -28.90 -16.46 -15.08
C ASP A 269 -28.53 -17.80 -15.70
N ARG A 270 -27.24 -18.13 -15.61
CA ARG A 270 -26.65 -19.37 -16.10
C ARG A 270 -25.62 -19.79 -15.07
N GLY A 271 -25.60 -21.08 -14.73
CA GLY A 271 -24.68 -21.57 -13.75
C GLY A 271 -25.38 -22.45 -12.73
N PRO A 272 -25.08 -22.26 -11.45
CA PRO A 272 -25.60 -23.17 -10.43
C PRO A 272 -27.06 -22.91 -10.07
N VAL A 273 -27.55 -21.67 -10.20
CA VAL A 273 -28.91 -21.33 -9.75
C VAL A 273 -29.61 -20.57 -10.87
N VAL A 274 -30.56 -21.23 -11.52
CA VAL A 274 -31.21 -20.66 -12.70
C VAL A 274 -32.71 -20.56 -12.43
N SER A 275 -33.27 -19.40 -12.72
CA SER A 275 -34.68 -19.10 -12.45
C SER A 275 -35.48 -19.28 -13.74
N LEU A 276 -36.57 -20.04 -13.66
CA LEU A 276 -37.44 -20.30 -14.81
C LEU A 276 -38.85 -19.80 -14.57
N TRP A 277 -39.44 -19.22 -15.61
CA TRP A 277 -40.85 -18.83 -15.62
C TRP A 277 -41.52 -19.55 -16.78
N PRO A 278 -42.23 -20.65 -16.54
CA PRO A 278 -42.93 -21.33 -17.64
C PRO A 278 -44.00 -20.42 -18.24
N VAL A 279 -44.33 -20.67 -19.50
CA VAL A 279 -45.45 -19.99 -20.15
C VAL A 279 -46.73 -20.47 -19.47
N PRO A 280 -47.82 -19.69 -19.51
CA PRO A 280 -49.07 -20.14 -18.89
C PRO A 280 -49.51 -21.50 -19.41
N GLY A 281 -49.87 -22.39 -18.47
CA GLY A 281 -50.30 -23.72 -18.80
C GLY A 281 -49.22 -24.77 -18.86
N LYS A 282 -47.94 -24.38 -18.90
CA LYS A 282 -46.87 -25.36 -19.08
C LYS A 282 -46.05 -25.60 -17.82
N HIS A 283 -46.49 -25.06 -16.68
CA HIS A 283 -45.70 -25.16 -15.46
C HIS A 283 -45.45 -26.61 -15.07
N SER A 284 -46.53 -27.39 -14.96
CA SER A 284 -46.41 -28.80 -14.57
C SER A 284 -45.58 -29.58 -15.58
N GLU A 285 -45.80 -29.31 -16.86
CA GLU A 285 -45.07 -30.01 -17.91
C GLU A 285 -43.56 -29.77 -17.78
N ILE A 286 -43.15 -28.50 -17.71
CA ILE A 286 -41.75 -28.16 -17.58
C ILE A 286 -41.16 -28.78 -16.32
N TYR A 287 -41.92 -28.73 -15.22
CA TYR A 287 -41.41 -29.25 -13.95
C TYR A 287 -41.12 -30.75 -14.04
N HIS A 288 -42.08 -31.53 -14.53
CA HIS A 288 -41.88 -32.97 -14.58
C HIS A 288 -40.80 -33.38 -15.56
N LYS A 289 -40.61 -32.63 -16.65
CA LYS A 289 -39.53 -32.95 -17.58
C LYS A 289 -38.15 -32.68 -16.97
N LEU A 290 -38.01 -31.60 -16.18
CA LEU A 290 -36.70 -31.26 -15.64
C LEU A 290 -36.38 -32.02 -14.35
N ARG A 291 -37.39 -32.53 -13.64
CA ARG A 291 -37.16 -33.30 -12.41
C ARG A 291 -36.35 -34.57 -12.66
N THR A 292 -36.38 -35.11 -13.87
CA THR A 292 -35.66 -36.35 -14.16
C THR A 292 -34.17 -36.12 -14.43
N VAL A 293 -33.75 -34.88 -14.61
CA VAL A 293 -32.38 -34.57 -15.01
C VAL A 293 -31.43 -34.77 -13.82
N GLU A 294 -30.39 -35.57 -14.03
CA GLU A 294 -29.45 -35.80 -12.95
C GLU A 294 -28.49 -34.62 -12.83
N HIS A 295 -27.92 -34.48 -11.63
CA HIS A 295 -26.91 -33.51 -11.23
C HIS A 295 -27.46 -32.11 -11.02
N MET A 296 -28.78 -31.96 -11.00
CA MET A 296 -29.41 -30.73 -10.51
C MET A 296 -30.71 -31.10 -9.82
N THR A 297 -31.26 -30.14 -9.06
CA THR A 297 -32.53 -30.27 -8.37
C THR A 297 -33.45 -29.16 -8.82
N VAL A 298 -34.67 -29.51 -9.24
CA VAL A 298 -35.66 -28.55 -9.68
C VAL A 298 -36.64 -28.31 -8.54
N TYR A 299 -36.70 -27.07 -8.06
CA TYR A 299 -37.59 -26.71 -6.95
C TYR A 299 -38.76 -25.87 -7.46
N GLU A 300 -39.97 -26.39 -7.29
CA GLU A 300 -41.11 -25.50 -7.25
C GLU A 300 -40.96 -24.57 -6.05
N LYS A 301 -41.42 -23.34 -6.20
CA LYS A 301 -41.07 -22.30 -5.24
C LYS A 301 -41.53 -22.66 -3.83
N GLU A 302 -42.75 -23.18 -3.70
CA GLU A 302 -43.24 -23.56 -2.39
C GLU A 302 -42.49 -24.75 -1.79
N SER A 303 -41.68 -25.47 -2.58
CA SER A 303 -40.92 -26.62 -2.08
C SER A 303 -39.44 -26.34 -1.90
N ILE A 304 -39.00 -25.10 -2.09
CA ILE A 304 -37.58 -24.79 -1.90
C ILE A 304 -37.20 -25.09 -0.46
N PRO A 305 -36.01 -25.64 -0.19
CA PRO A 305 -35.65 -25.96 1.20
C PRO A 305 -35.67 -24.74 2.10
N ASN A 306 -36.26 -24.91 3.28
CA ASN A 306 -36.44 -23.78 4.19
C ASN A 306 -35.12 -23.21 4.66
N ARG A 307 -34.10 -24.07 4.82
CA ARG A 307 -32.81 -23.60 5.32
C ARG A 307 -32.14 -22.60 4.39
N PHE A 308 -32.58 -22.49 3.12
CA PHE A 308 -32.02 -21.48 2.22
C PHE A 308 -32.49 -20.08 2.57
N TYR A 309 -33.54 -19.93 3.37
CA TYR A 309 -34.16 -18.62 3.65
C TYR A 309 -34.29 -17.80 2.38
N TYR A 310 -34.87 -18.41 1.37
CA TYR A 310 -34.91 -17.88 0.01
C TYR A 310 -36.31 -17.86 -0.58
N LYS A 311 -37.14 -18.86 -0.27
CA LYS A 311 -38.38 -19.09 -1.01
C LYS A 311 -39.41 -17.98 -0.85
N LYS A 312 -39.32 -17.17 0.19
CA LYS A 312 -40.30 -16.10 0.40
C LYS A 312 -39.99 -14.82 -0.37
N GLY A 313 -38.87 -14.76 -1.08
CA GLY A 313 -38.58 -13.59 -1.89
C GLY A 313 -39.58 -13.45 -3.01
N LYS A 314 -40.10 -12.23 -3.20
CA LYS A 314 -41.15 -12.04 -4.18
C LYS A 314 -40.66 -12.27 -5.60
N PHE A 315 -39.38 -12.00 -5.88
CA PHE A 315 -38.89 -12.19 -7.23
C PHE A 315 -38.46 -13.62 -7.53
N VAL A 316 -38.39 -14.49 -6.52
CA VAL A 316 -38.06 -15.90 -6.77
C VAL A 316 -39.03 -16.46 -7.79
N SER A 317 -38.49 -17.21 -8.78
CA SER A 317 -39.26 -17.70 -9.90
C SER A 317 -40.11 -18.91 -9.51
N PRO A 318 -41.11 -19.26 -10.33
CA PRO A 318 -41.91 -20.47 -10.05
C PRO A 318 -41.10 -21.75 -10.00
N LEU A 319 -40.11 -21.92 -10.86
CA LEU A 319 -39.17 -23.02 -10.78
C LEU A 319 -37.78 -22.45 -10.62
N THR A 320 -37.00 -23.05 -9.72
CA THR A 320 -35.60 -22.69 -9.50
C THR A 320 -34.77 -23.94 -9.69
N LEU A 321 -33.74 -23.85 -10.55
CA LEU A 321 -32.82 -24.95 -10.79
C LEU A 321 -31.56 -24.74 -9.98
N VAL A 322 -31.19 -25.74 -9.17
CA VAL A 322 -29.97 -25.69 -8.36
C VAL A 322 -29.07 -26.86 -8.76
N ALA A 323 -27.93 -26.56 -9.38
CA ALA A 323 -27.01 -27.59 -9.83
C ALA A 323 -26.22 -28.14 -8.64
N ASP A 324 -25.86 -29.43 -8.74
CA ASP A 324 -24.88 -30.00 -7.83
C ASP A 324 -23.54 -29.30 -7.99
N GLU A 325 -22.78 -29.27 -6.92
CA GLU A 325 -21.46 -28.64 -6.92
C GLU A 325 -20.62 -29.10 -8.12
N GLY A 326 -20.07 -28.13 -8.85
CA GLY A 326 -19.25 -28.40 -10.01
C GLY A 326 -20.00 -28.45 -11.33
N TRP A 327 -21.32 -28.57 -11.31
CA TRP A 327 -22.11 -28.61 -12.53
C TRP A 327 -22.55 -27.19 -12.90
N PHE A 328 -22.96 -27.03 -14.16
CA PHE A 328 -23.26 -25.71 -14.71
C PHE A 328 -24.45 -25.81 -15.65
N ILE A 329 -25.49 -25.02 -15.39
CA ILE A 329 -26.76 -25.09 -16.13
C ILE A 329 -26.82 -23.92 -17.11
N ALA A 330 -27.16 -24.21 -18.37
CA ALA A 330 -27.42 -23.14 -19.32
C ALA A 330 -28.45 -23.62 -20.34
N GLU A 331 -28.99 -22.67 -21.12
CA GLU A 331 -29.93 -23.02 -22.17
C GLU A 331 -29.28 -23.97 -23.16
N SER A 332 -28.05 -23.68 -23.54
CA SER A 332 -27.30 -24.48 -24.49
C SER A 332 -25.84 -24.14 -24.29
N ARG A 333 -24.99 -25.04 -24.78
CA ARG A 333 -23.54 -24.90 -24.60
C ARG A 333 -23.03 -23.58 -25.17
N GLU A 334 -23.59 -23.12 -26.29
CA GLU A 334 -23.09 -21.90 -26.92
C GLU A 334 -23.53 -20.64 -26.17
N MET A 335 -24.42 -20.76 -25.18
CA MET A 335 -24.78 -19.65 -24.32
C MET A 335 -23.90 -19.56 -23.07
N LEU A 336 -22.92 -20.45 -22.93
CA LEU A 336 -22.03 -20.42 -21.77
C LEU A 336 -21.27 -19.10 -21.70
N PRO A 337 -21.00 -18.60 -20.49
CA PRO A 337 -20.33 -17.28 -20.36
C PRO A 337 -18.83 -17.36 -20.59
N PHE A 338 -18.43 -17.58 -21.84
CA PHE A 338 -17.02 -17.55 -22.18
C PHE A 338 -16.47 -16.14 -21.92
N TRP A 339 -15.19 -16.07 -21.60
CA TRP A 339 -14.58 -14.80 -21.23
C TRP A 339 -13.48 -14.42 -22.23
N MET A 340 -13.07 -13.17 -22.18
CA MET A 340 -12.15 -12.61 -23.17
C MET A 340 -10.71 -12.84 -22.73
N ASN A 341 -10.14 -13.95 -23.16
CA ASN A 341 -8.74 -14.25 -22.93
C ASN A 341 -7.87 -13.95 -24.14
N SER A 342 -8.45 -13.53 -25.26
CA SER A 342 -7.69 -13.34 -26.49
C SER A 342 -8.07 -12.09 -27.27
N THR A 343 -9.06 -11.32 -26.82
CA THR A 343 -9.49 -10.04 -27.40
C THR A 343 -10.00 -10.16 -28.84
N GLY A 344 -9.98 -11.37 -29.41
CA GLY A 344 -10.66 -11.62 -30.67
C GLY A 344 -12.16 -11.76 -30.45
N LYS A 345 -12.59 -12.94 -30.01
CA LYS A 345 -13.92 -13.19 -29.49
C LYS A 345 -13.77 -13.59 -28.02
N ARG A 346 -14.90 -13.88 -27.37
CA ARG A 346 -14.90 -14.49 -26.05
C ARG A 346 -14.82 -16.00 -26.23
N GLU A 347 -13.61 -16.56 -26.09
CA GLU A 347 -13.43 -18.00 -26.21
C GLU A 347 -12.90 -18.67 -24.95
N GLY A 348 -12.61 -17.93 -23.90
CA GLY A 348 -12.07 -18.54 -22.69
C GLY A 348 -13.12 -19.36 -21.93
N TRP A 349 -12.70 -20.52 -21.45
CA TRP A 349 -13.53 -21.36 -20.60
C TRP A 349 -13.40 -20.95 -19.13
N GLN A 350 -14.50 -21.02 -18.40
CA GLN A 350 -14.47 -20.77 -16.96
C GLN A 350 -14.04 -22.02 -16.22
N ARG A 351 -13.13 -21.87 -15.25
CA ARG A 351 -12.64 -23.01 -14.48
C ARG A 351 -13.07 -23.00 -13.01
N GLY A 352 -13.57 -21.87 -12.51
CA GLY A 352 -14.15 -21.81 -11.18
C GLY A 352 -15.49 -21.07 -11.20
N TRP A 353 -16.33 -21.39 -10.23
CA TRP A 353 -17.63 -20.71 -10.14
C TRP A 353 -18.16 -20.84 -8.71
N HIS A 354 -19.31 -20.21 -8.48
CA HIS A 354 -19.93 -20.21 -7.17
C HIS A 354 -21.41 -19.89 -7.36
N GLY A 355 -22.20 -20.08 -6.30
CA GLY A 355 -23.63 -19.93 -6.37
C GLY A 355 -24.39 -21.10 -5.75
N TYR A 356 -23.69 -22.22 -5.62
CA TYR A 356 -24.27 -23.46 -5.11
C TYR A 356 -24.74 -23.30 -3.66
N ASP A 357 -25.42 -24.35 -3.19
CA ASP A 357 -25.77 -24.62 -1.79
C ASP A 357 -24.82 -23.94 -0.82
N ASN A 358 -25.34 -23.03 0.02
CA ASN A 358 -24.46 -22.17 0.79
C ASN A 358 -23.79 -22.90 1.96
N GLU A 359 -24.17 -24.14 2.23
CA GLU A 359 -23.50 -24.94 3.26
C GLU A 359 -22.40 -25.84 2.69
N LEU A 360 -22.04 -25.69 1.41
CA LEU A 360 -20.88 -26.39 0.90
C LEU A 360 -19.59 -25.69 1.34
N MET A 361 -18.59 -26.52 1.64
CA MET A 361 -17.32 -26.01 2.15
C MET A 361 -16.69 -25.00 1.21
N ASP A 362 -16.67 -25.28 -0.09
CA ASP A 362 -16.00 -24.37 -1.02
C ASP A 362 -16.72 -23.03 -1.16
N MET A 363 -17.98 -22.93 -0.75
CA MET A 363 -18.70 -21.66 -0.84
C MET A 363 -18.42 -20.72 0.34
N ARG A 364 -17.71 -21.20 1.37
CA ARG A 364 -17.40 -20.39 2.54
C ARG A 364 -16.56 -19.17 2.16
N GLY A 365 -16.82 -18.05 2.84
CA GLY A 365 -16.02 -16.85 2.74
C GLY A 365 -15.21 -16.58 4.00
N ILE A 366 -14.84 -15.30 4.18
CA ILE A 366 -13.97 -14.89 5.28
C ILE A 366 -14.59 -13.73 6.04
N PHE A 367 -14.20 -13.61 7.31
CA PHE A 367 -14.42 -12.38 8.06
C PHE A 367 -13.20 -12.14 8.93
N LEU A 368 -12.64 -10.95 8.84
CA LEU A 368 -11.59 -10.50 9.74
C LEU A 368 -11.90 -9.09 10.22
N ALA A 369 -11.31 -8.73 11.35
CA ALA A 369 -11.54 -7.41 11.93
C ALA A 369 -10.34 -7.04 12.80
N ILE A 370 -9.99 -5.77 12.82
CA ILE A 370 -8.84 -5.27 13.56
C ILE A 370 -9.07 -3.81 13.90
N GLY A 371 -8.65 -3.41 15.11
CA GLY A 371 -8.91 -2.09 15.61
C GLY A 371 -9.26 -2.11 17.07
N PRO A 372 -9.45 -0.92 17.65
CA PRO A 372 -9.64 -0.82 19.11
C PRO A 372 -10.84 -1.59 19.63
N ASP A 373 -11.86 -1.82 18.81
CA ASP A 373 -13.08 -2.48 19.24
C ASP A 373 -13.03 -4.00 19.15
N PHE A 374 -11.96 -4.55 18.60
CA PHE A 374 -11.85 -5.99 18.40
C PHE A 374 -10.68 -6.56 19.19
N LYS A 375 -10.87 -7.77 19.69
CA LYS A 375 -9.81 -8.50 20.36
C LYS A 375 -8.69 -8.81 19.37
N SER A 376 -7.51 -9.11 19.91
CA SER A 376 -6.34 -9.38 19.08
C SER A 376 -5.93 -10.83 19.23
N ASN A 377 -5.48 -11.42 18.11
CA ASN A 377 -5.05 -12.82 18.08
C ASN A 377 -6.19 -13.75 18.49
N PHE A 378 -7.41 -13.39 18.11
CA PHE A 378 -8.63 -14.05 18.53
C PHE A 378 -9.19 -14.87 17.35
N ARG A 379 -9.23 -16.19 17.52
CA ARG A 379 -9.78 -17.09 16.50
C ARG A 379 -11.26 -17.26 16.79
N ALA A 380 -12.10 -16.56 16.05
CA ALA A 380 -13.52 -16.57 16.34
C ALA A 380 -14.19 -17.78 15.71
N ALA A 381 -15.28 -18.21 16.33
CA ALA A 381 -16.10 -19.27 15.76
C ALA A 381 -16.69 -18.82 14.41
N PRO A 382 -17.04 -19.74 13.53
CA PRO A 382 -17.59 -19.32 12.23
C PRO A 382 -18.92 -18.59 12.41
N ILE A 383 -19.15 -17.61 11.54
CA ILE A 383 -20.38 -16.83 11.57
C ILE A 383 -21.05 -16.89 10.20
N ARG A 384 -22.27 -16.36 10.15
CA ARG A 384 -23.07 -16.32 8.94
C ARG A 384 -23.09 -14.90 8.38
N SER A 385 -23.32 -14.81 7.07
CA SER A 385 -23.36 -13.52 6.40
C SER A 385 -24.30 -12.54 7.10
N VAL A 386 -25.46 -13.02 7.56
CA VAL A 386 -26.42 -12.14 8.23
C VAL A 386 -25.88 -11.57 9.54
N ASP A 387 -24.84 -12.20 10.11
CA ASP A 387 -24.30 -11.78 11.40
C ASP A 387 -23.46 -10.51 11.31
N VAL A 388 -23.00 -10.15 10.12
CA VAL A 388 -21.96 -9.14 10.02
C VAL A 388 -22.53 -7.74 10.26
N TYR A 389 -23.79 -7.52 9.89
CA TYR A 389 -24.41 -6.19 10.03
C TYR A 389 -24.39 -5.69 11.47
N ASN A 390 -24.74 -6.54 12.44
CA ASN A 390 -24.73 -6.13 13.85
C ASN A 390 -23.33 -5.66 14.28
N ILE A 391 -22.29 -6.32 13.80
CA ILE A 391 -20.92 -5.92 14.15
C ILE A 391 -20.63 -4.52 13.61
N MET A 392 -20.90 -4.31 12.31
CA MET A 392 -20.61 -3.01 11.71
C MET A 392 -21.38 -1.89 12.39
N ALA A 393 -22.67 -2.10 12.66
CA ALA A 393 -23.49 -1.07 13.30
C ALA A 393 -22.99 -0.79 14.72
N HIS A 394 -22.53 -1.83 15.40
CA HIS A 394 -22.04 -1.66 16.76
C HIS A 394 -20.79 -0.77 16.79
N VAL A 395 -19.78 -1.09 15.98
CA VAL A 395 -18.56 -0.30 16.04
C VAL A 395 -18.73 1.05 15.38
N ALA A 396 -19.74 1.21 14.52
CA ALA A 396 -20.06 2.50 13.96
C ALA A 396 -20.95 3.33 14.87
N GLY A 397 -21.45 2.75 15.96
CA GLY A 397 -22.28 3.49 16.90
C GLY A 397 -23.65 3.86 16.38
N ILE A 398 -24.23 3.03 15.53
CA ILE A 398 -25.59 3.24 15.03
C ILE A 398 -26.43 2.03 15.44
N THR A 399 -27.66 2.29 15.86
CA THR A 399 -28.56 1.21 16.23
C THR A 399 -28.94 0.39 15.00
N PRO A 400 -28.76 -0.92 15.02
CA PRO A 400 -29.13 -1.72 13.85
C PRO A 400 -30.63 -1.75 13.67
N LEU A 401 -31.08 -1.73 12.42
CA LEU A 401 -32.45 -2.08 12.16
C LEU A 401 -32.62 -3.58 12.43
N PRO A 402 -33.83 -4.01 12.80
CA PRO A 402 -34.05 -5.44 13.08
C PRO A 402 -33.58 -6.30 11.92
N ASN A 403 -32.97 -7.44 12.24
CA ASN A 403 -32.36 -8.27 11.21
C ASN A 403 -32.30 -9.71 11.71
N ASN A 404 -31.67 -10.56 10.90
CA ASN A 404 -31.62 -12.00 11.18
C ASN A 404 -30.27 -12.43 11.74
N GLY A 405 -29.34 -11.50 11.91
CA GLY A 405 -28.06 -11.84 12.51
C GLY A 405 -28.24 -12.27 13.95
N SER A 406 -27.30 -13.08 14.44
CA SER A 406 -27.27 -13.49 15.83
C SER A 406 -26.18 -12.73 16.57
N TRP A 407 -26.58 -11.91 17.55
CA TRP A 407 -25.59 -11.23 18.37
C TRP A 407 -24.74 -12.24 19.15
N SER A 408 -25.36 -13.31 19.64
CA SER A 408 -24.61 -14.26 20.46
C SER A 408 -23.53 -14.99 19.66
N ARG A 409 -23.68 -15.08 18.32
CA ARG A 409 -22.64 -15.70 17.50
C ARG A 409 -21.40 -14.83 17.32
N VAL A 410 -21.52 -13.51 17.55
CA VAL A 410 -20.42 -12.59 17.26
C VAL A 410 -19.91 -11.86 18.49
N VAL A 411 -20.66 -11.81 19.60
CA VAL A 411 -20.37 -10.83 20.67
C VAL A 411 -19.00 -11.06 21.28
N SER A 412 -18.50 -12.30 21.28
CA SER A 412 -17.28 -12.55 22.02
C SER A 412 -16.04 -12.02 21.33
N MET A 413 -16.12 -11.64 20.05
CA MET A 413 -14.93 -11.08 19.37
C MET A 413 -14.67 -9.62 19.73
N LEU A 414 -15.65 -8.94 20.32
CA LEU A 414 -15.58 -7.51 20.60
C LEU A 414 -14.88 -7.26 21.93
N LYS A 415 -14.07 -6.20 21.97
CA LYS A 415 -13.30 -5.87 23.18
C LYS A 415 -14.12 -5.08 24.19
N ARG B 24 38.45 -0.23 -17.24
CA ARG B 24 39.04 1.02 -16.73
C ARG B 24 38.74 1.26 -15.25
N LYS B 25 39.80 1.53 -14.49
CA LYS B 25 39.69 1.63 -13.04
C LYS B 25 39.02 2.94 -12.65
N LEU B 26 38.43 2.94 -11.46
CA LEU B 26 37.67 4.08 -10.96
C LEU B 26 38.05 4.36 -9.51
N LEU B 27 38.44 5.59 -9.22
CA LEU B 27 38.66 6.08 -7.88
C LEU B 27 37.57 7.11 -7.55
N VAL B 28 36.88 6.90 -6.43
CA VAL B 28 35.78 7.77 -6.02
C VAL B 28 36.13 8.40 -4.68
N LEU B 29 36.01 9.72 -4.60
CA LEU B 29 36.29 10.50 -3.40
C LEU B 29 35.02 11.21 -2.96
N LEU B 30 34.52 10.86 -1.78
CA LEU B 30 33.39 11.56 -1.18
C LEU B 30 33.96 12.56 -0.17
N LEU B 31 33.82 13.85 -0.46
CA LEU B 31 34.29 14.91 0.44
C LEU B 31 33.07 15.43 1.21
N ASP B 32 32.87 14.94 2.42
CA ASP B 32 31.68 15.29 3.17
C ASP B 32 31.54 16.80 3.35
N GLY B 33 30.31 17.29 3.22
CA GLY B 33 30.01 18.68 3.54
C GLY B 33 30.69 19.72 2.67
N PHE B 34 31.12 19.34 1.47
CA PHE B 34 31.81 20.24 0.56
C PHE B 34 30.76 21.04 -0.22
N ARG B 35 30.54 22.29 0.18
CA ARG B 35 29.54 23.14 -0.49
C ARG B 35 30.00 23.58 -1.87
N SER B 36 29.02 23.78 -2.78
CA SER B 36 29.30 24.11 -4.17
C SER B 36 30.25 25.30 -4.31
N ASP B 37 29.95 26.41 -3.62
CA ASP B 37 30.75 27.62 -3.80
C ASP B 37 32.10 27.56 -3.09
N TYR B 38 32.43 26.45 -2.40
CA TYR B 38 33.80 26.31 -1.92
C TYR B 38 34.81 26.30 -3.06
N ILE B 39 34.37 25.94 -4.28
CA ILE B 39 35.24 26.03 -5.45
C ILE B 39 34.63 26.98 -6.46
N SER B 40 34.17 28.13 -5.98
CA SER B 40 33.80 29.22 -6.87
C SER B 40 35.05 29.69 -7.62
N GLU B 41 34.82 30.51 -8.65
CA GLU B 41 35.93 31.07 -9.41
C GLU B 41 36.92 31.80 -8.50
N ASP B 42 36.40 32.66 -7.61
CA ASP B 42 37.28 33.35 -6.67
C ASP B 42 38.09 32.36 -5.83
N ALA B 43 37.43 31.32 -5.33
CA ALA B 43 38.13 30.35 -4.50
C ALA B 43 39.17 29.57 -5.29
N LEU B 44 38.84 29.15 -6.51
CA LEU B 44 39.79 28.38 -7.30
C LEU B 44 41.09 29.13 -7.57
N ALA B 45 41.09 30.46 -7.39
CA ALA B 45 42.32 31.22 -7.60
C ALA B 45 43.44 30.77 -6.67
N SER B 46 43.11 30.29 -5.48
CA SER B 46 44.12 29.80 -4.54
C SER B 46 44.01 28.31 -4.29
N LEU B 47 43.34 27.56 -5.17
CA LEU B 47 43.14 26.12 -5.02
C LEU B 47 43.76 25.40 -6.22
N PRO B 48 45.08 25.25 -6.26
CA PRO B 48 45.71 24.71 -7.47
C PRO B 48 45.37 23.25 -7.76
N GLY B 49 45.07 22.45 -6.74
CA GLY B 49 44.67 21.07 -7.00
C GLY B 49 43.34 21.01 -7.73
N PHE B 50 42.33 21.69 -7.18
CA PHE B 50 41.01 21.67 -7.79
C PHE B 50 41.01 22.38 -9.13
N ARG B 51 41.77 23.47 -9.24
CA ARG B 51 41.82 24.21 -10.50
C ARG B 51 42.36 23.35 -11.63
N GLU B 52 43.33 22.49 -11.33
CA GLU B 52 43.82 21.60 -12.38
C GLU B 52 42.77 20.58 -12.77
N ILE B 53 42.03 20.03 -11.80
CA ILE B 53 40.97 19.09 -12.14
C ILE B 53 39.92 19.80 -12.99
N VAL B 54 39.57 21.03 -12.64
CA VAL B 54 38.58 21.77 -13.43
C VAL B 54 39.13 22.06 -14.82
N ASN B 55 40.39 22.48 -14.91
CA ASN B 55 40.98 22.80 -16.21
C ASN B 55 41.09 21.57 -17.11
N ARG B 56 41.29 20.39 -16.54
CA ARG B 56 41.51 19.20 -17.36
C ARG B 56 40.40 18.17 -17.25
N GLY B 57 39.29 18.50 -16.57
CA GLY B 57 38.18 17.58 -16.43
C GLY B 57 36.82 18.27 -16.43
N VAL B 58 35.86 17.64 -15.75
CA VAL B 58 34.47 18.07 -15.69
C VAL B 58 34.20 18.67 -14.31
N LYS B 59 33.55 19.83 -14.28
CA LYS B 59 32.95 20.39 -13.07
C LYS B 59 31.52 20.82 -13.38
N VAL B 60 30.56 20.25 -12.63
CA VAL B 60 29.17 20.69 -12.73
C VAL B 60 29.03 22.01 -11.99
N ASP B 61 28.09 22.85 -12.44
CA ASP B 61 27.75 24.07 -11.69
C ASP B 61 27.59 23.75 -10.21
N TYR B 62 26.82 22.71 -9.90
CA TYR B 62 26.67 22.23 -8.54
C TYR B 62 25.94 20.90 -8.60
N LEU B 63 25.96 20.19 -7.47
CA LEU B 63 25.26 18.92 -7.32
C LEU B 63 24.17 19.15 -6.28
N THR B 64 22.92 18.93 -6.66
CA THR B 64 21.81 19.11 -5.73
C THR B 64 21.58 17.83 -4.93
N PRO B 65 21.68 17.85 -3.61
CA PRO B 65 21.50 16.63 -2.82
C PRO B 65 20.04 16.18 -2.79
N ASP B 66 19.82 14.96 -2.30
CA ASP B 66 18.49 14.54 -1.92
C ASP B 66 18.05 15.26 -0.65
N PHE B 67 16.73 15.38 -0.47
CA PHE B 67 16.15 15.67 0.86
C PHE B 67 16.03 14.36 1.64
N PRO B 68 16.43 14.36 2.93
CA PRO B 68 17.04 15.47 3.67
C PRO B 68 18.52 15.62 3.29
N SER B 69 19.09 16.82 3.38
CA SER B 69 20.47 17.04 2.95
C SER B 69 21.43 16.66 4.09
N LEU B 70 21.27 15.43 4.55
CA LEU B 70 22.03 14.79 5.62
C LEU B 70 22.92 13.69 5.04
N SER B 71 23.87 13.23 5.86
CA SER B 71 24.94 12.35 5.39
C SER B 71 24.47 10.95 4.96
N TYR B 72 24.05 10.12 5.90
CA TYR B 72 23.68 8.75 5.54
C TYR B 72 22.62 8.67 4.44
N PRO B 73 21.53 9.45 4.46
CA PRO B 73 20.60 9.42 3.31
C PRO B 73 21.27 9.68 1.97
N ASN B 74 22.10 10.72 1.88
CA ASN B 74 22.71 11.05 0.59
C ASN B 74 23.88 10.14 0.22
N TYR B 75 24.58 9.55 1.20
CA TYR B 75 25.54 8.49 0.84
C TYR B 75 24.85 7.45 -0.02
N TYR B 76 23.68 6.99 0.44
CA TYR B 76 22.99 5.94 -0.29
C TYR B 76 22.38 6.47 -1.57
N THR B 77 21.92 7.72 -1.59
CA THR B 77 21.44 8.28 -2.83
C THR B 77 22.55 8.24 -3.88
N LEU B 78 23.74 8.69 -3.49
CA LEU B 78 24.88 8.74 -4.40
C LEU B 78 25.20 7.36 -4.98
N MET B 79 25.20 6.32 -4.15
CA MET B 79 25.66 5.00 -4.59
C MET B 79 24.54 4.07 -5.05
N THR B 80 23.30 4.57 -5.15
CA THR B 80 22.19 3.81 -5.72
C THR B 80 21.49 4.51 -6.88
N GLY B 81 21.68 5.81 -7.06
CA GLY B 81 20.91 6.56 -8.03
C GLY B 81 19.44 6.67 -7.73
N ARG B 82 19.05 6.40 -6.49
CA ARG B 82 17.65 6.34 -6.10
C ARG B 82 17.37 7.36 -5.01
N HIS B 83 16.16 7.92 -5.03
CA HIS B 83 15.76 8.84 -3.98
C HIS B 83 15.60 8.11 -2.65
N CYS B 84 15.60 8.87 -1.55
CA CYS B 84 15.61 8.22 -0.24
C CYS B 84 14.32 7.45 0.02
N GLU B 85 13.21 7.88 -0.58
CA GLU B 85 11.99 7.15 -0.33
C GLU B 85 12.04 5.76 -0.96
N VAL B 86 12.95 5.56 -1.91
CA VAL B 86 13.15 4.24 -2.51
C VAL B 86 14.22 3.44 -1.77
N HIS B 87 15.40 4.02 -1.60
CA HIS B 87 16.49 3.25 -1.00
C HIS B 87 16.32 3.07 0.51
N GLN B 88 15.39 3.80 1.13
CA GLN B 88 14.86 3.70 2.50
C GLN B 88 15.74 4.34 3.57
N MET B 89 16.97 4.76 3.27
CA MET B 89 17.81 5.40 4.28
C MET B 89 17.42 6.88 4.36
N ILE B 90 16.34 7.14 5.12
CA ILE B 90 15.71 8.46 5.10
C ILE B 90 16.23 9.38 6.20
N GLY B 91 17.07 8.90 7.12
CA GLY B 91 17.65 9.79 8.11
C GLY B 91 19.02 9.34 8.57
N ASN B 92 19.72 10.25 9.25
CA ASN B 92 20.87 9.87 10.06
C ASN B 92 20.44 9.04 11.27
N TYR B 93 19.25 9.33 11.81
CA TYR B 93 18.68 8.61 12.93
C TYR B 93 17.34 8.05 12.49
N MET B 94 17.13 6.76 12.71
CA MET B 94 15.92 6.09 12.24
C MET B 94 15.41 5.15 13.32
N TRP B 95 14.08 4.93 13.30
CA TRP B 95 13.47 4.03 14.27
C TRP B 95 12.47 3.15 13.56
N ASP B 96 12.46 1.87 13.90
CA ASP B 96 11.50 0.91 13.36
C ASP B 96 10.55 0.49 14.47
N PRO B 97 9.28 0.90 14.41
CA PRO B 97 8.33 0.52 15.47
C PRO B 97 8.10 -0.97 15.57
N ARG B 98 8.24 -1.71 14.46
CA ARG B 98 8.01 -3.15 14.50
C ARG B 98 9.00 -3.82 15.44
N THR B 99 10.28 -3.82 15.09
CA THR B 99 11.31 -4.47 15.89
C THR B 99 11.79 -3.62 17.06
N ASN B 100 11.40 -2.34 17.12
CA ASN B 100 11.86 -1.44 18.18
C ASN B 100 13.39 -1.32 18.16
N LYS B 101 13.96 -1.30 16.97
CA LYS B 101 15.39 -1.09 16.81
C LYS B 101 15.64 0.29 16.20
N SER B 102 16.85 0.82 16.46
CA SER B 102 17.23 2.14 15.98
C SER B 102 18.50 2.05 15.14
N PHE B 103 18.59 2.96 14.19
CA PHE B 103 19.83 3.27 13.47
C PHE B 103 20.25 4.65 13.96
N ASP B 104 21.26 4.71 14.84
CA ASP B 104 21.67 5.97 15.46
C ASP B 104 22.99 6.41 14.83
N ILE B 105 22.87 7.06 13.66
CA ILE B 105 23.96 7.62 12.85
C ILE B 105 25.16 6.67 12.75
N GLY B 106 24.89 5.38 12.56
CA GLY B 106 25.93 4.40 12.34
C GLY B 106 26.70 3.97 13.57
N VAL B 107 26.36 4.46 14.75
CA VAL B 107 27.18 4.25 15.94
C VAL B 107 26.76 3.01 16.72
N ASN B 108 25.47 2.86 17.01
CA ASN B 108 25.03 1.72 17.81
C ASN B 108 25.13 0.45 16.99
N ARG B 109 25.16 -0.68 17.70
CA ARG B 109 25.38 -1.97 17.04
C ARG B 109 24.28 -2.28 16.04
N ASP B 110 23.04 -1.89 16.35
CA ASP B 110 21.93 -2.22 15.48
C ASP B 110 21.96 -1.44 14.17
N SER B 111 22.82 -0.46 14.03
CA SER B 111 22.93 0.18 12.74
C SER B 111 23.64 -0.72 11.73
N LEU B 112 24.26 -1.81 12.20
CA LEU B 112 24.79 -2.85 11.32
C LEU B 112 23.73 -3.80 10.79
N MET B 113 22.49 -3.67 11.27
CA MET B 113 21.43 -4.58 10.84
C MET B 113 21.14 -4.37 9.36
N PRO B 114 21.09 -5.44 8.56
CA PRO B 114 20.71 -5.27 7.14
C PRO B 114 19.33 -4.67 6.95
N LEU B 115 18.49 -4.70 7.98
CA LEU B 115 17.20 -4.00 7.94
C LEU B 115 17.33 -2.57 7.39
N TRP B 116 18.37 -1.84 7.80
CA TRP B 116 18.51 -0.45 7.39
C TRP B 116 19.10 -0.28 5.98
N TRP B 117 19.71 -1.32 5.43
CA TRP B 117 20.54 -1.20 4.23
C TRP B 117 19.99 -1.93 3.02
N ASN B 118 19.06 -2.85 3.21
CA ASN B 118 18.60 -3.74 2.14
C ASN B 118 17.47 -3.15 1.31
N GLY B 119 17.12 -1.87 1.52
CA GLY B 119 16.09 -1.26 0.69
C GLY B 119 16.50 -0.98 -0.74
N SER B 120 17.80 -0.96 -1.03
CA SER B 120 18.30 -0.85 -2.40
C SER B 120 19.75 -1.30 -2.41
N GLU B 121 20.18 -1.81 -3.56
CA GLU B 121 21.53 -2.36 -3.69
C GLU B 121 22.48 -1.26 -4.15
N PRO B 122 23.47 -0.88 -3.36
CA PRO B 122 24.40 0.17 -3.79
C PRO B 122 25.45 -0.41 -4.74
N LEU B 123 26.17 0.49 -5.41
CA LEU B 123 26.97 0.09 -6.56
C LEU B 123 28.09 -0.88 -6.18
N TRP B 124 28.67 -0.74 -4.98
CA TRP B 124 29.79 -1.61 -4.65
C TRP B 124 29.33 -3.07 -4.48
N ILE B 125 28.09 -3.28 -4.04
CA ILE B 125 27.54 -4.64 -3.93
C ILE B 125 27.29 -5.21 -5.33
N THR B 126 26.70 -4.40 -6.22
CA THR B 126 26.54 -4.84 -7.60
C THR B 126 27.88 -5.20 -8.24
N LEU B 127 28.92 -4.42 -7.97
CA LEU B 127 30.24 -4.75 -8.49
C LEU B 127 30.77 -6.06 -7.91
N MET B 128 30.61 -6.24 -6.59
CA MET B 128 31.01 -7.49 -5.95
C MET B 128 30.28 -8.67 -6.57
N LYS B 129 28.97 -8.54 -6.79
CA LYS B 129 28.19 -9.66 -7.31
C LYS B 129 28.53 -9.98 -8.76
N ALA B 130 29.02 -9.00 -9.51
CA ALA B 130 29.55 -9.23 -10.85
C ALA B 130 31.01 -9.67 -10.81
N ARG B 131 31.53 -9.97 -9.62
CA ARG B 131 32.88 -10.46 -9.43
C ARG B 131 33.95 -9.43 -9.83
N ARG B 132 33.62 -8.14 -9.74
CA ARG B 132 34.66 -7.11 -9.69
C ARG B 132 35.11 -6.93 -8.24
N LYS B 133 36.20 -6.20 -8.06
CA LYS B 133 36.81 -6.05 -6.74
C LYS B 133 36.66 -4.61 -6.24
N VAL B 134 36.30 -4.45 -4.97
CA VAL B 134 36.01 -3.12 -4.41
C VAL B 134 36.82 -2.92 -3.15
N TYR B 135 37.61 -1.84 -3.12
CA TYR B 135 38.31 -1.36 -1.92
C TYR B 135 37.65 -0.08 -1.43
N MET B 136 37.33 -0.03 -0.15
CA MET B 136 36.66 1.12 0.44
C MET B 136 37.42 1.58 1.68
N TYR B 137 37.67 2.89 1.75
CA TYR B 137 38.45 3.50 2.83
C TYR B 137 37.58 4.46 3.63
N TYR B 138 37.28 4.10 4.89
CA TYR B 138 36.50 4.89 5.83
C TYR B 138 35.06 5.11 5.33
N TRP B 139 34.61 4.35 4.35
CA TRP B 139 33.35 4.66 3.70
C TRP B 139 32.19 4.16 4.55
N PRO B 140 31.31 5.03 5.03
CA PRO B 140 30.19 4.57 5.87
C PRO B 140 29.31 3.61 5.11
N GLY B 141 29.20 2.37 5.63
CA GLY B 141 28.47 1.30 5.00
C GLY B 141 29.34 0.16 4.50
N CYS B 142 30.64 0.38 4.29
CA CYS B 142 31.47 -0.73 3.84
C CYS B 142 31.58 -1.81 4.89
N GLU B 143 31.30 -1.48 6.15
CA GLU B 143 31.39 -2.40 7.27
C GLU B 143 30.15 -3.28 7.42
N VAL B 144 29.15 -3.13 6.57
CA VAL B 144 27.87 -3.81 6.70
C VAL B 144 27.81 -4.96 5.71
N GLU B 145 27.12 -6.04 6.08
CA GLU B 145 26.74 -7.07 5.13
C GLU B 145 25.43 -6.63 4.48
N ILE B 146 25.50 -6.19 3.23
CA ILE B 146 24.35 -5.64 2.52
C ILE B 146 23.92 -6.68 1.50
N LEU B 147 22.69 -7.17 1.65
CA LEU B 147 22.11 -8.13 0.71
C LEU B 147 22.98 -9.39 0.60
N GLY B 148 23.59 -9.78 1.72
CA GLY B 148 24.42 -10.97 1.79
C GLY B 148 25.85 -10.78 1.37
N VAL B 149 26.29 -9.53 1.13
CA VAL B 149 27.52 -9.26 0.41
C VAL B 149 28.31 -8.15 1.10
N ARG B 150 29.63 -8.21 0.95
CA ARG B 150 30.56 -7.22 1.51
C ARG B 150 31.60 -6.87 0.47
N PRO B 151 32.16 -5.66 0.50
CA PRO B 151 33.25 -5.31 -0.40
C PRO B 151 34.51 -6.13 -0.12
N THR B 152 35.43 -6.13 -1.11
CA THR B 152 36.67 -6.89 -0.98
C THR B 152 37.46 -6.43 0.22
N TYR B 153 37.50 -5.12 0.43
CA TYR B 153 38.28 -4.53 1.49
C TYR B 153 37.51 -3.35 2.02
N CYS B 154 37.39 -3.25 3.34
CA CYS B 154 36.77 -2.10 4.00
C CYS B 154 37.66 -1.69 5.17
N LEU B 155 38.26 -0.51 5.08
CA LEU B 155 38.91 0.15 6.21
C LEU B 155 37.81 0.95 6.93
N GLU B 156 37.32 0.39 8.03
CA GLU B 156 36.08 0.86 8.63
C GLU B 156 36.25 2.24 9.27
N TYR B 157 35.25 3.09 9.07
CA TYR B 157 35.20 4.37 9.78
C TYR B 157 35.05 4.12 11.27
N LYS B 158 35.96 4.69 12.05
CA LYS B 158 35.84 4.69 13.51
C LYS B 158 35.80 6.11 14.04
N THR B 159 36.84 6.91 13.79
CA THR B 159 36.89 8.32 14.16
C THR B 159 37.09 9.15 12.90
N VAL B 160 37.06 10.47 13.07
CA VAL B 160 37.19 11.39 11.95
C VAL B 160 38.56 11.21 11.31
N PRO B 161 38.65 10.78 10.06
CA PRO B 161 39.96 10.56 9.44
C PRO B 161 40.74 11.87 9.34
N THR B 162 42.04 11.79 9.59
CA THR B 162 42.90 12.95 9.51
C THR B 162 43.26 13.25 8.06
N ASP B 163 43.89 14.40 7.84
CA ASP B 163 44.36 14.73 6.49
C ASP B 163 45.42 13.74 6.03
N ILE B 164 46.19 13.19 6.96
CA ILE B 164 47.21 12.21 6.60
C ILE B 164 46.58 10.86 6.29
N ASN B 165 45.54 10.48 7.05
CA ASN B 165 44.75 9.30 6.69
C ASN B 165 44.25 9.42 5.27
N PHE B 166 43.70 10.59 4.93
CA PHE B 166 43.20 10.83 3.58
C PHE B 166 44.29 10.62 2.54
N ALA B 167 45.45 11.29 2.72
CA ALA B 167 46.54 11.16 1.76
C ALA B 167 47.03 9.73 1.64
N ASN B 168 47.18 9.03 2.76
CA ASN B 168 47.60 7.64 2.73
C ASN B 168 46.56 6.77 2.03
N ALA B 169 45.27 7.06 2.25
CA ALA B 169 44.23 6.26 1.63
C ALA B 169 44.22 6.47 0.11
N VAL B 170 44.46 7.71 -0.34
CA VAL B 170 44.56 7.98 -1.78
C VAL B 170 45.71 7.19 -2.39
N SER B 171 46.90 7.27 -1.78
CA SER B 171 48.06 6.56 -2.31
C SER B 171 47.83 5.05 -2.33
N ASP B 172 47.28 4.51 -1.23
CA ASP B 172 46.99 3.08 -1.16
C ASP B 172 45.93 2.66 -2.18
N ALA B 173 44.91 3.50 -2.36
CA ALA B 173 43.88 3.22 -3.36
C ALA B 173 44.48 3.14 -4.76
N LEU B 174 45.35 4.10 -5.10
CA LEU B 174 46.01 4.07 -6.40
C LEU B 174 46.77 2.76 -6.59
N ASP B 175 47.48 2.31 -5.55
CA ASP B 175 48.21 1.04 -5.65
C ASP B 175 47.27 -0.14 -5.82
N SER B 176 46.17 -0.16 -5.06
CA SER B 176 45.23 -1.28 -5.17
C SER B 176 44.60 -1.34 -6.55
N LEU B 177 44.36 -0.17 -7.16
CA LEU B 177 43.80 -0.13 -8.51
C LEU B 177 44.85 -0.53 -9.54
N LYS B 178 46.06 0.01 -9.41
CA LYS B 178 47.14 -0.32 -10.34
C LYS B 178 47.44 -1.82 -10.34
N SER B 179 47.45 -2.43 -9.16
CA SER B 179 47.77 -3.85 -9.08
C SER B 179 46.61 -4.75 -9.53
N GLY B 180 45.41 -4.20 -9.69
CA GLY B 180 44.25 -5.01 -10.00
C GLY B 180 43.59 -5.65 -8.80
N ARG B 181 44.12 -5.45 -7.60
CA ARG B 181 43.41 -5.87 -6.39
C ARG B 181 42.06 -5.19 -6.26
N ALA B 182 41.89 -4.03 -6.90
CA ALA B 182 40.63 -3.30 -6.88
C ALA B 182 40.29 -2.83 -8.28
N ASP B 183 39.01 -2.94 -8.63
CA ASP B 183 38.45 -2.31 -9.81
C ASP B 183 37.80 -0.97 -9.50
N LEU B 184 37.24 -0.83 -8.29
CA LEU B 184 36.74 0.42 -7.76
C LEU B 184 37.38 0.64 -6.40
N ALA B 185 37.86 1.85 -6.15
CA ALA B 185 38.29 2.28 -4.84
C ALA B 185 37.52 3.54 -4.47
N ALA B 186 37.08 3.60 -3.22
CA ALA B 186 36.15 4.63 -2.77
C ALA B 186 36.64 5.16 -1.43
N ILE B 187 36.88 6.47 -1.34
CA ILE B 187 37.46 7.09 -0.17
C ILE B 187 36.51 8.14 0.37
N TYR B 188 36.31 8.13 1.68
CA TYR B 188 35.47 9.09 2.39
C TYR B 188 36.36 10.00 3.24
N HIS B 189 36.14 11.29 3.15
CA HIS B 189 36.86 12.30 3.92
C HIS B 189 35.84 13.24 4.55
N GLU B 190 35.97 13.45 5.88
CA GLU B 190 34.95 14.15 6.66
C GLU B 190 35.35 15.54 7.12
N ARG B 191 36.63 15.90 7.09
CA ARG B 191 37.09 17.01 7.92
C ARG B 191 36.55 18.36 7.45
N ILE B 192 36.27 18.52 6.15
CA ILE B 192 35.71 19.78 5.68
C ILE B 192 34.30 19.98 6.27
N ASP B 193 33.56 18.88 6.41
CA ASP B 193 32.29 18.92 7.12
C ASP B 193 32.49 19.26 8.59
N VAL B 194 33.48 18.64 9.24
CA VAL B 194 33.70 18.88 10.67
C VAL B 194 33.96 20.36 10.94
N GLU B 195 34.86 20.97 10.17
CA GLU B 195 35.25 22.35 10.43
C GLU B 195 34.16 23.32 10.02
N GLY B 196 33.40 23.01 8.97
CA GLY B 196 32.21 23.79 8.66
C GLY B 196 31.20 23.81 9.78
N HIS B 197 30.96 22.65 10.42
CA HIS B 197 30.11 22.61 11.60
C HIS B 197 30.69 23.44 12.74
N HIS B 198 31.96 23.19 13.08
CA HIS B 198 32.50 23.72 14.33
C HIS B 198 32.79 25.21 14.26
N TYR B 199 33.09 25.73 13.06
CA TYR B 199 33.45 27.13 12.91
C TYR B 199 32.63 27.87 11.86
N GLY B 200 31.80 27.18 11.07
CA GLY B 200 30.99 27.85 10.08
C GLY B 200 31.56 27.72 8.68
N PRO B 201 30.69 27.73 7.67
CA PRO B 201 31.16 27.50 6.29
C PRO B 201 32.11 28.58 5.78
N SER B 202 32.04 29.81 6.29
CA SER B 202 32.92 30.89 5.88
C SER B 202 34.21 30.98 6.67
N SER B 203 34.44 30.06 7.60
CA SER B 203 35.53 30.23 8.57
C SER B 203 36.88 29.88 7.97
N PRO B 204 37.96 30.43 8.54
CA PRO B 204 39.29 30.03 8.08
C PRO B 204 39.64 28.61 8.44
N GLN B 205 39.04 28.08 9.51
CA GLN B 205 39.24 26.67 9.85
C GLN B 205 38.68 25.76 8.75
N ARG B 206 37.47 26.05 8.27
CA ARG B 206 36.94 25.30 7.13
C ARG B 206 37.85 25.46 5.92
N LYS B 207 38.31 26.68 5.66
CA LYS B 207 39.17 26.92 4.51
C LYS B 207 40.50 26.22 4.67
N ASP B 208 41.01 26.15 5.91
CA ASP B 208 42.26 25.40 6.11
C ASP B 208 42.07 23.93 5.79
N ALA B 209 40.94 23.34 6.21
CA ALA B 209 40.70 21.93 5.89
C ALA B 209 40.51 21.71 4.39
N LEU B 210 39.92 22.68 3.68
CA LEU B 210 39.79 22.54 2.24
C LEU B 210 41.15 22.63 1.56
N ARG B 211 42.03 23.51 2.04
CA ARG B 211 43.36 23.64 1.45
C ARG B 211 44.17 22.36 1.62
N ALA B 212 44.02 21.70 2.76
CA ALA B 212 44.71 20.44 2.97
C ALA B 212 44.24 19.39 1.97
N VAL B 213 42.95 19.38 1.66
CA VAL B 213 42.43 18.46 0.64
C VAL B 213 42.98 18.84 -0.72
N ASP B 214 42.93 20.13 -1.08
CA ASP B 214 43.52 20.59 -2.32
C ASP B 214 44.94 20.06 -2.50
N THR B 215 45.75 20.17 -1.45
CA THR B 215 47.14 19.71 -1.53
C THR B 215 47.22 18.21 -1.81
N VAL B 216 46.38 17.41 -1.15
CA VAL B 216 46.39 15.96 -1.38
C VAL B 216 46.01 15.65 -2.82
N LEU B 217 45.11 16.46 -3.41
CA LEU B 217 44.77 16.28 -4.81
C LEU B 217 45.93 16.64 -5.74
N LYS B 218 46.77 17.60 -5.36
CA LYS B 218 47.96 17.89 -6.16
C LYS B 218 48.88 16.67 -6.20
N TYR B 219 49.11 16.08 -5.03
CA TYR B 219 49.86 14.83 -4.94
C TYR B 219 49.17 13.71 -5.72
N MET B 220 47.83 13.65 -5.67
CA MET B 220 47.13 12.58 -6.38
C MET B 220 47.36 12.66 -7.88
N ILE B 221 47.28 13.86 -8.46
CA ILE B 221 47.58 14.00 -9.89
C ILE B 221 49.03 13.65 -10.16
N GLN B 222 49.94 14.03 -9.26
CA GLN B 222 51.34 13.65 -9.44
C GLN B 222 51.53 12.15 -9.29
N TRP B 223 50.86 11.53 -8.33
CA TRP B 223 51.01 10.09 -8.11
C TRP B 223 50.47 9.29 -9.29
N ILE B 224 49.32 9.71 -9.82
CA ILE B 224 48.81 9.08 -11.03
C ILE B 224 49.84 9.19 -12.14
N GLN B 225 50.56 10.32 -12.20
CA GLN B 225 51.65 10.44 -13.17
C GLN B 225 52.78 9.46 -12.84
N ASP B 226 53.31 9.55 -11.63
CA ASP B 226 54.38 8.65 -11.19
C ASP B 226 54.10 7.21 -11.56
N ARG B 227 52.83 6.77 -11.47
CA ARG B 227 52.49 5.34 -11.53
C ARG B 227 51.96 4.89 -12.89
N GLY B 228 51.91 5.79 -13.86
CA GLY B 228 51.50 5.39 -15.20
C GLY B 228 50.04 5.00 -15.31
N LEU B 229 49.16 5.61 -14.51
CA LEU B 229 47.75 5.25 -14.46
C LEU B 229 46.86 6.19 -15.26
N GLN B 230 47.43 7.12 -16.01
CA GLN B 230 46.61 8.19 -16.57
C GLN B 230 45.61 7.68 -17.58
N GLN B 231 45.96 6.67 -18.35
CA GLN B 231 45.09 6.20 -19.41
C GLN B 231 44.19 5.06 -18.95
N ASP B 232 44.30 4.63 -17.69
CA ASP B 232 43.50 3.52 -17.21
C ASP B 232 42.69 3.86 -15.96
N LEU B 233 42.49 5.15 -15.67
CA LEU B 233 41.89 5.58 -14.41
C LEU B 233 41.02 6.80 -14.63
N ASN B 234 39.77 6.74 -14.21
CA ASN B 234 38.94 7.93 -14.00
C ASN B 234 38.88 8.22 -12.50
N VAL B 235 38.87 9.50 -12.15
CA VAL B 235 38.66 9.92 -10.76
C VAL B 235 37.40 10.77 -10.71
N ILE B 236 36.48 10.41 -9.81
CA ILE B 236 35.22 11.13 -9.59
C ILE B 236 35.20 11.63 -8.15
N LEU B 237 34.96 12.93 -7.97
CA LEU B 237 34.85 13.54 -6.65
C LEU B 237 33.46 14.15 -6.51
N PHE B 238 32.83 13.95 -5.35
CA PHE B 238 31.55 14.58 -5.11
C PHE B 238 31.36 14.76 -3.61
N SER B 239 30.27 15.45 -3.24
CA SER B 239 29.95 15.67 -1.84
C SER B 239 28.49 15.31 -1.61
N ASP B 240 28.15 15.03 -0.36
CA ASP B 240 26.81 14.59 -0.02
C ASP B 240 25.83 15.74 0.22
N HIS B 241 26.33 16.94 0.51
CA HIS B 241 25.51 18.12 0.80
C HIS B 241 26.48 19.27 1.05
N GLY B 242 25.93 20.47 1.20
CA GLY B 242 26.68 21.65 1.59
C GLY B 242 26.65 21.94 3.07
N MET B 243 26.56 23.22 3.42
CA MET B 243 26.68 23.71 4.79
C MET B 243 26.14 25.14 4.84
N THR B 244 25.39 25.47 5.89
CA THR B 244 24.92 26.85 6.08
C THR B 244 25.15 27.28 7.53
N ASP B 245 25.11 28.60 7.75
CA ASP B 245 25.29 29.11 9.10
C ASP B 245 24.09 28.76 9.97
N ILE B 246 24.36 28.48 11.25
CA ILE B 246 23.31 28.38 12.26
C ILE B 246 23.59 29.40 13.36
N PHE B 247 22.57 29.66 14.19
CA PHE B 247 22.59 30.81 15.09
C PHE B 247 22.06 30.42 16.48
N TRP B 248 22.82 29.60 17.20
CA TRP B 248 22.56 29.34 18.61
C TRP B 248 22.84 30.63 19.40
N MET B 249 22.04 30.98 20.40
CA MET B 249 20.88 30.23 20.85
C MET B 249 19.57 30.84 20.34
N ASP B 250 19.66 31.98 19.64
CA ASP B 250 18.46 32.65 19.18
C ASP B 250 17.59 31.73 18.32
N LYS B 251 18.20 31.08 17.33
CA LYS B 251 17.43 30.31 16.36
C LYS B 251 17.38 28.84 16.74
N VAL B 252 16.96 28.58 17.96
CA VAL B 252 16.78 27.23 18.50
C VAL B 252 15.32 27.06 18.88
N ILE B 253 14.72 25.96 18.43
CA ILE B 253 13.35 25.62 18.78
C ILE B 253 13.40 24.46 19.77
N GLU B 254 12.83 24.66 20.95
CA GLU B 254 12.80 23.60 21.97
C GLU B 254 11.42 22.96 21.98
N LEU B 255 11.35 21.69 21.58
CA LEU B 255 10.05 21.02 21.55
C LEU B 255 9.38 21.04 22.92
N SER B 256 10.16 20.94 23.99
CA SER B 256 9.56 20.88 25.32
C SER B 256 8.80 22.14 25.68
N ASN B 257 9.05 23.26 24.97
CA ASN B 257 8.27 24.48 25.22
C ASN B 257 6.83 24.37 24.74
N TYR B 258 6.52 23.40 23.89
CA TYR B 258 5.20 23.34 23.29
C TYR B 258 4.42 22.09 23.63
N ILE B 259 5.11 20.96 23.87
CA ILE B 259 4.47 19.67 24.08
C ILE B 259 5.18 19.01 25.25
N SER B 260 4.56 17.93 25.74
CA SER B 260 5.20 17.07 26.72
C SER B 260 5.90 15.92 26.00
N LEU B 261 7.18 15.72 26.32
CA LEU B 261 7.94 14.63 25.71
C LEU B 261 7.38 13.26 26.08
N ASP B 262 6.66 13.18 27.20
CA ASP B 262 5.94 11.96 27.56
C ASP B 262 4.86 11.60 26.56
N ASP B 263 4.39 12.55 25.76
CA ASP B 263 3.43 12.29 24.70
C ASP B 263 4.07 11.77 23.42
N LEU B 264 5.37 11.52 23.43
CA LEU B 264 6.09 11.01 22.26
C LEU B 264 6.60 9.62 22.56
N GLN B 265 6.25 8.67 21.70
CA GLN B 265 6.83 7.33 21.79
C GLN B 265 8.31 7.36 21.43
N GLN B 266 8.68 8.18 20.46
CA GLN B 266 10.04 8.20 19.94
C GLN B 266 10.33 9.56 19.32
N VAL B 267 11.60 9.97 19.40
CA VAL B 267 12.14 11.14 18.71
C VAL B 267 13.51 10.76 18.15
N LYS B 268 13.75 11.08 16.88
CA LYS B 268 15.03 10.78 16.25
C LYS B 268 15.62 12.04 15.63
N ASP B 269 16.89 12.30 15.96
CA ASP B 269 17.73 13.38 15.43
C ASP B 269 17.39 14.74 16.03
N ARG B 270 18.32 15.68 15.86
CA ARG B 270 18.21 17.04 16.34
C ARG B 270 18.80 17.93 15.28
N GLY B 271 18.12 19.04 14.99
CA GLY B 271 18.58 19.96 13.98
C GLY B 271 17.49 20.35 13.02
N PRO B 272 17.78 20.26 11.72
CA PRO B 272 16.80 20.74 10.73
C PRO B 272 15.71 19.75 10.36
N VAL B 273 15.91 18.44 10.54
CA VAL B 273 14.90 17.45 10.21
C VAL B 273 14.79 16.50 11.38
N VAL B 274 13.67 16.58 12.10
CA VAL B 274 13.46 15.80 13.32
C VAL B 274 12.22 14.95 13.13
N SER B 275 12.33 13.66 13.43
CA SER B 275 11.26 12.69 13.26
C SER B 275 10.57 12.45 14.61
N LEU B 276 9.23 12.51 14.61
CA LEU B 276 8.44 12.32 15.82
C LEU B 276 7.46 11.17 15.65
N TRP B 277 7.33 10.36 16.70
CA TRP B 277 6.33 9.30 16.78
C TRP B 277 5.47 9.55 18.02
N PRO B 278 4.30 10.19 17.88
CA PRO B 278 3.44 10.42 19.05
C PRO B 278 3.01 9.11 19.69
N VAL B 279 2.79 9.14 21.00
CA VAL B 279 2.15 8.03 21.69
C VAL B 279 0.76 7.85 21.08
N PRO B 280 0.17 6.65 21.14
CA PRO B 280 -1.15 6.47 20.53
C PRO B 280 -2.18 7.36 21.19
N GLY B 281 -3.08 7.90 20.35
CA GLY B 281 -4.09 8.83 20.81
C GLY B 281 -3.72 10.29 20.75
N LYS B 282 -2.42 10.60 20.64
CA LYS B 282 -1.96 11.99 20.75
C LYS B 282 -1.46 12.56 19.44
N HIS B 283 -1.61 11.83 18.32
CA HIS B 283 -1.07 12.31 17.05
C HIS B 283 -1.64 13.67 16.67
N SER B 284 -2.97 13.77 16.66
CA SER B 284 -3.62 15.03 16.28
C SER B 284 -3.30 16.13 17.28
N GLU B 285 -3.24 15.79 18.56
CA GLU B 285 -2.88 16.77 19.57
C GLU B 285 -1.47 17.33 19.34
N ILE B 286 -0.47 16.45 19.20
CA ILE B 286 0.90 16.90 18.98
C ILE B 286 0.99 17.71 17.69
N TYR B 287 0.34 17.24 16.62
CA TYR B 287 0.41 17.93 15.34
C TYR B 287 -0.11 19.36 15.45
N HIS B 288 -1.31 19.53 16.02
CA HIS B 288 -1.90 20.86 16.07
C HIS B 288 -1.14 21.79 17.02
N LYS B 289 -0.56 21.27 18.09
CA LYS B 289 0.29 22.10 18.94
C LYS B 289 1.55 22.57 18.21
N LEU B 290 2.20 21.69 17.46
CA LEU B 290 3.46 22.06 16.81
C LEU B 290 3.25 22.83 15.52
N ARG B 291 2.05 22.74 14.95
CA ARG B 291 1.74 23.41 13.70
C ARG B 291 1.86 24.93 13.81
N THR B 292 1.68 25.50 15.00
CA THR B 292 1.69 26.94 15.18
C THR B 292 3.07 27.53 15.45
N VAL B 293 4.10 26.69 15.58
CA VAL B 293 5.45 27.12 15.90
C VAL B 293 6.09 27.75 14.66
N GLU B 294 6.52 29.00 14.79
CA GLU B 294 7.16 29.66 13.67
C GLU B 294 8.57 29.11 13.46
N HIS B 295 9.07 29.32 12.23
CA HIS B 295 10.42 29.00 11.76
C HIS B 295 10.67 27.50 11.57
N MET B 296 9.62 26.68 11.67
CA MET B 296 9.67 25.31 11.20
C MET B 296 8.32 24.98 10.60
N THR B 297 8.27 23.88 9.82
CA THR B 297 7.05 23.35 9.26
C THR B 297 6.87 21.91 9.74
N VAL B 298 5.69 21.58 10.26
CA VAL B 298 5.38 20.23 10.71
C VAL B 298 4.62 19.54 9.60
N TYR B 299 5.13 18.40 9.12
CA TYR B 299 4.48 17.66 8.04
C TYR B 299 3.92 16.36 8.59
N GLU B 300 2.61 16.15 8.41
CA GLU B 300 2.09 14.81 8.48
C GLU B 300 2.63 14.03 7.29
N LYS B 301 2.95 12.76 7.52
CA LYS B 301 3.67 11.96 6.53
C LYS B 301 3.01 12.03 5.17
N GLU B 302 1.68 11.89 5.12
CA GLU B 302 0.98 11.92 3.84
C GLU B 302 0.99 13.30 3.18
N SER B 303 1.39 14.34 3.90
CA SER B 303 1.40 15.71 3.38
C SER B 303 2.81 16.25 3.14
N ILE B 304 3.84 15.42 3.28
CA ILE B 304 5.21 15.88 2.99
C ILE B 304 5.27 16.30 1.52
N PRO B 305 5.94 17.42 1.18
CA PRO B 305 5.99 17.84 -0.22
C PRO B 305 6.51 16.75 -1.14
N ASN B 306 5.84 16.56 -2.28
CA ASN B 306 6.23 15.47 -3.18
C ASN B 306 7.63 15.67 -3.74
N ARG B 307 8.04 16.93 -3.91
CA ARG B 307 9.35 17.18 -4.51
C ARG B 307 10.50 16.66 -3.65
N PHE B 308 10.25 16.36 -2.37
CA PHE B 308 11.31 15.80 -1.53
C PHE B 308 11.63 14.35 -1.87
N TYR B 309 10.73 13.66 -2.59
CA TYR B 309 10.85 12.21 -2.86
C TYR B 309 11.23 11.45 -1.59
N TYR B 310 10.48 11.70 -0.55
CA TYR B 310 10.82 11.27 0.79
C TYR B 310 9.67 10.57 1.50
N LYS B 311 8.43 11.02 1.27
CA LYS B 311 7.29 10.58 2.08
C LYS B 311 6.98 9.10 1.96
N LYS B 312 7.43 8.42 0.90
CA LYS B 312 7.11 7.02 0.72
C LYS B 312 8.09 6.09 1.43
N GLY B 313 9.12 6.62 2.07
CA GLY B 313 10.01 5.77 2.85
C GLY B 313 9.26 5.13 4.01
N LYS B 314 9.46 3.82 4.19
CA LYS B 314 8.74 3.13 5.27
C LYS B 314 9.17 3.63 6.64
N PHE B 315 10.41 4.06 6.80
CA PHE B 315 10.85 4.48 8.14
C PHE B 315 10.53 5.94 8.44
N VAL B 316 10.08 6.71 7.45
CA VAL B 316 9.65 8.07 7.71
C VAL B 316 8.59 8.07 8.81
N SER B 317 8.70 9.01 9.75
CA SER B 317 7.88 9.04 10.95
C SER B 317 6.50 9.62 10.65
N PRO B 318 5.53 9.41 11.54
CA PRO B 318 4.20 10.02 11.33
C PRO B 318 4.24 11.54 11.24
N LEU B 319 5.06 12.20 12.07
CA LEU B 319 5.27 13.64 11.99
C LEU B 319 6.75 13.89 11.72
N THR B 320 7.02 14.82 10.81
CA THR B 320 8.40 15.20 10.50
C THR B 320 8.49 16.72 10.59
N LEU B 321 9.45 17.20 11.38
CA LEU B 321 9.67 18.63 11.56
C LEU B 321 10.81 19.07 10.65
N VAL B 322 10.58 20.12 9.88
CA VAL B 322 11.58 20.67 8.97
C VAL B 322 11.77 22.13 9.31
N ALA B 323 12.95 22.46 9.82
CA ALA B 323 13.28 23.81 10.25
C ALA B 323 13.62 24.70 9.05
N ASP B 324 13.24 25.98 9.16
CA ASP B 324 13.70 26.96 8.18
C ASP B 324 15.22 27.06 8.22
N GLU B 325 15.81 27.44 7.09
CA GLU B 325 17.26 27.56 7.01
C GLU B 325 17.82 28.39 8.16
N GLY B 326 18.83 27.84 8.82
CA GLY B 326 19.47 28.52 9.93
C GLY B 326 18.90 28.20 11.30
N TRP B 327 17.73 27.59 11.36
CA TRP B 327 17.11 27.26 12.64
C TRP B 327 17.48 25.82 13.01
N PHE B 328 17.28 25.49 14.28
CA PHE B 328 17.75 24.21 14.82
C PHE B 328 16.73 23.71 15.83
N ILE B 329 16.24 22.48 15.64
CA ILE B 329 15.18 21.91 16.47
C ILE B 329 15.80 20.92 17.44
N ALA B 330 15.45 21.03 18.72
CA ALA B 330 15.84 19.97 19.66
C ALA B 330 14.77 19.86 20.74
N GLU B 331 14.85 18.79 21.53
CA GLU B 331 13.94 18.62 22.66
C GLU B 331 14.09 19.76 23.64
N SER B 332 15.33 20.11 23.96
CA SER B 332 15.64 21.20 24.86
C SER B 332 17.03 21.70 24.53
N ARG B 333 17.34 22.90 25.04
CA ARG B 333 18.63 23.53 24.79
C ARG B 333 19.78 22.68 25.31
N GLU B 334 19.62 22.04 26.46
CA GLU B 334 20.70 21.21 27.00
C GLU B 334 20.91 19.92 26.19
N MET B 335 20.02 19.60 25.26
CA MET B 335 20.20 18.44 24.39
C MET B 335 20.88 18.79 23.07
N LEU B 336 21.35 20.02 22.91
CA LEU B 336 22.01 20.41 21.66
C LEU B 336 23.35 19.69 21.50
N PRO B 337 23.73 19.36 20.26
CA PRO B 337 25.00 18.64 20.06
C PRO B 337 26.23 19.54 20.24
N PHE B 338 26.49 19.95 21.47
CA PHE B 338 27.73 20.66 21.76
C PHE B 338 28.92 19.78 21.39
N TRP B 339 30.01 20.41 20.96
CA TRP B 339 31.17 19.64 20.53
C TRP B 339 32.35 19.87 21.47
N MET B 340 33.31 18.94 21.42
CA MET B 340 34.44 18.92 22.36
C MET B 340 35.55 19.82 21.83
N ASN B 341 35.54 21.07 22.25
CA ASN B 341 36.58 22.02 21.93
C ASN B 341 37.58 22.20 23.06
N SER B 342 37.36 21.51 24.18
CA SER B 342 38.26 21.53 25.33
C SER B 342 38.31 20.11 25.89
N THR B 343 39.34 19.84 26.69
CA THR B 343 39.57 18.47 27.15
C THR B 343 38.45 18.01 28.08
N GLY B 344 38.00 18.88 28.99
CA GLY B 344 37.04 18.50 30.01
C GLY B 344 35.69 18.04 29.48
N LYS B 345 34.87 18.98 29.03
CA LYS B 345 33.48 18.71 28.69
C LYS B 345 33.19 19.10 27.24
N ARG B 346 31.99 18.77 26.79
CA ARG B 346 31.51 19.20 25.48
C ARG B 346 30.88 20.58 25.63
N GLU B 347 31.67 21.60 25.34
CA GLU B 347 31.26 23.00 25.53
C GLU B 347 30.91 23.70 24.22
N GLY B 348 31.48 23.26 23.11
CA GLY B 348 31.52 24.09 21.91
C GLY B 348 30.16 24.23 21.25
N TRP B 349 29.90 25.41 20.72
CA TRP B 349 28.68 25.65 19.96
C TRP B 349 28.94 25.29 18.51
N GLN B 350 27.93 24.73 17.86
CA GLN B 350 27.98 24.51 16.43
C GLN B 350 27.69 25.81 15.69
N ARG B 351 28.47 26.09 14.64
CA ARG B 351 28.29 27.30 13.87
C ARG B 351 27.82 27.04 12.45
N GLY B 352 27.87 25.80 11.98
CA GLY B 352 27.35 25.46 10.66
C GLY B 352 26.59 24.16 10.74
N TRP B 353 25.62 24.00 9.85
CA TRP B 353 24.83 22.77 9.84
C TRP B 353 24.21 22.61 8.47
N HIS B 354 23.60 21.44 8.26
CA HIS B 354 22.95 21.11 7.00
C HIS B 354 21.84 20.12 7.30
N GLY B 355 21.02 19.84 6.28
CA GLY B 355 19.90 18.93 6.42
C GLY B 355 18.61 19.53 5.90
N TYR B 356 18.61 20.85 5.76
CA TYR B 356 17.45 21.60 5.31
C TYR B 356 17.04 21.22 3.88
N ASP B 357 15.85 21.67 3.50
CA ASP B 357 15.33 21.74 2.12
C ASP B 357 16.43 21.63 1.06
N ASN B 358 16.42 20.55 0.29
CA ASN B 358 17.55 20.24 -0.58
C ASN B 358 17.70 21.21 -1.75
N GLU B 359 16.74 22.13 -1.96
CA GLU B 359 16.82 23.12 -3.04
C GLU B 359 17.38 24.46 -2.56
N LEU B 360 17.83 24.56 -1.31
CA LEU B 360 18.46 25.77 -0.83
C LEU B 360 19.89 25.84 -1.35
N MET B 361 20.31 27.04 -1.74
CA MET B 361 21.62 27.22 -2.36
C MET B 361 22.75 26.70 -1.48
N ASP B 362 22.68 26.95 -0.17
CA ASP B 362 23.77 26.53 0.72
C ASP B 362 23.83 25.00 0.86
N MET B 363 22.77 24.28 0.52
CA MET B 363 22.84 22.82 0.64
C MET B 363 23.49 22.15 -0.57
N ARG B 364 23.72 22.89 -1.66
CA ARG B 364 24.34 22.32 -2.86
C ARG B 364 25.71 21.75 -2.56
N GLY B 365 26.03 20.62 -3.20
CA GLY B 365 27.35 20.03 -3.16
C GLY B 365 28.10 20.17 -4.47
N ILE B 366 29.07 19.27 -4.67
CA ILE B 366 29.96 19.36 -5.83
C ILE B 366 30.01 18.03 -6.58
N PHE B 367 30.40 18.11 -7.85
CA PHE B 367 30.77 16.93 -8.64
C PHE B 367 31.86 17.36 -9.61
N LEU B 368 32.97 16.64 -9.58
CA LEU B 368 34.02 16.77 -10.58
C LEU B 368 34.44 15.39 -11.04
N ALA B 369 35.05 15.35 -12.22
CA ALA B 369 35.50 14.10 -12.80
C ALA B 369 36.65 14.37 -13.76
N ILE B 370 37.62 13.47 -13.78
CA ILE B 370 38.77 13.62 -14.66
C ILE B 370 39.29 12.24 -15.02
N GLY B 371 39.69 12.07 -16.29
CA GLY B 371 40.13 10.79 -16.81
C GLY B 371 39.81 10.63 -18.27
N PRO B 372 40.26 9.52 -18.86
CA PRO B 372 40.02 9.30 -20.30
C PRO B 372 38.56 9.29 -20.71
N ASP B 373 37.62 8.98 -19.79
CA ASP B 373 36.21 8.92 -20.14
C ASP B 373 35.46 10.24 -19.98
N PHE B 374 36.12 11.29 -19.53
CA PHE B 374 35.47 12.56 -19.28
C PHE B 374 36.13 13.64 -20.13
N LYS B 375 35.32 14.60 -20.56
CA LYS B 375 35.83 15.73 -21.31
C LYS B 375 36.73 16.58 -20.42
N SER B 376 37.49 17.48 -21.03
CA SER B 376 38.40 18.33 -20.28
C SER B 376 37.99 19.78 -20.44
N ASN B 377 38.17 20.55 -19.35
CA ASN B 377 37.82 21.96 -19.33
C ASN B 377 36.34 22.16 -19.64
N PHE B 378 35.52 21.22 -19.16
CA PHE B 378 34.10 21.14 -19.47
C PHE B 378 33.31 21.61 -18.25
N ARG B 379 32.58 22.72 -18.39
CA ARG B 379 31.69 23.23 -17.33
C ARG B 379 30.32 22.61 -17.55
N ALA B 380 29.97 21.63 -16.73
CA ALA B 380 28.75 20.87 -16.94
C ALA B 380 27.58 21.55 -16.22
N ALA B 381 26.38 21.36 -16.77
CA ALA B 381 25.18 21.87 -16.12
C ALA B 381 24.98 21.20 -14.76
N PRO B 382 24.28 21.84 -13.83
CA PRO B 382 24.11 21.22 -12.50
C PRO B 382 23.39 19.89 -12.62
N ILE B 383 23.77 18.95 -11.74
CA ILE B 383 23.12 17.64 -11.70
C ILE B 383 22.59 17.36 -10.30
N ARG B 384 21.83 16.28 -10.20
CA ARG B 384 21.22 15.85 -8.94
C ARG B 384 21.97 14.64 -8.40
N SER B 385 21.85 14.44 -7.08
CA SER B 385 22.52 13.32 -6.42
C SER B 385 22.16 11.99 -7.06
N VAL B 386 20.89 11.81 -7.45
CA VAL B 386 20.47 10.56 -8.07
C VAL B 386 21.16 10.32 -9.41
N ASP B 387 21.74 11.38 -10.01
CA ASP B 387 22.32 11.29 -11.34
C ASP B 387 23.70 10.63 -11.36
N VAL B 388 24.41 10.60 -10.23
CA VAL B 388 25.83 10.24 -10.24
C VAL B 388 26.00 8.76 -10.53
N TYR B 389 25.05 7.94 -10.09
CA TYR B 389 25.20 6.48 -10.16
C TYR B 389 25.33 5.99 -11.60
N ASN B 390 24.52 6.53 -12.53
CA ASN B 390 24.66 6.13 -13.92
C ASN B 390 26.06 6.44 -14.46
N ILE B 391 26.67 7.53 -13.97
CA ILE B 391 28.00 7.90 -14.44
C ILE B 391 29.03 6.88 -13.96
N MET B 392 29.00 6.55 -12.66
CA MET B 392 29.92 5.56 -12.11
C MET B 392 29.76 4.21 -12.79
N ALA B 393 28.52 3.74 -12.93
CA ALA B 393 28.31 2.43 -13.53
C ALA B 393 28.81 2.43 -14.97
N HIS B 394 28.59 3.53 -15.68
CA HIS B 394 29.02 3.63 -17.07
C HIS B 394 30.54 3.51 -17.18
N VAL B 395 31.29 4.32 -16.42
CA VAL B 395 32.73 4.27 -16.59
C VAL B 395 33.35 3.04 -15.93
N ALA B 396 32.67 2.43 -14.97
CA ALA B 396 33.14 1.18 -14.39
C ALA B 396 32.79 -0.04 -15.24
N GLY B 397 32.04 0.16 -16.34
CA GLY B 397 31.70 -0.92 -17.23
C GLY B 397 30.67 -1.89 -16.71
N ILE B 398 29.75 -1.43 -15.86
CA ILE B 398 28.74 -2.30 -15.27
C ILE B 398 27.36 -1.73 -15.56
N THR B 399 26.40 -2.60 -15.81
CA THR B 399 25.04 -2.18 -16.12
C THR B 399 24.37 -1.64 -14.86
N PRO B 400 23.88 -0.41 -14.86
CA PRO B 400 23.24 0.11 -13.66
C PRO B 400 21.92 -0.60 -13.41
N LEU B 401 21.62 -0.82 -12.13
CA LEU B 401 20.26 -1.22 -11.79
C LEU B 401 19.32 -0.05 -12.08
N PRO B 402 18.04 -0.33 -12.35
CA PRO B 402 17.09 0.77 -12.59
C PRO B 402 17.09 1.76 -11.45
N ASN B 403 17.06 3.06 -11.79
CA ASN B 403 17.21 4.08 -10.75
C ASN B 403 16.52 5.36 -11.22
N ASN B 404 16.69 6.43 -10.43
CA ASN B 404 15.99 7.69 -10.63
C ASN B 404 16.86 8.76 -11.27
N GLY B 405 18.15 8.46 -11.50
CA GLY B 405 18.99 9.41 -12.20
C GLY B 405 18.52 9.64 -13.62
N SER B 406 18.94 10.77 -14.18
CA SER B 406 18.65 11.10 -15.56
C SER B 406 19.92 10.99 -16.40
N TRP B 407 19.90 10.09 -17.38
CA TRP B 407 21.02 10.00 -18.30
C TRP B 407 21.17 11.29 -19.11
N SER B 408 20.05 11.88 -19.52
CA SER B 408 20.12 13.07 -20.35
C SER B 408 20.77 14.25 -19.61
N ARG B 409 20.67 14.28 -18.27
CA ARG B 409 21.32 15.35 -17.51
C ARG B 409 22.84 15.21 -17.46
N VAL B 410 23.39 14.02 -17.74
CA VAL B 410 24.81 13.79 -17.56
C VAL B 410 25.56 13.40 -18.84
N VAL B 411 24.86 13.00 -19.93
CA VAL B 411 25.53 12.39 -21.09
C VAL B 411 26.68 13.23 -21.60
N SER B 412 26.47 14.55 -21.70
CA SER B 412 27.37 15.37 -22.50
C SER B 412 28.73 15.55 -21.85
N MET B 413 28.89 15.22 -20.55
CA MET B 413 30.21 15.33 -19.94
C MET B 413 31.16 14.24 -20.37
N LEU B 414 30.65 13.16 -20.98
CA LEU B 414 31.43 11.96 -21.28
C LEU B 414 32.06 12.06 -22.65
N LYS B 415 33.33 11.64 -22.75
CA LYS B 415 34.11 11.75 -23.98
C LYS B 415 33.63 10.73 -25.01
N ARG C 24 -17.57 -27.85 40.69
CA ARG C 24 -18.87 -28.39 40.30
C ARG C 24 -18.74 -29.85 39.83
N LYS C 25 -19.81 -30.61 39.99
CA LYS C 25 -19.91 -31.95 39.44
C LYS C 25 -20.20 -31.87 37.94
N LEU C 26 -19.94 -32.96 37.23
CA LEU C 26 -20.09 -32.97 35.77
C LEU C 26 -20.74 -34.28 35.31
N LEU C 27 -21.76 -34.16 34.47
CA LEU C 27 -22.36 -35.30 33.77
C LEU C 27 -22.22 -35.05 32.28
N VAL C 28 -21.66 -36.03 31.56
CA VAL C 28 -21.43 -35.93 30.12
C VAL C 28 -22.21 -37.04 29.44
N LEU C 29 -22.93 -36.68 28.37
CA LEU C 29 -23.75 -37.62 27.61
C LEU C 29 -23.28 -37.58 26.16
N LEU C 30 -22.80 -38.72 25.67
CA LEU C 30 -22.42 -38.86 24.27
C LEU C 30 -23.57 -39.57 23.57
N LEU C 31 -24.25 -38.86 22.67
CA LEU C 31 -25.35 -39.44 21.91
C LEU C 31 -24.84 -39.71 20.50
N ASP C 32 -24.48 -40.97 20.25
CA ASP C 32 -23.80 -41.34 19.01
C ASP C 32 -24.66 -41.08 17.78
N GLY C 33 -24.01 -40.58 16.71
CA GLY C 33 -24.70 -40.39 15.44
C GLY C 33 -25.79 -39.33 15.43
N PHE C 34 -25.74 -38.38 16.36
CA PHE C 34 -26.80 -37.38 16.52
C PHE C 34 -26.43 -36.20 15.62
N ARG C 35 -27.06 -36.13 14.44
CA ARG C 35 -26.76 -35.09 13.47
C ARG C 35 -27.32 -33.74 13.92
N SER C 36 -26.64 -32.66 13.53
CA SER C 36 -26.95 -31.34 14.02
C SER C 36 -28.40 -30.93 13.77
N ASP C 37 -28.94 -31.26 12.59
CA ASP C 37 -30.28 -30.78 12.28
C ASP C 37 -31.38 -31.66 12.90
N TYR C 38 -31.02 -32.72 13.64
CA TYR C 38 -32.05 -33.45 14.37
C TYR C 38 -32.73 -32.60 15.41
N ILE C 39 -32.10 -31.53 15.87
CA ILE C 39 -32.72 -30.62 16.81
C ILE C 39 -32.81 -29.22 16.19
N SER C 40 -33.20 -29.16 14.93
CA SER C 40 -33.59 -27.91 14.31
C SER C 40 -34.82 -27.34 15.03
N GLU C 41 -35.19 -26.12 14.62
CA GLU C 41 -36.33 -25.45 15.26
C GLU C 41 -37.61 -26.27 15.11
N ASP C 42 -37.87 -26.78 13.90
CA ASP C 42 -39.09 -27.53 13.67
C ASP C 42 -39.09 -28.83 14.44
N ALA C 43 -37.91 -29.44 14.61
CA ALA C 43 -37.80 -30.66 15.40
C ALA C 43 -38.05 -30.38 16.87
N LEU C 44 -37.53 -29.25 17.37
CA LEU C 44 -37.62 -28.97 18.81
C LEU C 44 -39.05 -28.77 19.28
N ALA C 45 -39.98 -28.42 18.37
CA ALA C 45 -41.37 -28.26 18.76
C ALA C 45 -42.02 -29.57 19.20
N SER C 46 -41.46 -30.71 18.81
CA SER C 46 -41.97 -32.00 19.28
C SER C 46 -41.01 -32.67 20.25
N LEU C 47 -40.00 -31.96 20.74
CA LEU C 47 -38.96 -32.51 21.61
C LEU C 47 -38.89 -31.66 22.88
N PRO C 48 -39.77 -31.93 23.86
CA PRO C 48 -39.79 -31.08 25.06
C PRO C 48 -38.55 -31.24 25.93
N GLY C 49 -37.90 -32.40 25.93
CA GLY C 49 -36.69 -32.55 26.71
C GLY C 49 -35.56 -31.65 26.23
N PHE C 50 -35.26 -31.72 24.93
CA PHE C 50 -34.23 -30.85 24.38
C PHE C 50 -34.65 -29.39 24.39
N ARG C 51 -35.94 -29.11 24.19
CA ARG C 51 -36.40 -27.73 24.20
C ARG C 51 -36.10 -27.07 25.54
N GLU C 52 -36.30 -27.80 26.63
CA GLU C 52 -36.04 -27.24 27.94
C GLU C 52 -34.54 -27.09 28.17
N ILE C 53 -33.74 -28.04 27.71
CA ILE C 53 -32.29 -27.88 27.77
C ILE C 53 -31.85 -26.66 26.97
N VAL C 54 -32.43 -26.49 25.78
CA VAL C 54 -32.12 -25.32 24.94
C VAL C 54 -32.56 -24.03 25.62
N ASN C 55 -33.77 -24.03 26.19
CA ASN C 55 -34.32 -22.81 26.77
C ASN C 55 -33.59 -22.38 28.02
N ARG C 56 -33.01 -23.33 28.75
CA ARG C 56 -32.38 -23.04 30.03
C ARG C 56 -30.87 -23.22 29.98
N GLY C 57 -30.30 -23.43 28.80
CA GLY C 57 -28.87 -23.66 28.66
C GLY C 57 -28.32 -23.17 27.35
N VAL C 58 -27.30 -23.87 26.87
CA VAL C 58 -26.49 -23.46 25.72
C VAL C 58 -26.63 -24.52 24.64
N LYS C 59 -26.74 -24.08 23.39
CA LYS C 59 -26.72 -24.98 22.23
C LYS C 59 -25.85 -24.36 21.16
N VAL C 60 -24.85 -25.09 20.67
CA VAL C 60 -24.10 -24.59 19.53
C VAL C 60 -24.87 -24.95 18.27
N ASP C 61 -24.73 -24.13 17.22
CA ASP C 61 -25.50 -24.39 16.01
C ASP C 61 -25.17 -25.78 15.46
N TYR C 62 -23.90 -26.15 15.52
CA TYR C 62 -23.49 -27.51 15.18
C TYR C 62 -22.06 -27.72 15.68
N LEU C 63 -21.68 -28.99 15.74
CA LEU C 63 -20.36 -29.42 16.18
C LEU C 63 -19.68 -30.10 15.00
N THR C 64 -18.55 -29.57 14.56
CA THR C 64 -17.82 -30.16 13.44
C THR C 64 -16.89 -31.27 13.93
N PRO C 65 -17.06 -32.52 13.47
CA PRO C 65 -16.21 -33.61 13.96
C PRO C 65 -14.80 -33.51 13.39
N ASP C 66 -13.93 -34.39 13.89
CA ASP C 66 -12.62 -34.63 13.30
C ASP C 66 -12.76 -35.52 12.07
N PHE C 67 -11.77 -35.44 11.18
CA PHE C 67 -11.65 -36.46 10.15
C PHE C 67 -10.85 -37.63 10.75
N PRO C 68 -11.27 -38.88 10.49
CA PRO C 68 -12.47 -39.32 9.76
C PRO C 68 -13.70 -39.17 10.66
N SER C 69 -14.88 -38.95 10.09
CA SER C 69 -16.06 -38.79 10.95
C SER C 69 -16.60 -40.14 11.41
N LEU C 70 -15.72 -40.95 12.02
CA LEU C 70 -16.05 -42.25 12.58
C LEU C 70 -16.05 -42.15 14.10
N SER C 71 -16.54 -43.21 14.75
CA SER C 71 -16.81 -43.18 16.19
C SER C 71 -15.55 -43.18 17.04
N TYR C 72 -14.79 -44.28 17.02
CA TYR C 72 -13.61 -44.36 17.88
C TYR C 72 -12.64 -43.19 17.67
N PRO C 73 -12.35 -42.74 16.44
CA PRO C 73 -11.52 -41.53 16.31
C PRO C 73 -12.10 -40.32 17.04
N ASN C 74 -13.40 -40.06 16.88
CA ASN C 74 -13.95 -38.85 17.49
C ASN C 74 -14.21 -39.01 18.99
N TYR C 75 -14.46 -40.24 19.48
CA TYR C 75 -14.53 -40.43 20.93
C TYR C 75 -13.30 -39.84 21.59
N TYR C 76 -12.12 -40.14 21.02
CA TYR C 76 -10.86 -39.68 21.58
C TYR C 76 -10.61 -38.21 21.28
N THR C 77 -11.03 -37.72 20.11
CA THR C 77 -10.98 -36.28 19.86
C THR C 77 -11.76 -35.54 20.92
N LEU C 78 -12.98 -36.00 21.19
CA LEU C 78 -13.81 -35.33 22.18
C LEU C 78 -13.14 -35.31 23.55
N MET C 79 -12.48 -36.41 23.92
CA MET C 79 -11.98 -36.55 25.29
C MET C 79 -10.50 -36.23 25.42
N THR C 80 -9.83 -35.77 24.35
CA THR C 80 -8.48 -35.23 24.43
C THR C 80 -8.34 -33.79 23.95
N GLY C 81 -9.30 -33.27 23.19
CA GLY C 81 -9.10 -31.96 22.58
C GLY C 81 -8.04 -31.95 21.51
N ARG C 82 -7.65 -33.12 21.02
CA ARG C 82 -6.56 -33.25 20.07
C ARG C 82 -7.06 -33.94 18.81
N HIS C 83 -6.48 -33.55 17.68
CA HIS C 83 -6.81 -34.17 16.41
C HIS C 83 -6.32 -35.62 16.40
N CYS C 84 -6.87 -36.41 15.47
CA CYS C 84 -6.61 -37.84 15.44
C CYS C 84 -5.15 -38.14 15.15
N GLU C 85 -4.47 -37.31 14.35
CA GLU C 85 -3.05 -37.56 14.09
C GLU C 85 -2.19 -37.33 15.32
N VAL C 86 -2.75 -36.75 16.37
CA VAL C 86 -2.05 -36.53 17.64
C VAL C 86 -2.38 -37.61 18.65
N HIS C 87 -3.67 -37.86 18.89
CA HIS C 87 -4.04 -38.87 19.88
C HIS C 87 -3.90 -40.30 19.34
N GLN C 88 -3.70 -40.45 18.03
CA GLN C 88 -3.31 -41.64 17.29
C GLN C 88 -4.48 -42.58 16.95
N MET C 89 -5.69 -42.35 17.48
CA MET C 89 -6.80 -43.24 17.12
C MET C 89 -7.39 -42.77 15.78
N ILE C 90 -6.74 -43.21 14.69
CA ILE C 90 -7.08 -42.69 13.37
C ILE C 90 -8.19 -43.49 12.68
N GLY C 91 -8.60 -44.63 13.25
CA GLY C 91 -9.65 -45.42 12.61
C GLY C 91 -10.48 -46.20 13.61
N ASN C 92 -11.63 -46.66 13.15
CA ASN C 92 -12.35 -47.74 13.82
C ASN C 92 -11.63 -49.07 13.63
N TYR C 93 -10.86 -49.21 12.55
CA TYR C 93 -10.05 -50.40 12.32
C TYR C 93 -8.64 -49.95 12.03
N MET C 94 -7.68 -50.46 12.80
CA MET C 94 -6.28 -50.09 12.66
C MET C 94 -5.42 -51.34 12.65
N TRP C 95 -4.25 -51.24 12.01
CA TRP C 95 -3.31 -52.34 11.96
C TRP C 95 -1.92 -51.82 12.28
N ASP C 96 -1.16 -52.60 13.05
CA ASP C 96 0.22 -52.25 13.33
C ASP C 96 1.15 -53.24 12.65
N PRO C 97 1.88 -52.86 11.61
CA PRO C 97 2.71 -53.83 10.89
C PRO C 97 3.80 -54.47 11.73
N ARG C 98 4.38 -53.73 12.69
CA ARG C 98 5.54 -54.28 13.39
C ARG C 98 5.14 -55.34 14.41
N THR C 99 4.01 -55.17 15.10
CA THR C 99 3.52 -56.21 16.00
C THR C 99 2.49 -57.11 15.34
N ASN C 100 1.94 -56.69 14.20
CA ASN C 100 0.92 -57.45 13.50
C ASN C 100 -0.35 -57.62 14.33
N LYS C 101 -0.69 -56.62 15.15
CA LYS C 101 -1.92 -56.61 15.92
C LYS C 101 -2.93 -55.67 15.27
N SER C 102 -4.20 -55.94 15.50
CA SER C 102 -5.29 -55.13 14.96
C SER C 102 -6.13 -54.54 16.08
N PHE C 103 -6.66 -53.33 15.84
CA PHE C 103 -7.77 -52.78 16.61
C PHE C 103 -8.99 -52.92 15.70
N ASP C 104 -9.83 -53.92 15.98
CA ASP C 104 -10.98 -54.20 15.11
C ASP C 104 -12.24 -53.68 15.80
N ILE C 105 -12.41 -52.35 15.69
CA ILE C 105 -13.53 -51.58 16.22
C ILE C 105 -13.88 -52.00 17.64
N GLY C 106 -12.85 -52.22 18.46
CA GLY C 106 -13.04 -52.48 19.88
C GLY C 106 -13.47 -53.89 20.24
N VAL C 107 -13.65 -54.78 19.26
CA VAL C 107 -14.25 -56.08 19.52
C VAL C 107 -13.21 -57.14 19.87
N ASN C 108 -12.10 -57.22 19.13
CA ASN C 108 -11.13 -58.26 19.40
C ASN C 108 -10.30 -57.93 20.65
N ARG C 109 -9.73 -58.98 21.25
CA ARG C 109 -9.04 -58.77 22.53
C ARG C 109 -7.89 -57.79 22.39
N ASP C 110 -7.20 -57.78 21.25
CA ASP C 110 -6.06 -56.88 21.11
C ASP C 110 -6.49 -55.42 21.06
N SER C 111 -7.79 -55.13 20.92
CA SER C 111 -8.28 -53.76 21.07
C SER C 111 -8.07 -53.24 22.50
N LEU C 112 -7.86 -54.14 23.46
CA LEU C 112 -7.58 -53.75 24.84
C LEU C 112 -6.13 -53.35 25.07
N MET C 113 -5.25 -53.56 24.08
CA MET C 113 -3.83 -53.25 24.25
C MET C 113 -3.64 -51.74 24.40
N PRO C 114 -2.92 -51.29 25.43
CA PRO C 114 -2.65 -49.85 25.57
C PRO C 114 -1.93 -49.24 24.36
N LEU C 115 -1.37 -50.07 23.48
CA LEU C 115 -0.82 -49.61 22.21
C LEU C 115 -1.76 -48.64 21.50
N TRP C 116 -3.06 -48.96 21.44
CA TRP C 116 -3.98 -48.14 20.66
C TRP C 116 -4.40 -46.88 21.39
N TRP C 117 -4.15 -46.79 22.69
CA TRP C 117 -4.78 -45.77 23.52
C TRP C 117 -3.80 -44.79 24.16
N ASN C 118 -2.52 -45.12 24.22
CA ASN C 118 -1.55 -44.30 24.93
C ASN C 118 -1.02 -43.13 24.10
N GLY C 119 -1.60 -42.86 22.92
CA GLY C 119 -1.12 -41.77 22.09
C GLY C 119 -1.44 -40.40 22.62
N SER C 120 -2.38 -40.29 23.56
CA SER C 120 -2.70 -39.06 24.27
C SER C 120 -3.55 -39.44 25.47
N GLU C 121 -3.45 -38.64 26.53
CA GLU C 121 -4.16 -38.91 27.77
C GLU C 121 -5.58 -38.33 27.68
N PRO C 122 -6.62 -39.16 27.76
CA PRO C 122 -7.99 -38.63 27.74
C PRO C 122 -8.40 -38.09 29.11
N LEU C 123 -9.53 -37.35 29.11
CA LEU C 123 -9.87 -36.54 30.28
C LEU C 123 -10.17 -37.39 31.53
N TRP C 124 -10.79 -38.55 31.36
CA TRP C 124 -11.11 -39.34 32.54
C TRP C 124 -9.84 -39.86 33.22
N ILE C 125 -8.78 -40.11 32.47
CA ILE C 125 -7.51 -40.53 33.05
C ILE C 125 -6.86 -39.37 33.80
N THR C 126 -6.80 -38.19 33.19
CA THR C 126 -6.27 -37.02 33.89
C THR C 126 -7.03 -36.78 35.19
N LEU C 127 -8.36 -36.92 35.16
CA LEU C 127 -9.15 -36.74 36.37
C LEU C 127 -8.81 -37.79 37.41
N MET C 128 -8.62 -39.04 36.99
CA MET C 128 -8.22 -40.09 37.93
C MET C 128 -6.87 -39.76 38.56
N LYS C 129 -5.92 -39.27 37.75
CA LYS C 129 -4.60 -38.97 38.27
C LYS C 129 -4.60 -37.77 39.21
N ALA C 130 -5.63 -36.92 39.15
CA ALA C 130 -5.78 -35.81 40.07
C ALA C 130 -6.71 -36.13 41.23
N ARG C 131 -6.99 -37.41 41.47
CA ARG C 131 -7.74 -37.91 42.63
C ARG C 131 -9.22 -37.61 42.54
N ARG C 132 -9.73 -37.28 41.36
CA ARG C 132 -11.16 -37.23 41.16
C ARG C 132 -11.72 -38.65 40.99
N LYS C 133 -13.03 -38.77 41.10
CA LYS C 133 -13.70 -40.05 40.89
C LYS C 133 -14.52 -39.99 39.60
N VAL C 134 -14.44 -41.05 38.80
CA VAL C 134 -15.04 -41.06 37.47
C VAL C 134 -15.87 -42.32 37.33
N TYR C 135 -17.17 -42.14 37.10
CA TYR C 135 -18.06 -43.24 36.74
C TYR C 135 -18.35 -43.17 35.24
N MET C 136 -18.24 -44.30 34.54
CA MET C 136 -18.45 -44.33 33.10
C MET C 136 -19.42 -45.44 32.74
N TYR C 137 -20.39 -45.14 31.89
CA TYR C 137 -21.45 -46.09 31.54
C TYR C 137 -21.44 -46.34 30.04
N TYR C 138 -21.10 -47.58 29.66
CA TYR C 138 -21.05 -48.05 28.28
C TYR C 138 -20.04 -47.28 27.44
N TRP C 139 -19.14 -46.53 28.07
CA TRP C 139 -18.32 -45.59 27.33
C TRP C 139 -17.16 -46.34 26.69
N PRO C 140 -17.03 -46.33 25.37
CA PRO C 140 -15.97 -47.13 24.74
C PRO C 140 -14.61 -46.61 25.16
N GLY C 141 -13.79 -47.49 25.70
CA GLY C 141 -12.51 -47.12 26.27
C GLY C 141 -12.47 -47.14 27.77
N CYS C 142 -13.61 -47.12 28.46
CA CYS C 142 -13.53 -47.16 29.92
C CYS C 142 -12.99 -48.50 30.41
N GLU C 143 -13.11 -49.55 29.59
CA GLU C 143 -12.68 -50.90 29.95
C GLU C 143 -11.18 -51.10 29.81
N VAL C 144 -10.44 -50.09 29.37
CA VAL C 144 -9.03 -50.20 29.01
C VAL C 144 -8.20 -49.55 30.10
N GLU C 145 -7.05 -50.17 30.41
CA GLU C 145 -6.03 -49.54 31.24
C GLU C 145 -5.20 -48.61 30.36
N ILE C 146 -5.39 -47.30 30.52
CA ILE C 146 -4.77 -46.32 29.64
C ILE C 146 -3.68 -45.61 30.43
N LEU C 147 -2.44 -45.65 29.94
CA LEU C 147 -1.31 -45.01 30.60
C LEU C 147 -1.20 -45.45 32.05
N GLY C 148 -1.61 -46.70 32.30
CA GLY C 148 -1.51 -47.31 33.61
C GLY C 148 -2.70 -47.13 34.51
N VAL C 149 -3.77 -46.47 34.04
CA VAL C 149 -4.83 -45.97 34.91
C VAL C 149 -6.19 -46.40 34.38
N ARG C 150 -7.13 -46.59 35.29
CA ARG C 150 -8.51 -46.95 34.96
C ARG C 150 -9.46 -46.05 35.74
N PRO C 151 -10.65 -45.79 35.20
CA PRO C 151 -11.64 -45.01 35.94
C PRO C 151 -12.16 -45.76 37.15
N THR C 152 -12.71 -45.00 38.09
CA THR C 152 -13.27 -45.61 39.31
C THR C 152 -14.28 -46.69 38.97
N TYR C 153 -15.08 -46.47 37.92
CA TYR C 153 -16.12 -47.42 37.61
C TYR C 153 -16.38 -47.38 36.11
N CYS C 154 -16.47 -48.56 35.51
CA CYS C 154 -16.74 -48.72 34.08
C CYS C 154 -17.79 -49.80 33.91
N LEU C 155 -19.00 -49.40 33.54
CA LEU C 155 -19.99 -50.36 33.06
C LEU C 155 -19.68 -50.63 31.58
N GLU C 156 -19.04 -51.76 31.30
CA GLU C 156 -18.42 -51.95 29.99
C GLU C 156 -19.46 -52.13 28.90
N TYR C 157 -19.22 -51.49 27.75
CA TYR C 157 -20.05 -51.71 26.57
C TYR C 157 -19.95 -53.18 26.14
N LYS C 158 -21.10 -53.84 26.00
CA LYS C 158 -21.15 -55.19 25.44
C LYS C 158 -21.94 -55.22 24.15
N THR C 159 -23.24 -54.92 24.21
CA THR C 159 -24.12 -54.81 23.05
C THR C 159 -24.66 -53.38 22.99
N VAL C 160 -25.57 -53.12 22.05
CA VAL C 160 -26.20 -51.82 21.92
C VAL C 160 -27.08 -51.55 23.14
N PRO C 161 -26.78 -50.55 23.95
CA PRO C 161 -27.62 -50.28 25.12
C PRO C 161 -29.05 -49.95 24.69
N THR C 162 -30.01 -50.37 25.51
CA THR C 162 -31.41 -50.08 25.26
C THR C 162 -31.77 -48.73 25.86
N ASP C 163 -32.93 -48.20 25.46
CA ASP C 163 -33.42 -46.97 26.07
C ASP C 163 -33.58 -47.13 27.58
N ILE C 164 -33.93 -48.33 28.04
CA ILE C 164 -34.02 -48.56 29.47
C ILE C 164 -32.63 -48.56 30.10
N ASN C 165 -31.64 -49.15 29.41
CA ASN C 165 -30.25 -49.02 29.86
C ASN C 165 -29.86 -47.56 30.02
N PHE C 166 -30.19 -46.74 29.02
CA PHE C 166 -29.88 -45.31 29.06
C PHE C 166 -30.55 -44.65 30.25
N ALA C 167 -31.87 -44.81 30.37
CA ALA C 167 -32.59 -44.19 31.47
C ALA C 167 -32.02 -44.59 32.82
N ASN C 168 -31.71 -45.88 33.00
CA ASN C 168 -31.12 -46.33 34.26
C ASN C 168 -29.71 -45.79 34.45
N ALA C 169 -28.94 -45.69 33.38
CA ALA C 169 -27.59 -45.13 33.50
C ALA C 169 -27.66 -43.67 33.96
N VAL C 170 -28.60 -42.91 33.39
CA VAL C 170 -28.77 -41.51 33.79
C VAL C 170 -29.07 -41.42 35.28
N SER C 171 -30.11 -42.14 35.71
CA SER C 171 -30.52 -42.12 37.12
C SER C 171 -29.38 -42.58 38.03
N ASP C 172 -28.76 -43.72 37.72
CA ASP C 172 -27.64 -44.20 38.52
C ASP C 172 -26.51 -43.17 38.57
N ALA C 173 -26.23 -42.51 37.44
CA ALA C 173 -25.14 -41.55 37.42
C ALA C 173 -25.46 -40.33 38.29
N LEU C 174 -26.71 -39.88 38.29
CA LEU C 174 -27.08 -38.77 39.17
C LEU C 174 -26.93 -39.15 40.63
N ASP C 175 -27.32 -40.39 40.98
CA ASP C 175 -27.11 -40.87 42.33
C ASP C 175 -25.64 -40.87 42.69
N SER C 176 -24.78 -41.30 41.77
CA SER C 176 -23.36 -41.40 42.08
CA SER C 176 -23.36 -41.39 42.10
C SER C 176 -22.72 -40.02 42.19
N LEU C 177 -23.24 -39.03 41.47
CA LEU C 177 -22.75 -37.66 41.62
C LEU C 177 -23.26 -37.06 42.93
N LYS C 178 -24.56 -37.21 43.19
CA LYS C 178 -25.15 -36.68 44.42
C LYS C 178 -24.45 -37.23 45.66
N SER C 179 -24.18 -38.53 45.69
CA SER C 179 -23.54 -39.11 46.86
C SER C 179 -22.06 -38.80 46.94
N GLY C 180 -21.48 -38.23 45.89
CA GLY C 180 -20.05 -37.98 45.88
C GLY C 180 -19.21 -39.17 45.47
N ARG C 181 -19.81 -40.29 45.08
CA ARG C 181 -19.03 -41.42 44.58
C ARG C 181 -18.40 -41.13 43.23
N ALA C 182 -18.88 -40.12 42.50
CA ALA C 182 -18.33 -39.72 41.21
C ALA C 182 -18.26 -38.20 41.14
N ASP C 183 -17.13 -37.68 40.64
CA ASP C 183 -17.01 -36.28 40.25
C ASP C 183 -17.39 -36.07 38.79
N LEU C 184 -17.00 -37.01 37.93
CA LEU C 184 -17.43 -37.06 36.54
C LEU C 184 -18.19 -38.36 36.32
N ALA C 185 -19.39 -38.26 35.77
CA ALA C 185 -20.10 -39.40 35.22
C ALA C 185 -20.31 -39.18 33.73
N ALA C 186 -20.09 -40.24 32.95
CA ALA C 186 -20.12 -40.15 31.49
C ALA C 186 -20.89 -41.33 30.94
N ILE C 187 -21.88 -41.04 30.10
CA ILE C 187 -22.80 -42.06 29.57
C ILE C 187 -22.75 -42.03 28.05
N TYR C 188 -22.64 -43.21 27.45
CA TYR C 188 -22.68 -43.39 26.00
C TYR C 188 -23.99 -44.01 25.56
N HIS C 189 -24.57 -43.47 24.50
CA HIS C 189 -25.84 -43.98 23.97
C HIS C 189 -25.73 -44.08 22.46
N GLU C 190 -26.11 -45.23 21.89
CA GLU C 190 -25.81 -45.56 20.51
C GLU C 190 -27.03 -45.66 19.60
N ARG C 191 -28.25 -45.80 20.15
CA ARG C 191 -29.35 -46.27 19.30
C ARG C 191 -29.80 -45.25 18.26
N ILE C 192 -29.54 -43.96 18.47
CA ILE C 192 -29.84 -43.00 17.40
C ILE C 192 -28.96 -43.28 16.20
N ASP C 193 -27.70 -43.66 16.44
CA ASP C 193 -26.80 -44.04 15.36
C ASP C 193 -27.27 -45.34 14.69
N VAL C 194 -27.75 -46.30 15.50
CA VAL C 194 -28.17 -47.60 14.98
C VAL C 194 -29.29 -47.44 13.97
N GLU C 195 -30.35 -46.71 14.36
CA GLU C 195 -31.49 -46.57 13.47
C GLU C 195 -31.17 -45.65 12.30
N GLY C 196 -30.30 -44.66 12.50
CA GLY C 196 -29.82 -43.88 11.38
C GLY C 196 -29.13 -44.74 10.34
N HIS C 197 -28.42 -45.77 10.77
CA HIS C 197 -27.75 -46.67 9.84
C HIS C 197 -28.78 -47.56 9.14
N HIS C 198 -29.63 -48.22 9.92
CA HIS C 198 -30.49 -49.26 9.38
C HIS C 198 -31.60 -48.69 8.51
N TYR C 199 -32.11 -47.51 8.84
CA TYR C 199 -33.26 -46.96 8.14
C TYR C 199 -33.00 -45.60 7.49
N GLY C 200 -31.86 -44.96 7.74
CA GLY C 200 -31.57 -43.67 7.14
C GLY C 200 -31.82 -42.53 8.10
N PRO C 201 -31.10 -41.42 7.93
CA PRO C 201 -31.20 -40.33 8.91
C PRO C 201 -32.57 -39.67 8.97
N SER C 202 -33.35 -39.68 7.88
CA SER C 202 -34.66 -39.02 7.91
C SER C 202 -35.79 -40.03 8.08
N SER C 203 -35.52 -41.17 8.68
CA SER C 203 -36.49 -42.25 8.82
C SER C 203 -37.31 -42.09 10.10
N PRO C 204 -38.56 -42.57 10.08
CA PRO C 204 -39.35 -42.57 11.33
C PRO C 204 -38.68 -43.31 12.46
N GLN C 205 -37.92 -44.37 12.13
CA GLN C 205 -37.27 -45.16 13.17
C GLN C 205 -36.20 -44.37 13.90
N ARG C 206 -35.37 -43.63 13.15
CA ARG C 206 -34.42 -42.74 13.79
C ARG C 206 -35.15 -41.70 14.65
N LYS C 207 -36.21 -41.11 14.10
CA LYS C 207 -36.97 -40.12 14.85
C LYS C 207 -37.58 -40.72 16.11
N ASP C 208 -38.08 -41.96 16.01
CA ASP C 208 -38.61 -42.63 17.19
C ASP C 208 -37.52 -42.86 18.23
N ALA C 209 -36.31 -43.22 17.80
CA ALA C 209 -35.22 -43.42 18.75
C ALA C 209 -34.86 -42.10 19.43
N LEU C 210 -34.86 -41.00 18.67
CA LEU C 210 -34.61 -39.68 19.25
C LEU C 210 -35.64 -39.34 20.33
N ARG C 211 -36.92 -39.55 20.03
CA ARG C 211 -37.96 -39.19 20.99
C ARG C 211 -37.82 -39.97 22.29
N ALA C 212 -37.38 -41.23 22.18
CA ALA C 212 -37.08 -42.00 23.38
C ALA C 212 -36.03 -41.29 24.23
N VAL C 213 -34.96 -40.81 23.59
CA VAL C 213 -33.92 -40.10 24.32
C VAL C 213 -34.48 -38.80 24.88
N ASP C 214 -35.30 -38.10 24.09
CA ASP C 214 -35.86 -36.83 24.55
C ASP C 214 -36.62 -37.00 25.85
N THR C 215 -37.37 -38.10 25.97
CA THR C 215 -38.16 -38.35 27.18
C THR C 215 -37.27 -38.60 28.39
N VAL C 216 -36.21 -39.39 28.21
CA VAL C 216 -35.24 -39.58 29.30
C VAL C 216 -34.67 -38.23 29.75
N LEU C 217 -34.30 -37.38 28.80
CA LEU C 217 -33.76 -36.06 29.14
C LEU C 217 -34.77 -35.25 29.94
N LYS C 218 -36.05 -35.33 29.57
CA LYS C 218 -37.09 -34.68 30.37
C LYS C 218 -37.06 -35.16 31.80
N TYR C 219 -36.98 -36.49 32.00
CA TYR C 219 -36.95 -37.02 33.35
C TYR C 219 -35.66 -36.63 34.06
N MET C 220 -34.54 -36.63 33.33
CA MET C 220 -33.26 -36.24 33.89
C MET C 220 -33.34 -34.86 34.55
N ILE C 221 -33.95 -33.89 33.87
CA ILE C 221 -34.08 -32.55 34.44
C ILE C 221 -34.84 -32.61 35.76
N GLN C 222 -35.96 -33.34 35.78
CA GLN C 222 -36.75 -33.50 36.99
C GLN C 222 -35.97 -34.27 38.07
N TRP C 223 -35.24 -35.31 37.69
CA TRP C 223 -34.42 -36.04 38.66
C TRP C 223 -33.33 -35.15 39.24
N ILE C 224 -32.71 -34.32 38.39
CA ILE C 224 -31.72 -33.35 38.86
C ILE C 224 -32.34 -32.44 39.92
N GLN C 225 -33.57 -31.98 39.67
CA GLN C 225 -34.25 -31.14 40.64
C GLN C 225 -34.59 -31.91 41.91
N ASP C 226 -35.18 -33.10 41.78
CA ASP C 226 -35.55 -33.90 42.95
C ASP C 226 -34.38 -34.11 43.88
N ARG C 227 -33.18 -34.27 43.34
CA ARG C 227 -32.02 -34.62 44.13
C ARG C 227 -31.18 -33.42 44.50
N GLY C 228 -31.67 -32.21 44.23
CA GLY C 228 -30.93 -31.02 44.58
C GLY C 228 -29.64 -30.85 43.83
N LEU C 229 -29.57 -31.28 42.57
CA LEU C 229 -28.35 -31.18 41.80
C LEU C 229 -28.31 -29.94 40.91
N GLN C 230 -29.37 -29.13 40.88
CA GLN C 230 -29.30 -27.89 40.08
C GLN C 230 -28.18 -27.00 40.58
N GLN C 231 -27.88 -27.06 41.88
CA GLN C 231 -26.91 -26.12 42.44
C GLN C 231 -25.49 -26.44 42.03
N ASP C 232 -25.17 -27.70 41.73
CA ASP C 232 -23.75 -27.96 41.58
C ASP C 232 -23.41 -28.93 40.45
N LEU C 233 -24.29 -29.11 39.47
CA LEU C 233 -24.07 -30.08 38.41
C LEU C 233 -24.19 -29.39 37.06
N ASN C 234 -23.14 -29.47 36.26
CA ASN C 234 -23.25 -29.19 34.84
C ASN C 234 -23.51 -30.48 34.07
N VAL C 235 -24.35 -30.39 33.04
CA VAL C 235 -24.59 -31.46 32.11
C VAL C 235 -24.11 -31.01 30.74
N ILE C 236 -23.26 -31.81 30.11
CA ILE C 236 -22.78 -31.57 28.76
C ILE C 236 -23.24 -32.73 27.89
N LEU C 237 -23.82 -32.40 26.74
CA LEU C 237 -24.26 -33.39 25.77
C LEU C 237 -23.63 -33.09 24.43
N PHE C 238 -23.15 -34.13 23.74
CA PHE C 238 -22.60 -33.95 22.42
C PHE C 238 -22.65 -35.26 21.66
N SER C 239 -22.35 -35.19 20.38
CA SER C 239 -22.28 -36.35 19.50
C SER C 239 -20.93 -36.39 18.81
N ASP C 240 -20.60 -37.56 18.26
CA ASP C 240 -19.29 -37.74 17.64
C ASP C 240 -19.27 -37.44 16.15
N HIS C 241 -20.42 -37.39 15.49
CA HIS C 241 -20.55 -37.18 14.05
C HIS C 241 -22.04 -37.23 13.69
N GLY C 242 -22.37 -36.76 12.50
CA GLY C 242 -23.72 -36.90 11.99
C GLY C 242 -23.98 -38.20 11.24
N MET C 243 -24.71 -38.11 10.13
CA MET C 243 -25.19 -39.27 9.38
C MET C 243 -25.71 -38.79 8.04
N THR C 244 -25.50 -39.59 7.00
CA THR C 244 -25.95 -39.22 5.68
C THR C 244 -26.48 -40.46 4.94
N ASP C 245 -27.29 -40.22 3.93
CA ASP C 245 -27.86 -41.32 3.16
C ASP C 245 -26.76 -42.03 2.38
N ILE C 246 -26.85 -43.35 2.32
CA ILE C 246 -26.05 -44.13 1.38
C ILE C 246 -27.01 -44.88 0.46
N PHE C 247 -26.45 -45.47 -0.58
CA PHE C 247 -27.25 -45.98 -1.67
C PHE C 247 -26.62 -47.28 -2.20
N TRP C 248 -26.75 -48.34 -1.41
CA TRP C 248 -26.45 -49.69 -1.91
C TRP C 248 -27.48 -50.03 -2.99
N MET C 249 -27.08 -50.61 -4.12
CA MET C 249 -25.71 -51.03 -4.42
C MET C 249 -25.08 -50.17 -5.50
N ASP C 250 -25.89 -49.29 -6.10
CA ASP C 250 -25.39 -48.44 -7.17
C ASP C 250 -24.18 -47.62 -6.76
N LYS C 251 -24.11 -47.23 -5.48
CA LYS C 251 -23.01 -46.39 -5.02
C LYS C 251 -22.08 -47.16 -4.09
N VAL C 252 -21.80 -48.42 -4.45
CA VAL C 252 -20.78 -49.22 -3.80
C VAL C 252 -19.61 -49.34 -4.75
N ILE C 253 -18.41 -49.13 -4.23
CA ILE C 253 -17.16 -49.31 -4.96
C ILE C 253 -16.54 -50.61 -4.46
N GLU C 254 -16.37 -51.58 -5.37
CA GLU C 254 -15.80 -52.88 -5.06
C GLU C 254 -14.33 -52.87 -5.50
N LEU C 255 -13.41 -52.95 -4.53
CA LEU C 255 -12.00 -52.97 -4.89
C LEU C 255 -11.66 -54.14 -5.82
N SER C 256 -12.38 -55.26 -5.70
CA SER C 256 -12.09 -56.42 -6.54
C SER C 256 -12.48 -56.21 -8.00
N ASN C 257 -13.19 -55.12 -8.32
CA ASN C 257 -13.46 -54.78 -9.70
C ASN C 257 -12.32 -54.03 -10.38
N TYR C 258 -11.27 -53.70 -9.64
CA TYR C 258 -10.18 -52.91 -10.19
C TYR C 258 -8.82 -53.58 -9.96
N ILE C 259 -8.67 -54.28 -8.85
CA ILE C 259 -7.40 -54.86 -8.44
C ILE C 259 -7.65 -56.27 -7.94
N SER C 260 -6.58 -57.05 -7.86
CA SER C 260 -6.63 -58.36 -7.22
C SER C 260 -6.40 -58.19 -5.73
N LEU C 261 -7.33 -58.73 -4.93
CA LEU C 261 -7.22 -58.63 -3.48
C LEU C 261 -5.98 -59.36 -2.96
N ASP C 262 -5.50 -60.35 -3.70
CA ASP C 262 -4.27 -61.05 -3.34
C ASP C 262 -3.07 -60.13 -3.29
N ASP C 263 -3.17 -58.93 -3.87
CA ASP C 263 -2.09 -57.96 -3.87
C ASP C 263 -2.12 -57.03 -2.66
N LEU C 264 -3.06 -57.22 -1.74
CA LEU C 264 -3.16 -56.39 -0.55
C LEU C 264 -2.67 -57.19 0.66
N GLN C 265 -1.63 -56.67 1.32
CA GLN C 265 -1.19 -57.29 2.57
C GLN C 265 -2.25 -57.16 3.67
N GLN C 266 -3.04 -56.10 3.65
CA GLN C 266 -4.00 -55.84 4.72
C GLN C 266 -4.96 -54.76 4.28
N VAL C 267 -6.21 -54.89 4.73
CA VAL C 267 -7.26 -53.92 4.51
C VAL C 267 -7.94 -53.67 5.84
N LYS C 268 -8.30 -52.42 6.12
CA LYS C 268 -8.98 -52.09 7.37
C LYS C 268 -10.15 -51.17 7.07
N ASP C 269 -11.34 -51.61 7.52
CA ASP C 269 -12.63 -50.95 7.44
C ASP C 269 -13.25 -51.07 6.06
N ARG C 270 -14.54 -50.75 6.01
CA ARG C 270 -15.36 -50.74 4.81
C ARG C 270 -16.29 -49.55 4.94
N GLY C 271 -16.43 -48.78 3.88
CA GLY C 271 -17.26 -47.60 3.92
C GLY C 271 -16.53 -46.40 3.36
N PRO C 272 -16.64 -45.27 4.05
CA PRO C 272 -16.08 -44.03 3.48
C PRO C 272 -14.57 -43.92 3.57
N VAL C 273 -13.93 -44.49 4.60
CA VAL C 273 -12.49 -44.34 4.80
C VAL C 273 -11.88 -45.72 5.02
N VAL C 274 -11.11 -46.19 4.04
CA VAL C 274 -10.58 -47.55 4.04
C VAL C 274 -9.05 -47.47 3.95
N SER C 275 -8.37 -48.13 4.88
CA SER C 275 -6.91 -48.15 4.90
C SER C 275 -6.40 -49.39 4.18
N LEU C 276 -5.42 -49.21 3.28
CA LEU C 276 -4.85 -50.33 2.54
C LEU C 276 -3.33 -50.39 2.70
N TRP C 277 -2.81 -51.61 2.79
CA TRP C 277 -1.38 -51.88 2.80
C TRP C 277 -1.07 -52.84 1.64
N PRO C 278 -0.63 -52.33 0.49
CA PRO C 278 -0.26 -53.24 -0.61
C PRO C 278 0.88 -54.16 -0.22
N VAL C 279 0.92 -55.33 -0.86
CA VAL C 279 2.04 -56.25 -0.66
C VAL C 279 3.31 -55.59 -1.19
N PRO C 280 4.49 -56.05 -0.78
CA PRO C 280 5.72 -55.40 -1.25
C PRO C 280 5.88 -55.54 -2.75
N GLY C 281 6.22 -54.42 -3.40
CA GLY C 281 6.39 -54.38 -4.83
C GLY C 281 5.15 -54.04 -5.61
N LYS C 282 4.00 -53.96 -4.97
CA LYS C 282 2.74 -53.68 -5.65
C LYS C 282 2.17 -52.30 -5.35
N HIS C 283 2.90 -51.44 -4.63
CA HIS C 283 2.33 -50.16 -4.22
C HIS C 283 1.96 -49.30 -5.42
N SER C 284 2.89 -49.15 -6.36
CA SER C 284 2.63 -48.32 -7.54
C SER C 284 1.44 -48.84 -8.33
N GLU C 285 1.45 -50.15 -8.65
CA GLU C 285 0.38 -50.70 -9.47
C GLU C 285 -0.98 -50.49 -8.83
N ILE C 286 -1.09 -50.80 -7.54
CA ILE C 286 -2.37 -50.65 -6.83
C ILE C 286 -2.79 -49.18 -6.83
N TYR C 287 -1.86 -48.28 -6.54
CA TYR C 287 -2.18 -46.86 -6.46
C TYR C 287 -2.69 -46.34 -7.79
N HIS C 288 -1.90 -46.53 -8.86
CA HIS C 288 -2.29 -46.00 -10.16
C HIS C 288 -3.63 -46.58 -10.62
N LYS C 289 -3.86 -47.87 -10.38
CA LYS C 289 -5.14 -48.46 -10.76
C LYS C 289 -6.29 -47.88 -9.95
N LEU C 290 -6.13 -47.76 -8.62
CA LEU C 290 -7.24 -47.22 -7.84
C LEU C 290 -7.47 -45.73 -8.11
N ARG C 291 -6.42 -44.99 -8.52
CA ARG C 291 -6.58 -43.58 -8.85
C ARG C 291 -7.60 -43.34 -9.98
N THR C 292 -7.82 -44.33 -10.84
CA THR C 292 -8.78 -44.17 -11.93
C THR C 292 -10.22 -44.33 -11.50
N VAL C 293 -10.48 -44.69 -10.25
CA VAL C 293 -11.85 -44.97 -9.80
C VAL C 293 -12.53 -43.65 -9.44
N GLU C 294 -13.74 -43.46 -9.94
CA GLU C 294 -14.47 -42.24 -9.65
C GLU C 294 -15.20 -42.37 -8.31
N HIS C 295 -15.59 -41.21 -7.76
CA HIS C 295 -16.38 -41.11 -6.54
C HIS C 295 -15.61 -41.56 -5.30
N MET C 296 -14.28 -41.65 -5.40
CA MET C 296 -13.42 -41.76 -4.25
C MET C 296 -12.07 -41.16 -4.62
N THR C 297 -11.28 -40.86 -3.61
CA THR C 297 -9.92 -40.34 -3.78
C THR C 297 -8.95 -41.26 -3.05
N VAL C 298 -7.80 -41.51 -3.67
CA VAL C 298 -6.80 -42.42 -3.14
C VAL C 298 -5.56 -41.61 -2.77
N TYR C 299 -5.24 -41.57 -1.47
CA TYR C 299 -4.14 -40.74 -1.00
C TYR C 299 -2.98 -41.60 -0.55
N GLU C 300 -1.78 -41.29 -1.05
CA GLU C 300 -0.58 -41.67 -0.34
C GLU C 300 -0.47 -40.83 0.92
N LYS C 301 0.17 -41.41 1.95
CA LYS C 301 0.16 -40.80 3.28
C LYS C 301 0.56 -39.33 3.24
N GLU C 302 1.67 -39.01 2.56
CA GLU C 302 2.11 -37.62 2.61
C GLU C 302 1.27 -36.69 1.75
N SER C 303 0.31 -37.20 0.97
CA SER C 303 -0.56 -36.34 0.18
C SER C 303 -1.96 -36.19 0.77
N ILE C 304 -2.25 -36.85 1.89
CA ILE C 304 -3.49 -36.66 2.62
C ILE C 304 -3.66 -35.16 2.91
N PRO C 305 -4.84 -34.59 2.70
CA PRO C 305 -4.99 -33.13 2.88
C PRO C 305 -4.64 -32.72 4.29
N ASN C 306 -3.80 -31.69 4.40
CA ASN C 306 -3.36 -31.18 5.70
C ASN C 306 -4.54 -30.84 6.61
N ARG C 307 -5.64 -30.35 6.03
CA ARG C 307 -6.77 -29.90 6.83
C ARG C 307 -7.44 -31.03 7.61
N PHE C 308 -7.15 -32.29 7.27
CA PHE C 308 -7.77 -33.39 8.01
C PHE C 308 -7.11 -33.60 9.37
N TYR C 309 -5.92 -33.04 9.58
CA TYR C 309 -5.11 -33.31 10.76
C TYR C 309 -5.09 -34.80 11.07
N TYR C 310 -4.69 -35.57 10.08
CA TYR C 310 -4.79 -37.03 10.10
C TYR C 310 -3.51 -37.72 9.64
N LYS C 311 -2.80 -37.15 8.65
CA LYS C 311 -1.72 -37.84 7.95
C LYS C 311 -0.51 -38.15 8.82
N LYS C 312 -0.33 -37.46 9.94
CA LYS C 312 0.83 -37.73 10.80
C LYS C 312 0.61 -38.89 11.75
N GLY C 313 -0.59 -39.46 11.79
CA GLY C 313 -0.82 -40.58 12.69
C GLY C 313 0.06 -41.77 12.34
N LYS C 314 0.63 -42.38 13.38
CA LYS C 314 1.59 -43.44 13.13
C LYS C 314 0.93 -44.70 12.57
N PHE C 315 -0.37 -44.89 12.79
CA PHE C 315 -1.03 -46.08 12.25
C PHE C 315 -1.66 -45.83 10.88
N VAL C 316 -1.57 -44.61 10.35
CA VAL C 316 -2.11 -44.33 9.03
C VAL C 316 -1.42 -45.20 7.98
N SER C 317 -2.21 -45.74 7.08
CA SER C 317 -1.75 -46.75 6.14
C SER C 317 -1.05 -46.11 4.95
N PRO C 318 -0.26 -46.89 4.21
CA PRO C 318 0.39 -46.33 3.00
C PRO C 318 -0.61 -45.72 2.03
N LEU C 319 -1.75 -46.36 1.83
CA LEU C 319 -2.80 -45.84 0.96
C LEU C 319 -4.08 -45.68 1.76
N THR C 320 -4.72 -44.52 1.64
CA THR C 320 -5.99 -44.27 2.31
C THR C 320 -7.03 -43.86 1.28
N LEU C 321 -8.14 -44.57 1.27
CA LEU C 321 -9.24 -44.31 0.33
C LEU C 321 -10.35 -43.57 1.05
N VAL C 322 -10.83 -42.48 0.43
CA VAL C 322 -11.87 -41.64 0.99
C VAL C 322 -12.97 -41.54 -0.05
N ALA C 323 -14.13 -42.11 0.24
CA ALA C 323 -15.23 -42.07 -0.70
C ALA C 323 -15.91 -40.71 -0.67
N ASP C 324 -16.50 -40.33 -1.80
CA ASP C 324 -17.37 -39.17 -1.84
C ASP C 324 -18.65 -39.46 -1.06
N GLU C 325 -19.27 -38.40 -0.55
CA GLU C 325 -20.49 -38.54 0.25
C GLU C 325 -21.52 -39.41 -0.48
N GLY C 326 -22.10 -40.37 0.25
CA GLY C 326 -23.07 -41.29 -0.29
C GLY C 326 -22.49 -42.58 -0.84
N TRP C 327 -21.20 -42.61 -1.14
CA TRP C 327 -20.58 -43.79 -1.68
C TRP C 327 -20.01 -44.66 -0.55
N PHE C 328 -19.67 -45.90 -0.90
CA PHE C 328 -19.31 -46.92 0.09
C PHE C 328 -18.28 -47.85 -0.52
N ILE C 329 -17.12 -47.97 0.11
CA ILE C 329 -16.03 -48.82 -0.38
C ILE C 329 -16.03 -50.14 0.37
N ALA C 330 -15.90 -51.24 -0.36
CA ALA C 330 -15.67 -52.55 0.24
C ALA C 330 -14.84 -53.39 -0.71
N GLU C 331 -14.32 -54.51 -0.19
CA GLU C 331 -13.60 -55.44 -1.05
C GLU C 331 -14.50 -55.96 -2.16
N SER C 332 -15.75 -56.27 -1.83
CA SER C 332 -16.75 -56.74 -2.78
C SER C 332 -18.10 -56.60 -2.10
N ARG C 333 -19.17 -56.63 -2.90
CA ARG C 333 -20.51 -56.54 -2.35
C ARG C 333 -20.75 -57.57 -1.27
N GLU C 334 -20.05 -58.70 -1.34
CA GLU C 334 -20.23 -59.80 -0.38
C GLU C 334 -19.71 -59.44 1.00
N MET C 335 -18.72 -58.56 1.08
CA MET C 335 -18.09 -58.18 2.35
C MET C 335 -18.77 -57.01 3.03
N LEU C 336 -19.85 -56.49 2.45
CA LEU C 336 -20.55 -55.35 3.02
C LEU C 336 -21.15 -55.70 4.37
N PRO C 337 -21.26 -54.64 5.38
CA PRO C 337 -21.86 -54.90 6.70
C PRO C 337 -23.39 -54.96 6.66
N PHE C 338 -23.91 -56.06 6.12
CA PHE C 338 -25.33 -56.31 6.20
C PHE C 338 -25.73 -56.50 7.66
N TRP C 339 -26.96 -56.10 7.99
CA TRP C 339 -27.38 -56.15 9.38
C TRP C 339 -28.51 -57.15 9.56
N MET C 340 -28.64 -57.63 10.79
CA MET C 340 -29.61 -58.67 11.15
C MET C 340 -31.00 -58.05 11.24
N ASN C 341 -31.64 -57.92 10.09
CA ASN C 341 -33.03 -57.48 10.06
C ASN C 341 -33.99 -58.66 10.07
N SER C 342 -33.50 -59.90 10.18
CA SER C 342 -34.36 -61.08 10.07
C SER C 342 -33.99 -62.10 11.13
N THR C 343 -34.75 -63.20 11.10
CA THR C 343 -34.36 -64.42 11.80
C THR C 343 -33.21 -65.12 11.07
N GLY C 344 -33.19 -64.99 9.74
CA GLY C 344 -32.04 -65.42 8.96
C GLY C 344 -30.77 -64.67 9.35
N LYS C 345 -29.80 -64.58 8.45
CA LYS C 345 -28.53 -63.97 8.80
C LYS C 345 -28.14 -62.88 7.82
N ARG C 346 -28.26 -61.63 8.26
CA ARG C 346 -27.58 -60.47 7.67
C ARG C 346 -27.91 -60.32 6.18
N GLU C 347 -29.17 -59.97 5.95
CA GLU C 347 -29.59 -59.53 4.63
C GLU C 347 -29.82 -58.04 4.57
N GLY C 348 -30.02 -57.39 5.71
CA GLY C 348 -30.36 -55.99 5.78
C GLY C 348 -29.35 -55.10 5.08
N TRP C 349 -29.85 -54.24 4.19
CA TRP C 349 -29.02 -53.22 3.59
C TRP C 349 -28.93 -52.01 4.52
N GLN C 350 -27.75 -51.40 4.60
CA GLN C 350 -27.58 -50.16 5.34
C GLN C 350 -28.09 -49.00 4.48
N ARG C 351 -28.78 -48.07 5.11
CA ARG C 351 -29.33 -46.92 4.43
C ARG C 351 -28.66 -45.60 4.83
N GLY C 352 -27.88 -45.58 5.91
CA GLY C 352 -27.16 -44.38 6.30
C GLY C 352 -25.80 -44.71 6.87
N TRP C 353 -24.87 -43.77 6.74
CA TRP C 353 -23.50 -44.01 7.19
C TRP C 353 -22.80 -42.66 7.43
N HIS C 354 -21.57 -42.75 7.91
CA HIS C 354 -20.78 -41.58 8.27
C HIS C 354 -19.32 -41.99 8.20
N GLY C 355 -18.44 -40.99 8.24
CA GLY C 355 -17.02 -41.27 8.12
C GLY C 355 -16.36 -40.38 7.09
N TYR C 356 -17.21 -39.81 6.22
CA TYR C 356 -16.77 -38.96 5.14
C TYR C 356 -16.08 -37.70 5.66
N ASP C 357 -15.55 -36.93 4.70
CA ASP C 357 -15.06 -35.56 4.88
C ASP C 357 -15.74 -34.86 6.05
N ASN C 358 -14.96 -34.46 7.04
CA ASN C 358 -15.57 -33.99 8.27
C ASN C 358 -16.19 -32.61 8.14
N GLU C 359 -15.93 -31.89 7.04
CA GLU C 359 -16.54 -30.58 6.81
C GLU C 359 -17.88 -30.67 6.08
N LEU C 360 -18.31 -31.86 5.69
CA LEU C 360 -19.61 -32.02 5.06
C LEU C 360 -20.74 -31.70 6.05
N MET C 361 -21.82 -31.10 5.52
CA MET C 361 -22.92 -30.67 6.38
C MET C 361 -23.51 -31.85 7.15
N ASP C 362 -23.82 -32.95 6.45
CA ASP C 362 -24.48 -34.08 7.07
C ASP C 362 -23.62 -34.74 8.17
N MET C 363 -22.32 -34.50 8.21
CA MET C 363 -21.49 -35.09 9.24
C MET C 363 -21.45 -34.28 10.53
N ARG C 364 -22.06 -33.09 10.54
CA ARG C 364 -22.11 -32.25 11.74
C ARG C 364 -22.80 -32.98 12.88
N GLY C 365 -22.30 -32.75 14.11
CA GLY C 365 -22.92 -33.24 15.31
C GLY C 365 -23.52 -32.15 16.17
N ILE C 366 -23.69 -32.43 17.46
CA ILE C 366 -24.33 -31.50 18.39
C ILE C 366 -23.45 -31.20 19.59
N PHE C 367 -23.71 -30.04 20.21
CA PHE C 367 -23.20 -29.75 21.55
C PHE C 367 -24.22 -28.90 22.27
N LEU C 368 -24.57 -29.32 23.50
CA LEU C 368 -25.47 -28.59 24.40
C LEU C 368 -24.92 -28.71 25.82
N ALA C 369 -25.20 -27.70 26.65
CA ALA C 369 -24.77 -27.74 28.04
C ALA C 369 -25.74 -26.93 28.89
N ILE C 370 -25.89 -27.35 30.14
CA ILE C 370 -26.80 -26.69 31.09
C ILE C 370 -26.24 -26.89 32.48
N GLY C 371 -26.32 -25.83 33.29
CA GLY C 371 -25.86 -25.88 34.64
C GLY C 371 -25.27 -24.57 35.10
N PRO C 372 -24.75 -24.56 36.32
CA PRO C 372 -24.29 -23.29 36.94
C PRO C 372 -23.23 -22.53 36.15
N ASP C 373 -22.32 -23.20 35.45
CA ASP C 373 -21.26 -22.49 34.73
C ASP C 373 -21.69 -22.08 33.32
N PHE C 374 -22.90 -22.42 32.90
CA PHE C 374 -23.33 -22.18 31.54
C PHE C 374 -24.45 -21.16 31.50
N LYS C 375 -24.49 -20.39 30.42
CA LYS C 375 -25.57 -19.42 30.20
C LYS C 375 -26.90 -20.12 29.94
N SER C 376 -27.99 -19.36 30.02
CA SER C 376 -29.33 -19.86 29.76
C SER C 376 -29.86 -19.28 28.45
N ASN C 377 -30.52 -20.14 27.66
CA ASN C 377 -31.19 -19.72 26.43
C ASN C 377 -30.21 -19.04 25.48
N PHE C 378 -29.02 -19.63 25.36
CA PHE C 378 -27.91 -19.03 24.64
C PHE C 378 -27.60 -19.89 23.43
N ARG C 379 -27.71 -19.30 22.24
CA ARG C 379 -27.42 -19.96 20.97
C ARG C 379 -25.98 -19.62 20.58
N ALA C 380 -25.10 -20.60 20.76
CA ALA C 380 -23.68 -20.39 20.51
C ALA C 380 -23.35 -20.67 19.05
N ALA C 381 -22.28 -20.04 18.57
CA ALA C 381 -21.75 -20.30 17.24
C ALA C 381 -21.17 -21.71 17.17
N PRO C 382 -21.03 -22.27 15.97
CA PRO C 382 -20.49 -23.64 15.84
C PRO C 382 -19.11 -23.75 16.44
N ILE C 383 -18.79 -24.95 16.91
CA ILE C 383 -17.47 -25.25 17.45
C ILE C 383 -16.97 -26.57 16.85
N ARG C 384 -15.69 -26.83 17.06
CA ARG C 384 -15.05 -28.02 16.55
C ARG C 384 -14.96 -29.08 17.64
N SER C 385 -14.85 -30.33 17.22
CA SER C 385 -14.79 -31.43 18.18
C SER C 385 -13.64 -31.25 19.15
N VAL C 386 -12.46 -30.82 18.66
CA VAL C 386 -11.32 -30.58 19.54
C VAL C 386 -11.56 -29.47 20.57
N ASP C 387 -12.59 -28.63 20.39
CA ASP C 387 -12.86 -27.53 21.32
C ASP C 387 -13.55 -27.98 22.60
N VAL C 388 -14.14 -29.17 22.63
CA VAL C 388 -15.01 -29.55 23.73
C VAL C 388 -14.21 -29.79 25.02
N TYR C 389 -13.00 -30.33 24.86
CA TYR C 389 -12.17 -30.76 25.99
C TYR C 389 -11.87 -29.60 26.94
N ASN C 390 -11.50 -28.45 26.39
CA ASN C 390 -11.27 -27.27 27.24
C ASN C 390 -12.49 -26.93 28.07
N ILE C 391 -13.69 -27.09 27.51
CA ILE C 391 -14.91 -26.79 28.25
C ILE C 391 -15.08 -27.77 29.41
N MET C 392 -14.97 -29.06 29.11
CA MET C 392 -15.10 -30.08 30.15
C MET C 392 -14.07 -29.86 31.25
N ALA C 393 -12.81 -29.68 30.87
CA ALA C 393 -11.77 -29.51 31.88
C ALA C 393 -12.05 -28.26 32.70
N HIS C 394 -12.51 -27.18 32.03
CA HIS C 394 -12.77 -25.93 32.74
C HIS C 394 -13.82 -26.12 33.82
N VAL C 395 -14.99 -26.66 33.47
CA VAL C 395 -16.06 -26.77 34.47
C VAL C 395 -15.88 -27.95 35.42
N ALA C 396 -14.97 -28.89 35.12
CA ALA C 396 -14.59 -29.87 36.11
C ALA C 396 -13.49 -29.35 37.04
N GLY C 397 -12.98 -28.15 36.82
CA GLY C 397 -12.03 -27.56 37.73
C GLY C 397 -10.65 -28.16 37.66
N ILE C 398 -10.22 -28.59 36.48
CA ILE C 398 -8.89 -29.15 36.30
C ILE C 398 -8.22 -28.48 35.12
N THR C 399 -6.91 -28.39 35.19
CA THR C 399 -6.13 -27.76 34.14
C THR C 399 -6.10 -28.68 32.92
N PRO C 400 -6.54 -28.23 31.75
CA PRO C 400 -6.45 -29.08 30.56
C PRO C 400 -5.01 -29.28 30.13
N LEU C 401 -4.71 -30.49 29.66
CA LEU C 401 -3.43 -30.71 29.01
C LEU C 401 -3.40 -29.93 27.68
N PRO C 402 -2.22 -29.53 27.22
CA PRO C 402 -2.16 -28.79 25.95
C PRO C 402 -2.85 -29.58 24.84
N ASN C 403 -3.64 -28.87 24.03
CA ASN C 403 -4.48 -29.53 23.04
C ASN C 403 -4.70 -28.58 21.87
N ASN C 404 -5.49 -29.04 20.89
CA ASN C 404 -5.75 -28.28 19.68
C ASN C 404 -7.05 -27.50 19.73
N GLY C 405 -7.79 -27.55 20.83
CA GLY C 405 -9.00 -26.76 20.94
C GLY C 405 -8.71 -25.27 20.97
N SER C 406 -9.73 -24.48 20.67
CA SER C 406 -9.64 -23.02 20.70
C SER C 406 -10.55 -22.50 21.80
N TRP C 407 -9.95 -21.88 22.81
CA TRP C 407 -10.76 -21.29 23.87
C TRP C 407 -11.62 -20.14 23.35
N SER C 408 -11.05 -19.32 22.46
CA SER C 408 -11.80 -18.20 21.87
C SER C 408 -13.10 -18.66 21.20
N ARG C 409 -13.13 -19.89 20.69
CA ARG C 409 -14.34 -20.36 20.01
C ARG C 409 -15.45 -20.79 20.97
N VAL C 410 -15.15 -21.03 22.24
CA VAL C 410 -16.14 -21.56 23.17
C VAL C 410 -16.46 -20.63 24.33
N VAL C 411 -15.62 -19.63 24.60
CA VAL C 411 -15.64 -18.97 25.90
C VAL C 411 -16.96 -18.24 26.16
N SER C 412 -17.65 -17.81 25.11
CA SER C 412 -18.83 -16.99 25.37
C SER C 412 -20.04 -17.81 25.79
N MET C 413 -19.97 -19.14 25.75
CA MET C 413 -21.07 -19.92 26.31
C MET C 413 -21.01 -20.04 27.83
N LEU C 414 -19.86 -19.74 28.44
CA LEU C 414 -19.69 -19.85 29.88
C LEU C 414 -20.14 -18.58 30.59
N LYS C 415 -20.71 -18.74 31.77
CA LYS C 415 -21.06 -17.59 32.58
C LYS C 415 -19.81 -16.86 33.07
N ARG D 24 17.90 28.09 -40.93
CA ARG D 24 16.56 27.88 -40.37
C ARG D 24 15.92 29.17 -39.85
N LYS D 25 14.60 29.19 -39.83
CA LYS D 25 13.85 30.29 -39.24
C LYS D 25 13.72 30.09 -37.74
N LEU D 26 13.51 31.19 -37.02
CA LEU D 26 13.49 31.21 -35.56
C LEU D 26 12.30 31.99 -35.05
N LEU D 27 11.51 31.39 -34.16
CA LEU D 27 10.46 32.06 -33.39
C LEU D 27 10.81 31.94 -31.92
N VAL D 28 10.84 33.06 -31.22
CA VAL D 28 11.19 33.13 -29.79
C VAL D 28 9.98 33.70 -29.04
N LEU D 29 9.60 33.03 -27.95
CA LEU D 29 8.47 33.43 -27.12
C LEU D 29 8.99 33.67 -25.71
N LEU D 30 8.86 34.89 -25.22
CA LEU D 30 9.21 35.22 -23.85
C LEU D 30 7.92 35.31 -23.05
N LEU D 31 7.73 34.38 -22.11
CA LEU D 31 6.53 34.33 -21.28
C LEU D 31 6.92 34.86 -19.91
N ASP D 32 6.62 36.13 -19.66
CA ASP D 32 7.10 36.81 -18.47
C ASP D 32 6.61 36.13 -17.20
N GLY D 33 7.49 36.03 -16.20
CA GLY D 33 7.09 35.56 -14.89
C GLY D 33 6.69 34.11 -14.84
N PHE D 34 7.17 33.28 -15.77
CA PHE D 34 6.79 31.87 -15.88
C PHE D 34 7.77 31.05 -15.03
N ARG D 35 7.32 30.65 -13.84
CA ARG D 35 8.16 29.95 -12.89
C ARG D 35 8.36 28.50 -13.33
N SER D 36 9.55 27.97 -13.00
CA SER D 36 9.96 26.64 -13.44
C SER D 36 8.89 25.58 -13.14
N ASP D 37 8.33 25.60 -11.94
CA ASP D 37 7.42 24.53 -11.54
C ASP D 37 6.00 24.72 -12.03
N TYR D 38 5.71 25.79 -12.81
CA TYR D 38 4.39 25.90 -13.44
C TYR D 38 4.14 24.79 -14.44
N ILE D 39 5.20 24.18 -14.98
CA ILE D 39 5.07 23.06 -15.89
C ILE D 39 5.73 21.83 -15.28
N SER D 40 5.53 21.64 -13.98
CA SER D 40 5.91 20.38 -13.33
C SER D 40 5.13 19.23 -13.96
N GLU D 41 5.57 18.01 -13.65
CA GLU D 41 4.94 16.83 -14.24
C GLU D 41 3.43 16.82 -13.96
N ASP D 42 3.04 17.17 -12.73
CA ASP D 42 1.61 17.17 -12.41
C ASP D 42 0.87 18.26 -13.18
N ALA D 43 1.50 19.42 -13.34
CA ALA D 43 0.86 20.50 -14.10
C ALA D 43 0.66 20.10 -15.56
N LEU D 44 1.64 19.39 -16.14
CA LEU D 44 1.58 19.04 -17.56
C LEU D 44 0.40 18.15 -17.90
N ALA D 45 -0.15 17.41 -16.93
CA ALA D 45 -1.27 16.53 -17.21
C ALA D 45 -2.50 17.29 -17.68
N SER D 46 -2.60 18.59 -17.40
CA SER D 46 -3.72 19.40 -17.86
C SER D 46 -3.28 20.51 -18.79
N LEU D 47 -2.05 20.40 -19.34
CA LEU D 47 -1.49 21.38 -20.26
C LEU D 47 -1.10 20.67 -21.55
N PRO D 48 -2.09 20.37 -22.41
CA PRO D 48 -1.78 19.64 -23.65
C PRO D 48 -0.84 20.39 -24.59
N GLY D 49 -0.94 21.71 -24.67
CA GLY D 49 0.00 22.48 -25.46
C GLY D 49 1.45 22.27 -25.04
N PHE D 50 1.75 22.54 -23.76
CA PHE D 50 3.12 22.36 -23.28
C PHE D 50 3.53 20.90 -23.35
N ARG D 51 2.61 19.98 -23.06
CA ARG D 51 2.96 18.57 -23.03
C ARG D 51 3.43 18.11 -24.41
N GLU D 52 2.81 18.63 -25.47
CA GLU D 52 3.24 18.26 -26.81
C GLU D 52 4.59 18.86 -27.15
N ILE D 53 4.87 20.08 -26.68
CA ILE D 53 6.18 20.68 -26.90
C ILE D 53 7.25 19.88 -26.17
N VAL D 54 6.96 19.49 -24.93
CA VAL D 54 7.88 18.65 -24.16
C VAL D 54 8.10 17.31 -24.86
N ASN D 55 7.02 16.67 -25.30
CA ASN D 55 7.13 15.33 -25.85
C ASN D 55 7.86 15.32 -27.19
N ARG D 56 7.79 16.40 -27.96
CA ARG D 56 8.41 16.44 -29.27
C ARG D 56 9.63 17.34 -29.30
N GLY D 57 10.05 17.84 -28.15
CA GLY D 57 11.15 18.81 -28.10
C GLY D 57 11.96 18.71 -26.83
N VAL D 58 12.46 19.85 -26.40
CA VAL D 58 13.46 19.96 -25.36
C VAL D 58 12.91 20.83 -24.24
N LYS D 59 13.15 20.40 -23.01
CA LYS D 59 12.81 21.22 -21.84
C LYS D 59 13.92 21.07 -20.83
N VAL D 60 14.46 22.20 -20.36
CA VAL D 60 15.43 22.15 -19.28
C VAL D 60 14.67 22.10 -17.96
N ASP D 61 15.28 21.48 -16.94
CA ASP D 61 14.56 21.34 -15.68
C ASP D 61 14.15 22.70 -15.11
N TYR D 62 15.02 23.71 -15.25
CA TYR D 62 14.69 25.08 -14.89
C TYR D 62 15.77 25.99 -15.45
N LEU D 63 15.45 27.29 -15.55
CA LEU D 63 16.35 28.31 -16.06
C LEU D 63 16.67 29.27 -14.92
N THR D 64 17.94 29.37 -14.56
CA THR D 64 18.32 30.29 -13.48
C THR D 64 18.54 31.70 -14.02
N PRO D 65 17.78 32.69 -13.55
CA PRO D 65 17.90 34.05 -14.09
C PRO D 65 19.16 34.73 -13.56
N ASP D 66 19.42 35.91 -14.11
CA ASP D 66 20.48 36.80 -13.66
C ASP D 66 20.01 37.57 -12.43
N PHE D 67 20.97 38.04 -11.64
CA PHE D 67 20.61 38.99 -10.58
C PHE D 67 20.62 40.40 -11.16
N PRO D 68 19.60 41.21 -10.84
CA PRO D 68 18.42 40.91 -10.02
C PRO D 68 17.38 40.20 -10.84
N SER D 69 16.54 39.36 -10.24
CA SER D 69 15.55 38.65 -11.04
C SER D 69 14.37 39.55 -11.41
N LEU D 70 14.66 40.72 -11.99
CA LEU D 70 13.66 41.63 -12.50
C LEU D 70 13.59 41.52 -14.02
N SER D 71 12.60 42.18 -14.62
CA SER D 71 12.31 41.98 -16.04
C SER D 71 13.35 42.63 -16.96
N TYR D 72 13.40 43.96 -17.00
CA TYR D 72 14.31 44.61 -17.94
C TYR D 72 15.76 44.12 -17.82
N PRO D 73 16.35 43.91 -16.62
CA PRO D 73 17.67 43.29 -16.58
C PRO D 73 17.72 41.96 -17.31
N ASN D 74 16.74 41.08 -17.09
CA ASN D 74 16.86 39.74 -17.66
C ASN D 74 16.46 39.68 -19.13
N TYR D 75 15.63 40.62 -19.60
CA TYR D 75 15.43 40.75 -21.05
C TYR D 75 16.76 40.85 -21.76
N TYR D 76 17.65 41.68 -21.23
CA TYR D 76 18.92 41.94 -21.89
C TYR D 76 19.92 40.83 -21.64
N THR D 77 19.89 40.21 -20.46
CA THR D 77 20.69 39.01 -20.26
C THR D 77 20.34 37.95 -21.32
N LEU D 78 19.05 37.64 -21.45
CA LEU D 78 18.60 36.64 -22.41
C LEU D 78 19.07 36.96 -23.83
N MET D 79 19.01 38.22 -24.22
CA MET D 79 19.29 38.58 -25.61
C MET D 79 20.73 39.03 -25.84
N THR D 80 21.60 38.98 -24.82
CA THR D 80 23.02 39.25 -25.00
C THR D 80 23.95 38.12 -24.57
N GLY D 81 23.50 37.21 -23.69
CA GLY D 81 24.39 36.21 -23.13
C GLY D 81 25.34 36.76 -22.11
N ARG D 82 25.11 37.99 -21.65
CA ARG D 82 26.03 38.70 -20.77
C ARG D 82 25.31 39.05 -19.48
N HIS D 83 26.07 39.06 -18.39
CA HIS D 83 25.51 39.44 -17.11
C HIS D 83 25.19 40.95 -17.09
N CYS D 84 24.34 41.34 -16.13
CA CYS D 84 23.82 42.71 -16.10
C CYS D 84 24.93 43.73 -15.94
N GLU D 85 25.98 43.41 -15.17
CA GLU D 85 27.11 44.32 -15.01
C GLU D 85 27.88 44.53 -16.30
N VAL D 86 27.68 43.68 -17.28
CA VAL D 86 28.29 43.83 -18.60
C VAL D 86 27.37 44.57 -19.57
N HIS D 87 26.11 44.13 -19.71
CA HIS D 87 25.23 44.82 -20.65
C HIS D 87 24.66 46.11 -20.07
N GLN D 88 24.86 46.36 -18.77
CA GLN D 88 24.65 47.61 -18.05
C GLN D 88 23.19 47.83 -17.64
N MET D 89 22.25 47.00 -18.08
CA MET D 89 20.85 47.19 -17.69
C MET D 89 20.62 46.49 -16.36
N ILE D 90 21.00 47.19 -15.28
CA ILE D 90 21.06 46.56 -13.96
C ILE D 90 19.78 46.70 -13.15
N GLY D 91 18.80 47.46 -13.65
CA GLY D 91 17.56 47.64 -12.92
C GLY D 91 16.41 47.91 -13.85
N ASN D 92 15.20 47.65 -13.33
CA ASN D 92 13.98 48.18 -13.92
C ASN D 92 13.95 49.70 -13.81
N TYR D 93 14.61 50.25 -12.79
CA TYR D 93 14.67 51.68 -12.55
C TYR D 93 16.13 52.04 -12.36
N MET D 94 16.63 52.98 -13.16
CA MET D 94 18.02 53.39 -13.13
C MET D 94 18.12 54.92 -13.15
N TRP D 95 19.22 55.43 -12.60
CA TRP D 95 19.46 56.87 -12.59
C TRP D 95 20.90 57.12 -13.01
N ASP D 96 21.09 58.11 -13.89
CA ASP D 96 22.44 58.53 -14.28
C ASP D 96 22.72 59.89 -13.66
N PRO D 97 23.52 59.97 -12.59
CA PRO D 97 23.73 61.26 -11.91
C PRO D 97 24.43 62.29 -12.78
N ARG D 98 25.21 61.85 -13.77
CA ARG D 98 25.94 62.79 -14.61
C ARG D 98 24.99 63.63 -15.46
N THR D 99 23.88 63.04 -15.91
CA THR D 99 22.91 63.75 -16.74
C THR D 99 21.59 64.02 -16.04
N ASN D 100 21.38 63.47 -14.85
CA ASN D 100 20.09 63.56 -14.15
C ASN D 100 18.95 63.03 -15.03
N LYS D 101 19.22 61.95 -15.75
CA LYS D 101 18.21 61.26 -16.54
C LYS D 101 17.87 59.93 -15.89
N SER D 102 16.61 59.52 -16.05
CA SER D 102 16.12 58.29 -15.45
C SER D 102 15.65 57.31 -16.51
N PHE D 103 15.84 56.02 -16.23
CA PHE D 103 15.16 54.91 -16.91
C PHE D 103 14.13 54.40 -15.89
N ASP D 104 12.87 54.73 -16.10
CA ASP D 104 11.79 54.39 -15.17
C ASP D 104 10.92 53.31 -15.80
N ILE D 105 11.42 52.06 -15.73
CA ILE D 105 10.81 50.84 -16.25
C ILE D 105 10.19 51.06 -17.62
N GLY D 106 10.93 51.74 -18.50
CA GLY D 106 10.54 51.88 -19.89
C GLY D 106 9.41 52.86 -20.17
N VAL D 107 8.85 53.50 -19.15
CA VAL D 107 7.68 54.33 -19.34
C VAL D 107 8.04 55.74 -19.77
N ASN D 108 8.94 56.40 -19.05
CA ASN D 108 9.24 57.79 -19.38
C ASN D 108 10.03 57.89 -20.68
N ARG D 109 9.94 59.06 -21.33
CA ARG D 109 10.55 59.20 -22.64
C ARG D 109 12.05 58.98 -22.61
N ASP D 110 12.72 59.35 -21.51
CA ASP D 110 14.17 59.16 -21.44
C ASP D 110 14.55 57.68 -21.43
N SER D 111 13.62 56.79 -21.16
CA SER D 111 13.91 55.36 -21.28
C SER D 111 14.31 54.99 -22.70
N LEU D 112 13.93 55.80 -23.71
CA LEU D 112 14.31 55.57 -25.10
C LEU D 112 15.73 56.03 -25.43
N MET D 113 16.40 56.72 -24.53
CA MET D 113 17.78 57.15 -24.79
C MET D 113 18.68 55.93 -24.97
N PRO D 114 19.46 55.86 -26.05
CA PRO D 114 20.37 54.72 -26.22
C PRO D 114 21.37 54.56 -25.09
N LEU D 115 21.59 55.60 -24.29
CA LEU D 115 22.39 55.53 -23.06
C LEU D 115 22.12 54.27 -22.26
N TRP D 116 20.85 53.90 -22.11
CA TRP D 116 20.49 52.77 -21.25
C TRP D 116 20.67 51.43 -21.93
N TRP D 117 20.85 51.45 -23.26
CA TRP D 117 20.79 50.26 -24.08
C TRP D 117 22.09 49.94 -24.80
N ASN D 118 23.02 50.89 -24.90
CA ASN D 118 24.18 50.68 -25.74
C ASN D 118 25.31 49.94 -24.99
N GLY D 119 25.03 49.41 -23.81
CA GLY D 119 26.06 48.72 -23.02
C GLY D 119 26.46 47.38 -23.58
N SER D 120 25.65 46.79 -24.45
CA SER D 120 25.99 45.59 -25.20
C SER D 120 25.01 45.44 -26.35
N GLU D 121 25.44 44.80 -27.41
CA GLU D 121 24.58 44.61 -28.58
C GLU D 121 23.67 43.41 -28.39
N PRO D 122 22.36 43.58 -28.36
CA PRO D 122 21.45 42.43 -28.27
C PRO D 122 21.29 41.74 -29.62
N LEU D 123 20.78 40.50 -29.55
CA LEU D 123 20.83 39.61 -30.71
C LEU D 123 20.05 40.16 -31.90
N TRP D 124 18.92 40.82 -31.66
CA TRP D 124 18.16 41.31 -32.82
C TRP D 124 18.91 42.41 -33.57
N ILE D 125 19.79 43.15 -32.88
CA ILE D 125 20.58 44.18 -33.56
C ILE D 125 21.70 43.54 -34.38
N THR D 126 22.36 42.53 -33.82
CA THR D 126 23.36 41.77 -34.57
C THR D 126 22.75 41.19 -35.85
N LEU D 127 21.55 40.62 -35.73
CA LEU D 127 20.89 40.02 -36.89
C LEU D 127 20.54 41.07 -37.93
N MET D 128 20.02 42.21 -37.51
CA MET D 128 19.79 43.31 -38.46
C MET D 128 21.08 43.71 -39.15
N LYS D 129 22.18 43.79 -38.40
CA LYS D 129 23.44 44.21 -38.98
C LYS D 129 24.01 43.18 -39.95
N ALA D 130 23.64 41.90 -39.79
CA ALA D 130 24.02 40.85 -40.71
C ALA D 130 23.07 40.73 -41.90
N ARG D 131 22.18 41.70 -42.09
CA ARG D 131 21.21 41.76 -43.18
C ARG D 131 20.09 40.74 -43.02
N ARG D 132 19.85 40.24 -41.82
CA ARG D 132 18.67 39.43 -41.62
C ARG D 132 17.48 40.30 -41.20
N LYS D 133 16.30 39.68 -41.16
CA LYS D 133 15.04 40.40 -40.98
C LYS D 133 14.44 39.98 -39.64
N VAL D 134 14.01 40.95 -38.85
CA VAL D 134 13.57 40.71 -37.47
C VAL D 134 12.23 41.38 -37.22
N TYR D 135 11.22 40.58 -36.90
CA TYR D 135 9.92 41.06 -36.45
C TYR D 135 9.81 40.88 -34.94
N MET D 136 9.31 41.91 -34.25
CA MET D 136 9.20 41.89 -32.79
C MET D 136 7.81 42.35 -32.36
N TYR D 137 7.16 41.56 -31.51
CA TYR D 137 5.78 41.80 -31.07
C TYR D 137 5.80 42.06 -29.58
N TYR D 138 5.49 43.30 -29.19
CA TYR D 138 5.39 43.75 -27.80
C TYR D 138 6.70 43.61 -27.05
N TRP D 139 7.82 43.42 -27.75
CA TRP D 139 9.08 43.07 -27.09
C TRP D 139 9.71 44.33 -26.49
N PRO D 140 9.87 44.40 -25.18
CA PRO D 140 10.48 45.60 -24.59
C PRO D 140 11.90 45.79 -25.14
N GLY D 141 12.14 46.98 -25.66
CA GLY D 141 13.38 47.30 -26.33
C GLY D 141 13.28 47.39 -27.85
N CYS D 142 12.28 46.76 -28.47
CA CYS D 142 12.22 46.84 -29.93
C CYS D 142 11.93 48.25 -30.41
N GLU D 143 11.37 49.11 -29.56
CA GLU D 143 11.05 50.49 -29.95
C GLU D 143 12.25 51.42 -29.88
N VAL D 144 13.41 50.93 -29.43
CA VAL D 144 14.59 51.76 -29.20
C VAL D 144 15.51 51.65 -30.41
N GLU D 145 16.21 52.75 -30.72
CA GLU D 145 17.33 52.72 -31.66
C GLU D 145 18.57 52.35 -30.85
N ILE D 146 19.02 51.11 -30.96
CA ILE D 146 20.14 50.60 -30.18
C ILE D 146 21.36 50.53 -31.10
N LEU D 147 22.44 51.20 -30.69
CA LEU D 147 23.69 51.24 -31.46
C LEU D 147 23.42 51.63 -32.91
N GLY D 148 22.46 52.54 -33.10
CA GLY D 148 22.16 53.09 -34.41
C GLY D 148 21.24 52.25 -35.27
N VAL D 149 20.67 51.16 -34.75
CA VAL D 149 19.97 50.17 -35.55
C VAL D 149 18.61 49.88 -34.91
N ARG D 150 17.64 49.54 -35.75
CA ARG D 150 16.32 49.11 -35.30
C ARG D 150 15.94 47.83 -35.99
N PRO D 151 15.06 47.02 -35.41
CA PRO D 151 14.58 45.81 -36.09
C PRO D 151 13.68 46.18 -37.25
N THR D 152 13.43 45.20 -38.13
CA THR D 152 12.58 45.43 -39.29
C THR D 152 11.19 45.87 -38.88
N TYR D 153 10.66 45.28 -37.81
CA TYR D 153 9.30 45.57 -37.40
C TYR D 153 9.23 45.48 -35.88
N CYS D 154 8.58 46.47 -35.27
CA CYS D 154 8.37 46.48 -33.83
C CYS D 154 6.91 46.84 -33.59
N LEU D 155 6.15 45.90 -33.05
CA LEU D 155 4.82 46.22 -32.53
C LEU D 155 5.02 46.60 -31.07
N GLU D 156 4.96 47.90 -30.79
CA GLU D 156 5.50 48.42 -29.54
C GLU D 156 4.63 48.05 -28.36
N TYR D 157 5.26 47.67 -27.25
CA TYR D 157 4.53 47.47 -26.01
C TYR D 157 3.94 48.80 -25.56
N LYS D 158 2.60 48.84 -25.43
CA LYS D 158 1.89 49.97 -24.83
C LYS D 158 1.28 49.57 -23.49
N THR D 159 0.35 48.62 -23.50
CA THR D 159 -0.29 48.09 -22.29
C THR D 159 -0.05 46.58 -22.24
N VAL D 160 -0.63 45.93 -21.23
CA VAL D 160 -0.49 44.48 -21.05
C VAL D 160 -1.20 43.75 -22.18
N PRO D 161 -0.49 43.04 -23.05
CA PRO D 161 -1.15 42.35 -24.15
C PRO D 161 -2.16 41.35 -23.62
N THR D 162 -3.26 41.20 -24.35
CA THR D 162 -4.29 40.24 -24.00
C THR D 162 -3.96 38.86 -24.58
N ASP D 163 -4.71 37.86 -24.14
CA ASP D 163 -4.54 36.53 -24.71
C ASP D 163 -4.81 36.55 -26.21
N ILE D 164 -5.78 37.35 -26.64
CA ILE D 164 -6.07 37.50 -28.05
C ILE D 164 -4.90 38.19 -28.76
N ASN D 165 -4.31 39.21 -28.13
CA ASN D 165 -3.10 39.82 -28.66
C ASN D 165 -2.00 38.79 -28.88
N PHE D 166 -1.78 37.92 -27.88
CA PHE D 166 -0.78 36.87 -28.01
C PHE D 166 -1.11 35.96 -29.19
N ALA D 167 -2.35 35.46 -29.23
CA ALA D 167 -2.76 34.54 -30.28
C ALA D 167 -2.56 35.13 -31.67
N ASN D 168 -2.88 36.42 -31.84
CA ASN D 168 -2.73 37.06 -33.15
C ASN D 168 -1.26 37.28 -33.50
N ALA D 169 -0.44 37.65 -32.51
CA ALA D 169 0.99 37.84 -32.76
C ALA D 169 1.66 36.52 -33.14
N VAL D 170 1.28 35.42 -32.48
CA VAL D 170 1.81 34.12 -32.88
C VAL D 170 1.46 33.84 -34.34
N SER D 171 0.18 34.01 -34.70
CA SER D 171 -0.26 33.74 -36.06
C SER D 171 0.42 34.65 -37.06
N ASP D 172 0.45 35.96 -36.78
CA ASP D 172 1.10 36.90 -37.68
C ASP D 172 2.59 36.64 -37.78
N ALA D 173 3.23 36.21 -36.68
CA ALA D 173 4.65 35.91 -36.76
C ALA D 173 4.90 34.69 -37.65
N LEU D 174 4.01 33.69 -37.59
CA LEU D 174 4.16 32.51 -38.44
C LEU D 174 4.04 32.88 -39.91
N ASP D 175 3.09 33.76 -40.24
CA ASP D 175 2.97 34.25 -41.61
C ASP D 175 4.22 35.00 -42.02
N SER D 176 4.75 35.83 -41.12
CA SER D 176 5.93 36.62 -41.42
C SER D 176 7.14 35.73 -41.66
N LEU D 177 7.25 34.63 -40.92
CA LEU D 177 8.37 33.71 -41.15
C LEU D 177 8.20 32.97 -42.46
N LYS D 178 7.02 32.36 -42.68
CA LYS D 178 6.74 31.60 -43.89
C LYS D 178 6.99 32.43 -45.15
N SER D 179 6.59 33.69 -45.14
CA SER D 179 6.69 34.51 -46.34
C SER D 179 8.09 35.05 -46.56
N GLY D 180 9.00 34.89 -45.59
CA GLY D 180 10.34 35.41 -45.73
C GLY D 180 10.51 36.85 -45.31
N ARG D 181 9.46 37.51 -44.83
CA ARG D 181 9.59 38.87 -44.32
C ARG D 181 10.36 38.94 -43.00
N ALA D 182 10.51 37.81 -42.30
CA ALA D 182 11.23 37.73 -41.04
C ALA D 182 12.04 36.45 -41.00
N ASP D 183 13.30 36.56 -40.56
CA ASP D 183 14.17 35.44 -40.22
C ASP D 183 14.05 35.09 -38.73
N LEU D 184 13.88 36.11 -37.90
CA LEU D 184 13.59 35.97 -36.49
C LEU D 184 12.29 36.70 -36.21
N ALA D 185 11.36 36.04 -35.54
CA ALA D 185 10.20 36.69 -34.94
C ALA D 185 10.24 36.43 -33.44
N ALA D 186 9.95 37.47 -32.65
CA ALA D 186 10.05 37.43 -31.20
C ALA D 186 8.83 38.06 -30.57
N ILE D 187 8.17 37.32 -29.68
CA ILE D 187 6.88 37.71 -29.10
C ILE D 187 7.01 37.74 -27.57
N TYR D 188 6.49 38.81 -26.95
CA TYR D 188 6.50 38.99 -25.51
C TYR D 188 5.09 38.90 -24.96
N HIS D 189 4.92 38.13 -23.87
CA HIS D 189 3.62 37.89 -23.25
C HIS D 189 3.77 38.06 -21.75
N GLU D 190 2.87 38.83 -21.15
CA GLU D 190 3.05 39.33 -19.79
C GLU D 190 2.02 38.83 -18.79
N ARG D 191 0.86 38.34 -19.23
CA ARG D 191 -0.26 38.17 -18.31
C ARG D 191 -0.01 37.10 -17.25
N ILE D 192 0.85 36.12 -17.52
CA ILE D 192 1.18 35.14 -16.47
C ILE D 192 1.91 35.80 -15.31
N ASP D 193 2.73 36.82 -15.61
CA ASP D 193 3.38 37.61 -14.58
C ASP D 193 2.36 38.49 -13.84
N VAL D 194 1.39 39.04 -14.59
CA VAL D 194 0.43 39.98 -14.02
C VAL D 194 -0.44 39.28 -12.98
N GLU D 195 -0.98 38.11 -13.34
CA GLU D 195 -1.82 37.37 -12.39
C GLU D 195 -0.99 36.78 -11.26
N GLY D 196 0.24 36.35 -11.54
CA GLY D 196 1.16 35.99 -10.46
C GLY D 196 1.34 37.11 -9.45
N HIS D 197 1.44 38.35 -9.94
CA HIS D 197 1.57 39.48 -9.02
C HIS D 197 0.28 39.73 -8.24
N HIS D 198 -0.84 39.81 -8.95
CA HIS D 198 -2.06 40.31 -8.32
C HIS D 198 -2.67 39.28 -7.37
N TYR D 199 -2.53 37.99 -7.68
CA TYR D 199 -3.15 36.94 -6.90
C TYR D 199 -2.20 35.90 -6.33
N GLY D 200 -0.91 35.94 -6.72
CA GLY D 200 0.08 35.03 -6.15
C GLY D 200 0.41 33.89 -7.09
N PRO D 201 1.60 33.30 -6.93
CA PRO D 201 2.02 32.27 -7.90
C PRO D 201 1.16 31.01 -7.90
N SER D 202 0.47 30.69 -6.80
CA SER D 202 -0.29 29.46 -6.72
C SER D 202 -1.79 29.70 -6.89
N SER D 203 -2.18 30.87 -7.38
CA SER D 203 -3.58 31.23 -7.47
C SER D 203 -4.25 30.61 -8.69
N PRO D 204 -5.55 30.32 -8.61
CA PRO D 204 -6.27 29.91 -9.81
C PRO D 204 -6.18 30.93 -10.93
N GLN D 205 -6.09 32.23 -10.61
CA GLN D 205 -6.01 33.25 -11.65
C GLN D 205 -4.74 33.09 -12.46
N ARG D 206 -3.60 32.86 -11.81
CA ARG D 206 -2.37 32.60 -12.54
C ARG D 206 -2.52 31.33 -13.38
N LYS D 207 -3.10 30.28 -12.80
CA LYS D 207 -3.26 29.03 -13.55
C LYS D 207 -4.18 29.22 -14.75
N ASP D 208 -5.24 30.03 -14.58
CA ASP D 208 -6.11 30.34 -15.72
C ASP D 208 -5.33 31.06 -16.81
N ALA D 209 -4.46 32.01 -16.45
CA ALA D 209 -3.66 32.68 -17.46
C ALA D 209 -2.70 31.72 -18.14
N LEU D 210 -2.22 30.69 -17.41
CA LEU D 210 -1.40 29.65 -18.02
C LEU D 210 -2.20 28.82 -19.00
N ARG D 211 -3.40 28.38 -18.62
CA ARG D 211 -4.23 27.60 -19.54
C ARG D 211 -4.44 28.34 -20.85
N ALA D 212 -4.68 29.66 -20.78
CA ALA D 212 -4.94 30.43 -22.00
C ALA D 212 -3.73 30.35 -22.93
N VAL D 213 -2.53 30.53 -22.38
CA VAL D 213 -1.30 30.41 -23.15
C VAL D 213 -1.13 28.98 -23.69
N ASP D 214 -1.45 27.98 -22.87
CA ASP D 214 -1.32 26.58 -23.30
C ASP D 214 -2.15 26.31 -24.55
N THR D 215 -3.35 26.88 -24.61
CA THR D 215 -4.23 26.66 -25.75
C THR D 215 -3.66 27.33 -27.00
N VAL D 216 -3.07 28.50 -26.85
CA VAL D 216 -2.47 29.18 -28.00
C VAL D 216 -1.29 28.37 -28.52
N LEU D 217 -0.45 27.86 -27.62
CA LEU D 217 0.66 26.99 -28.05
C LEU D 217 0.14 25.76 -28.77
N LYS D 218 -0.99 25.21 -28.31
CA LYS D 218 -1.58 24.08 -29.00
C LYS D 218 -1.98 24.45 -30.42
N TYR D 219 -2.57 25.65 -30.60
CA TYR D 219 -2.88 26.12 -31.94
C TYR D 219 -1.62 26.46 -32.72
N MET D 220 -0.58 26.94 -32.04
CA MET D 220 0.68 27.25 -32.71
C MET D 220 1.26 26.02 -33.40
N ILE D 221 1.25 24.86 -32.73
CA ILE D 221 1.79 23.64 -33.30
C ILE D 221 1.03 23.26 -34.56
N GLN D 222 -0.31 23.32 -34.48
CA GLN D 222 -1.15 23.02 -35.64
C GLN D 222 -0.91 24.05 -36.75
N TRP D 223 -0.80 25.33 -36.39
CA TRP D 223 -0.59 26.37 -37.39
C TRP D 223 0.75 26.18 -38.11
N ILE D 224 1.78 25.76 -37.36
CA ILE D 224 3.10 25.50 -37.93
C ILE D 224 3.02 24.36 -38.95
N GLN D 225 2.22 23.35 -38.64
CA GLN D 225 2.02 22.24 -39.58
C GLN D 225 1.23 22.68 -40.81
N ASP D 226 0.14 23.44 -40.62
CA ASP D 226 -0.65 23.90 -41.76
C ASP D 226 0.20 24.67 -42.77
N ARG D 227 1.22 25.38 -42.29
CA ARG D 227 1.96 26.31 -43.14
C ARG D 227 3.28 25.71 -43.62
N GLY D 228 3.53 24.44 -43.34
CA GLY D 228 4.76 23.81 -43.77
C GLY D 228 5.99 24.29 -43.04
N LEU D 229 5.84 24.75 -41.80
CA LEU D 229 6.98 25.35 -41.10
C LEU D 229 7.75 24.38 -40.25
N GLN D 230 7.27 23.16 -40.01
CA GLN D 230 8.10 22.28 -39.18
C GLN D 230 9.35 21.84 -39.91
N GLN D 231 9.40 22.07 -41.22
CA GLN D 231 10.61 21.79 -42.00
C GLN D 231 11.77 22.68 -41.57
N ASP D 232 11.51 23.96 -41.29
CA ASP D 232 12.62 24.88 -41.22
C ASP D 232 12.49 25.91 -40.09
N LEU D 233 11.60 25.69 -39.12
CA LEU D 233 11.35 26.66 -38.06
C LEU D 233 11.69 26.03 -36.71
N ASN D 234 12.59 26.65 -35.97
CA ASN D 234 12.76 26.36 -34.55
C ASN D 234 11.96 27.35 -33.72
N VAL D 235 11.31 26.84 -32.67
CA VAL D 235 10.60 27.68 -31.71
C VAL D 235 11.31 27.54 -30.37
N ILE D 236 11.69 28.68 -29.78
CA ILE D 236 12.34 28.73 -28.48
C ILE D 236 11.44 29.51 -27.54
N LEU D 237 11.22 28.96 -26.35
CA LEU D 237 10.36 29.55 -25.33
C LEU D 237 11.16 29.66 -24.05
N PHE D 238 11.14 30.84 -23.41
CA PHE D 238 11.77 30.98 -22.10
C PHE D 238 11.06 32.07 -21.31
N SER D 239 11.41 32.18 -20.03
CA SER D 239 10.93 33.26 -19.18
C SER D 239 12.11 33.99 -18.55
N ASP D 240 11.83 35.16 -17.98
CA ASP D 240 12.90 36.01 -17.49
C ASP D 240 13.19 35.81 -16.00
N HIS D 241 12.28 35.17 -15.26
CA HIS D 241 12.36 35.00 -13.81
C HIS D 241 11.09 34.27 -13.39
N GLY D 242 11.08 33.79 -12.16
CA GLY D 242 9.89 33.17 -11.59
C GLY D 242 9.06 34.14 -10.75
N MET D 243 8.53 33.66 -9.63
CA MET D 243 7.59 34.43 -8.81
C MET D 243 7.48 33.76 -7.46
N THR D 244 7.28 34.57 -6.42
CA THR D 244 7.22 34.08 -5.05
C THR D 244 6.18 34.87 -4.26
N ASP D 245 5.68 34.26 -3.19
CA ASP D 245 4.68 34.93 -2.36
C ASP D 245 5.30 36.12 -1.63
N ILE D 246 4.54 37.20 -1.51
CA ILE D 246 4.89 38.32 -0.65
C ILE D 246 3.76 38.53 0.34
N PHE D 247 4.05 39.31 1.39
CA PHE D 247 3.19 39.33 2.57
C PHE D 247 3.04 40.77 3.09
N TRP D 248 2.30 41.58 2.34
CA TRP D 248 1.91 42.90 2.81
C TRP D 248 0.92 42.74 3.96
N MET D 249 1.08 43.46 5.07
CA MET D 249 2.05 44.53 5.27
C MET D 249 3.12 44.15 6.28
N ASP D 250 2.98 42.98 6.90
CA ASP D 250 3.94 42.57 7.93
C ASP D 250 5.34 42.45 7.36
N LYS D 251 5.48 42.08 6.08
CA LYS D 251 6.80 41.92 5.49
C LYS D 251 7.12 43.05 4.52
N VAL D 252 6.75 44.27 4.89
CA VAL D 252 7.15 45.47 4.18
C VAL D 252 8.13 46.22 5.06
N ILE D 253 9.25 46.63 4.47
CA ILE D 253 10.22 47.48 5.13
C ILE D 253 9.98 48.89 4.59
N GLU D 254 9.66 49.82 5.49
CA GLU D 254 9.53 51.24 5.15
C GLU D 254 10.82 51.94 5.54
N LEU D 255 11.53 52.51 4.55
CA LEU D 255 12.76 53.21 4.85
C LEU D 255 12.55 54.41 5.77
N SER D 256 11.35 55.00 5.77
CA SER D 256 11.09 56.18 6.60
C SER D 256 10.93 55.84 8.08
N ASN D 257 10.86 54.55 8.43
CA ASN D 257 10.91 54.12 9.82
C ASN D 257 12.33 54.10 10.37
N TYR D 258 13.34 54.27 9.51
CA TYR D 258 14.72 54.20 9.92
C TYR D 258 15.53 55.44 9.59
N ILE D 259 15.23 56.13 8.49
CA ILE D 259 16.01 57.28 8.04
C ILE D 259 15.04 58.38 7.61
N SER D 260 15.58 59.57 7.44
CA SER D 260 14.84 60.66 6.82
C SER D 260 15.01 60.57 5.32
N LEU D 261 13.90 60.46 4.59
CA LEU D 261 13.96 60.43 3.13
C LEU D 261 14.61 61.69 2.56
N ASP D 262 14.60 62.79 3.32
CA ASP D 262 15.26 64.03 2.90
C ASP D 262 16.77 63.86 2.75
N ASP D 263 17.35 62.83 3.36
CA ASP D 263 18.78 62.55 3.19
C ASP D 263 19.08 61.69 1.98
N LEU D 264 18.08 61.36 1.18
CA LEU D 264 18.26 60.60 -0.04
C LEU D 264 18.20 61.54 -1.24
N GLN D 265 19.30 61.61 -1.99
CA GLN D 265 19.27 62.35 -3.24
C GLN D 265 18.38 61.67 -4.28
N GLN D 266 18.34 60.34 -4.27
CA GLN D 266 17.60 59.61 -5.29
C GLN D 266 17.34 58.20 -4.80
N VAL D 267 16.17 57.66 -5.14
CA VAL D 267 15.77 56.29 -4.85
C VAL D 267 15.19 55.71 -6.13
N LYS D 268 15.53 54.47 -6.44
CA LYS D 268 15.05 53.82 -7.65
C LYS D 268 14.51 52.43 -7.28
N ASP D 269 13.24 52.21 -7.62
CA ASP D 269 12.47 50.97 -7.49
C ASP D 269 11.96 50.76 -6.08
N ARG D 270 11.01 49.84 -5.97
CA ARG D 270 10.39 49.44 -4.72
C ARG D 270 10.19 47.94 -4.77
N GLY D 271 10.60 47.25 -3.72
CA GLY D 271 10.45 45.82 -3.65
C GLY D 271 11.71 45.13 -3.17
N PRO D 272 12.20 44.14 -3.93
CA PRO D 272 13.33 43.36 -3.43
C PRO D 272 14.70 44.01 -3.63
N VAL D 273 14.87 44.82 -4.66
CA VAL D 273 16.17 45.41 -4.97
C VAL D 273 15.96 46.91 -5.16
N VAL D 274 16.47 47.71 -4.22
CA VAL D 274 16.27 49.17 -4.23
C VAL D 274 17.63 49.85 -4.28
N SER D 275 17.77 50.82 -5.18
CA SER D 275 18.99 51.58 -5.37
C SER D 275 18.86 52.94 -4.68
N LEU D 276 19.80 53.27 -3.79
CA LEU D 276 19.78 54.52 -3.05
C LEU D 276 21.01 55.36 -3.35
N TRP D 277 20.81 56.66 -3.47
CA TRP D 277 21.89 57.64 -3.59
C TRP D 277 21.76 58.62 -2.42
N PRO D 278 22.54 58.46 -1.35
CA PRO D 278 22.46 59.43 -0.25
C PRO D 278 22.95 60.81 -0.67
N VAL D 279 22.41 61.84 -0.04
CA VAL D 279 22.90 63.19 -0.28
C VAL D 279 24.34 63.23 0.21
N PRO D 280 25.20 64.08 -0.35
CA PRO D 280 26.59 64.10 0.10
C PRO D 280 26.72 64.48 1.57
N GLY D 281 27.61 63.79 2.27
CA GLY D 281 27.77 63.95 3.69
C GLY D 281 26.93 63.01 4.54
N LYS D 282 25.95 62.32 3.94
CA LYS D 282 25.06 61.43 4.68
C LYS D 282 25.29 59.95 4.38
N HIS D 283 26.33 59.62 3.60
CA HIS D 283 26.50 58.22 3.19
C HIS D 283 26.67 57.30 4.40
N SER D 284 27.61 57.62 5.28
CA SER D 284 27.86 56.77 6.44
C SER D 284 26.61 56.61 7.30
N GLU D 285 25.94 57.73 7.61
CA GLU D 285 24.79 57.65 8.50
C GLU D 285 23.69 56.77 7.91
N ILE D 286 23.37 56.98 6.62
CA ILE D 286 22.35 56.17 5.97
C ILE D 286 22.75 54.70 5.98
N TYR D 287 24.01 54.42 5.61
CA TYR D 287 24.50 53.05 5.56
C TYR D 287 24.42 52.39 6.93
N HIS D 288 24.89 53.06 7.97
CA HIS D 288 24.97 52.40 9.27
C HIS D 288 23.58 52.19 9.88
N LYS D 289 22.68 53.15 9.69
CA LYS D 289 21.31 52.97 10.19
C LYS D 289 20.58 51.86 9.43
N LEU D 290 20.69 51.83 8.10
CA LEU D 290 19.98 50.81 7.33
C LEU D 290 20.58 49.42 7.56
N ARG D 291 21.88 49.35 7.89
CA ARG D 291 22.50 48.06 8.19
C ARG D 291 21.86 47.36 9.38
N THR D 292 21.09 48.06 10.21
CA THR D 292 20.49 47.45 11.38
C THR D 292 19.14 46.82 11.09
N VAL D 293 18.61 46.98 9.89
CA VAL D 293 17.28 46.47 9.57
C VAL D 293 17.39 44.99 9.23
N GLU D 294 16.60 44.17 9.91
CA GLU D 294 16.54 42.75 9.59
C GLU D 294 15.73 42.51 8.32
N HIS D 295 16.00 41.37 7.69
CA HIS D 295 15.29 40.87 6.51
C HIS D 295 15.62 41.66 5.25
N MET D 296 16.68 42.46 5.28
CA MET D 296 17.30 42.93 4.05
C MET D 296 18.79 43.08 4.31
N THR D 297 19.55 43.23 3.23
CA THR D 297 20.98 43.46 3.31
C THR D 297 21.31 44.73 2.55
N VAL D 298 22.18 45.56 3.14
CA VAL D 298 22.57 46.85 2.59
C VAL D 298 24.00 46.72 2.10
N TYR D 299 24.20 46.85 0.79
CA TYR D 299 25.52 46.66 0.19
C TYR D 299 26.02 48.00 -0.32
N GLU D 300 27.21 48.39 0.14
CA GLU D 300 28.00 49.32 -0.64
C GLU D 300 28.41 48.66 -1.95
N LYS D 301 28.59 49.48 -2.99
CA LYS D 301 28.82 48.96 -4.33
C LYS D 301 29.92 47.90 -4.33
N GLU D 302 31.05 48.23 -3.72
CA GLU D 302 32.21 47.35 -3.78
C GLU D 302 32.03 46.06 -2.98
N SER D 303 30.99 45.97 -2.14
CA SER D 303 30.80 44.78 -1.31
C SER D 303 29.68 43.89 -1.80
N ILE D 304 29.02 44.25 -2.90
CA ILE D 304 27.99 43.43 -3.52
C ILE D 304 28.58 42.05 -3.79
N PRO D 305 27.85 40.97 -3.52
CA PRO D 305 28.41 39.62 -3.75
C PRO D 305 28.84 39.45 -5.21
N ASN D 306 30.06 38.94 -5.40
CA ASN D 306 30.56 38.74 -6.75
C ASN D 306 29.68 37.82 -7.56
N ARG D 307 29.04 36.84 -6.92
CA ARG D 307 28.24 35.88 -7.66
C ARG D 307 27.07 36.51 -8.40
N PHE D 308 26.68 37.74 -8.04
CA PHE D 308 25.59 38.42 -8.74
C PHE D 308 25.99 38.90 -10.13
N TYR D 309 27.29 39.03 -10.39
CA TYR D 309 27.79 39.61 -11.63
C TYR D 309 27.02 40.88 -11.95
N TYR D 310 26.97 41.77 -10.96
CA TYR D 310 26.13 42.96 -10.93
C TYR D 310 26.89 44.22 -10.56
N LYS D 311 27.85 44.11 -9.65
CA LYS D 311 28.43 45.28 -9.00
C LYS D 311 29.31 46.13 -9.91
N LYS D 312 29.74 45.61 -11.06
CA LYS D 312 30.57 46.40 -11.96
C LYS D 312 29.77 47.30 -12.90
N GLY D 313 28.45 47.26 -12.83
CA GLY D 313 27.64 48.09 -13.71
C GLY D 313 27.87 49.58 -13.45
N LYS D 314 27.96 50.34 -14.54
CA LYS D 314 28.18 51.77 -14.42
C LYS D 314 27.05 52.48 -13.69
N PHE D 315 25.82 51.94 -13.76
CA PHE D 315 24.66 52.59 -13.18
C PHE D 315 24.31 52.11 -11.77
N VAL D 316 24.98 51.06 -11.26
CA VAL D 316 24.77 50.63 -9.88
C VAL D 316 24.96 51.79 -8.91
N SER D 317 24.09 51.86 -7.90
CA SER D 317 24.04 52.97 -6.96
C SER D 317 25.05 52.78 -5.82
N PRO D 318 25.39 53.85 -5.10
CA PRO D 318 26.32 53.69 -3.97
C PRO D 318 25.83 52.69 -2.94
N LEU D 319 24.53 52.68 -2.63
CA LEU D 319 23.95 51.69 -1.75
C LEU D 319 22.87 50.93 -2.51
N THR D 320 22.88 49.60 -2.37
CA THR D 320 21.89 48.72 -2.96
C THR D 320 21.30 47.86 -1.86
N LEU D 321 19.97 47.85 -1.75
CA LEU D 321 19.26 47.08 -0.75
C LEU D 321 18.65 45.84 -1.39
N VAL D 322 18.87 44.68 -0.76
CA VAL D 322 18.39 43.39 -1.24
C VAL D 322 17.57 42.75 -0.14
N ALA D 323 16.26 42.63 -0.37
CA ALA D 323 15.37 42.09 0.65
C ALA D 323 15.42 40.56 0.66
N ASP D 324 15.20 39.98 1.85
CA ASP D 324 15.01 38.54 1.95
C ASP D 324 13.72 38.13 1.25
N GLU D 325 13.71 36.89 0.77
CA GLU D 325 12.58 36.38 -0.01
C GLU D 325 11.28 36.59 0.75
N GLY D 326 10.29 37.15 0.07
CA GLY D 326 9.01 37.42 0.68
C GLY D 326 8.85 38.81 1.26
N TRP D 327 9.96 39.53 1.47
CA TRP D 327 9.91 40.89 2.00
C TRP D 327 9.90 41.91 0.86
N PHE D 328 9.62 43.17 1.21
CA PHE D 328 9.34 44.21 0.22
C PHE D 328 9.75 45.57 0.77
N ILE D 329 10.65 46.25 0.08
CA ILE D 329 11.18 47.54 0.51
C ILE D 329 10.45 48.67 -0.21
N ALA D 330 10.07 49.70 0.55
CA ALA D 330 9.54 50.91 -0.04
C ALA D 330 9.89 52.08 0.88
N GLU D 331 9.71 53.30 0.35
CA GLU D 331 9.87 54.49 1.18
C GLU D 331 8.90 54.48 2.36
N SER D 332 7.65 54.09 2.10
CA SER D 332 6.59 53.99 3.10
C SER D 332 5.47 53.20 2.46
N ARG D 333 4.52 52.74 3.29
CA ARG D 333 3.43 51.90 2.81
C ARG D 333 2.59 52.60 1.76
N GLU D 334 2.59 53.93 1.74
CA GLU D 334 1.77 54.67 0.80
C GLU D 334 2.39 54.73 -0.59
N MET D 335 3.71 54.56 -0.67
CA MET D 335 4.42 54.48 -1.93
C MET D 335 4.40 53.08 -2.52
N LEU D 336 3.68 52.15 -1.91
CA LEU D 336 3.62 50.78 -2.41
C LEU D 336 2.89 50.74 -3.76
N PRO D 337 3.33 49.81 -4.72
CA PRO D 337 2.66 49.71 -6.03
C PRO D 337 1.33 48.98 -5.93
N PHE D 338 0.35 49.64 -5.32
CA PHE D 338 -1.00 49.09 -5.30
C PHE D 338 -1.51 48.99 -6.73
N TRP D 339 -2.35 48.01 -6.98
CA TRP D 339 -2.85 47.80 -8.34
C TRP D 339 -4.35 48.09 -8.39
N MET D 340 -4.84 48.23 -9.62
CA MET D 340 -6.21 48.67 -9.87
C MET D 340 -7.10 47.44 -9.89
N ASN D 341 -7.54 47.03 -8.70
CA ASN D 341 -8.53 45.97 -8.59
C ASN D 341 -9.95 46.50 -8.54
N SER D 342 -10.13 47.81 -8.36
CA SER D 342 -11.44 48.44 -8.33
C SER D 342 -11.52 49.47 -9.44
N THR D 343 -12.74 49.96 -9.68
CA THR D 343 -12.90 51.20 -10.43
C THR D 343 -12.34 52.36 -9.62
N GLY D 344 -12.53 52.33 -8.31
CA GLY D 344 -12.20 53.43 -7.42
C GLY D 344 -10.75 53.88 -7.47
N LYS D 345 -9.82 53.02 -7.07
CA LYS D 345 -8.47 53.49 -6.82
C LYS D 345 -7.50 52.33 -6.88
N ARG D 346 -6.21 52.66 -6.73
CA ARG D 346 -5.15 51.67 -6.54
C ARG D 346 -5.19 51.25 -5.09
N GLU D 347 -6.04 50.29 -4.78
CA GLU D 347 -6.10 49.74 -3.43
C GLU D 347 -5.71 48.27 -3.38
N GLY D 348 -5.46 47.64 -4.52
CA GLY D 348 -5.13 46.22 -4.52
C GLY D 348 -3.75 45.96 -3.93
N TRP D 349 -3.68 45.04 -2.98
CA TRP D 349 -2.39 44.58 -2.47
C TRP D 349 -1.78 43.56 -3.43
N GLN D 350 -0.46 43.65 -3.61
CA GLN D 350 0.27 42.68 -4.41
C GLN D 350 0.54 41.43 -3.58
N ARG D 351 0.33 40.27 -4.20
CA ARG D 351 0.50 39.00 -3.50
C ARG D 351 1.72 38.20 -3.98
N GLY D 352 2.31 38.57 -5.12
CA GLY D 352 3.50 37.90 -5.60
C GLY D 352 4.46 38.88 -6.24
N TRP D 353 5.74 38.54 -6.20
CA TRP D 353 6.76 39.48 -6.68
C TRP D 353 8.04 38.69 -6.99
N HIS D 354 9.03 39.41 -7.50
CA HIS D 354 10.28 38.77 -7.91
C HIS D 354 11.34 39.87 -7.96
N GLY D 355 12.59 39.46 -8.10
CA GLY D 355 13.70 40.40 -8.07
C GLY D 355 14.76 39.95 -7.10
N TYR D 356 14.39 39.02 -6.22
CA TYR D 356 15.26 38.54 -5.16
C TYR D 356 16.49 37.82 -5.72
N ASP D 357 17.40 37.48 -4.81
CA ASP D 357 18.54 36.58 -5.04
C ASP D 357 18.24 35.61 -6.17
N ASN D 358 19.04 35.65 -7.24
CA ASN D 358 18.67 34.89 -8.44
C ASN D 358 18.83 33.38 -8.27
N GLU D 359 19.51 32.91 -7.22
CA GLU D 359 19.65 31.46 -6.99
C GLU D 359 18.49 30.88 -6.18
N LEU D 360 17.50 31.67 -5.81
CA LEU D 360 16.37 31.14 -5.07
C LEU D 360 15.50 30.28 -5.98
N MET D 361 14.95 29.21 -5.41
CA MET D 361 14.13 28.28 -6.18
C MET D 361 12.95 28.98 -6.87
N ASP D 362 12.18 29.74 -6.10
CA ASP D 362 11.00 30.39 -6.66
C ASP D 362 11.33 31.36 -7.79
N MET D 363 12.58 31.83 -7.88
CA MET D 363 12.93 32.74 -8.96
C MET D 363 13.24 32.03 -10.27
N ARG D 364 13.31 30.69 -10.28
CA ARG D 364 13.64 29.96 -11.49
C ARG D 364 12.61 30.21 -12.59
N GLY D 365 13.10 30.24 -13.83
CA GLY D 365 12.27 30.35 -15.01
C GLY D 365 12.20 29.06 -15.81
N ILE D 366 11.84 29.18 -17.09
CA ILE D 366 11.68 28.03 -17.97
C ILE D 366 12.51 28.20 -19.24
N PHE D 367 12.87 27.07 -19.85
CA PHE D 367 13.38 27.07 -21.22
C PHE D 367 12.91 25.82 -21.93
N LEU D 368 12.33 25.99 -23.13
CA LEU D 368 11.90 24.89 -23.98
C LEU D 368 12.21 25.24 -25.43
N ALA D 369 12.33 24.21 -26.26
CA ALA D 369 12.65 24.40 -27.67
C ALA D 369 12.16 23.21 -28.47
N ILE D 370 11.81 23.47 -29.73
CA ILE D 370 11.28 22.44 -30.60
C ILE D 370 11.55 22.87 -32.04
N GLY D 371 11.98 21.93 -32.85
CA GLY D 371 12.21 22.16 -34.24
C GLY D 371 13.37 21.35 -34.77
N PRO D 372 13.71 21.57 -36.05
CA PRO D 372 14.69 20.71 -36.73
C PRO D 372 16.03 20.59 -36.00
N ASP D 373 16.52 21.67 -35.38
CA ASP D 373 17.81 21.65 -34.73
C ASP D 373 17.79 21.09 -33.32
N PHE D 374 16.62 20.76 -32.78
CA PHE D 374 16.51 20.32 -31.39
C PHE D 374 16.08 18.87 -31.30
N LYS D 375 16.54 18.21 -30.25
CA LYS D 375 16.15 16.85 -29.94
C LYS D 375 14.67 16.78 -29.58
N SER D 376 14.11 15.56 -29.56
CA SER D 376 12.72 15.33 -29.21
C SER D 376 12.59 14.56 -27.89
N ASN D 377 11.65 14.98 -27.05
CA ASN D 377 11.33 14.28 -25.81
C ASN D 377 12.55 14.18 -24.90
N PHE D 378 13.28 15.29 -24.80
CA PHE D 378 14.61 15.32 -24.17
C PHE D 378 14.54 16.26 -22.97
N ARG D 379 14.86 15.74 -21.79
CA ARG D 379 14.84 16.53 -20.57
C ARG D 379 16.27 16.99 -20.26
N ALA D 380 16.55 18.26 -20.52
CA ALA D 380 17.87 18.82 -20.34
C ALA D 380 18.08 19.25 -18.90
N ALA D 381 19.35 19.23 -18.47
CA ALA D 381 19.73 19.76 -17.18
C ALA D 381 19.50 21.27 -17.16
N PRO D 382 19.33 21.87 -15.98
CA PRO D 382 19.07 23.31 -15.93
C PRO D 382 20.21 24.10 -16.54
N ILE D 383 19.87 25.30 -17.02
CA ILE D 383 20.84 26.21 -17.63
C ILE D 383 20.64 27.60 -17.03
N ARG D 384 21.59 28.47 -17.30
CA ARG D 384 21.56 29.85 -16.82
C ARG D 384 21.05 30.77 -17.90
N SER D 385 20.44 31.88 -17.47
CA SER D 385 19.89 32.83 -18.42
C SER D 385 20.94 33.30 -19.43
N VAL D 386 22.19 33.50 -19.00
CA VAL D 386 23.25 33.89 -19.92
C VAL D 386 23.56 32.83 -20.98
N ASP D 387 23.14 31.57 -20.76
CA ASP D 387 23.44 30.50 -21.72
C ASP D 387 22.55 30.52 -22.97
N VAL D 388 21.40 31.19 -22.91
CA VAL D 388 20.38 31.07 -23.96
C VAL D 388 20.86 31.68 -25.28
N TYR D 389 21.61 32.78 -25.19
CA TYR D 389 22.02 33.53 -26.38
C TYR D 389 22.78 32.67 -27.38
N ASN D 390 23.78 31.90 -26.89
CA ASN D 390 24.52 30.99 -27.78
C ASN D 390 23.60 30.04 -28.53
N ILE D 391 22.51 29.60 -27.89
CA ILE D 391 21.56 28.71 -28.56
C ILE D 391 20.84 29.44 -29.68
N MET D 392 20.34 30.63 -29.38
CA MET D 392 19.62 31.41 -30.39
C MET D 392 20.51 31.74 -31.58
N ALA D 393 21.72 32.24 -31.30
CA ALA D 393 22.67 32.53 -32.37
C ALA D 393 22.94 31.29 -33.19
N HIS D 394 23.15 30.14 -32.53
CA HIS D 394 23.53 28.94 -33.25
C HIS D 394 22.46 28.53 -34.26
N VAL D 395 21.22 28.36 -33.80
CA VAL D 395 20.16 27.92 -34.70
C VAL D 395 19.70 29.03 -35.64
N ALA D 396 20.02 30.28 -35.35
CA ALA D 396 19.79 31.35 -36.31
C ALA D 396 20.91 31.42 -37.34
N GLY D 397 22.00 30.68 -37.14
CA GLY D 397 23.07 30.61 -38.14
C GLY D 397 23.89 31.88 -38.18
N ILE D 398 24.19 32.45 -37.03
CA ILE D 398 24.99 33.65 -36.93
C ILE D 398 26.00 33.44 -35.80
N THR D 399 27.15 34.07 -35.93
CA THR D 399 28.21 33.90 -34.95
C THR D 399 27.89 34.75 -33.73
N PRO D 400 27.83 34.18 -32.53
CA PRO D 400 27.52 34.98 -31.34
C PRO D 400 28.65 35.93 -31.02
N LEU D 401 28.30 37.12 -30.55
CA LEU D 401 29.29 37.99 -29.96
C LEU D 401 29.80 37.35 -28.67
N PRO D 402 31.05 37.61 -28.28
CA PRO D 402 31.59 37.02 -27.04
C PRO D 402 30.70 37.37 -25.86
N ASN D 403 30.46 36.37 -25.00
CA ASN D 403 29.45 36.51 -23.95
C ASN D 403 29.83 35.62 -22.77
N ASN D 404 28.96 35.57 -21.76
CA ASN D 404 29.21 34.80 -20.55
C ASN D 404 28.49 33.46 -20.54
N GLY D 405 27.74 33.14 -21.58
CA GLY D 405 27.12 31.83 -21.65
C GLY D 405 28.14 30.71 -21.72
N SER D 406 27.67 29.50 -21.42
CA SER D 406 28.49 28.30 -21.46
C SER D 406 27.92 27.33 -22.49
N TRP D 407 28.70 27.05 -23.53
CA TRP D 407 28.23 26.13 -24.55
C TRP D 407 28.08 24.72 -23.99
N SER D 408 29.00 24.33 -23.11
CA SER D 408 28.96 22.98 -22.53
C SER D 408 27.65 22.74 -21.77
N ARG D 409 27.00 23.79 -21.27
CA ARG D 409 25.78 23.61 -20.49
C ARG D 409 24.55 23.37 -21.37
N VAL D 410 24.63 23.69 -22.66
CA VAL D 410 23.46 23.60 -23.53
C VAL D 410 23.65 22.63 -24.69
N VAL D 411 24.88 22.25 -25.03
CA VAL D 411 25.14 21.60 -26.31
C VAL D 411 24.32 20.32 -26.50
N SER D 412 24.00 19.62 -25.42
CA SER D 412 23.38 18.32 -25.59
C SER D 412 21.92 18.40 -25.96
N MET D 413 21.29 19.58 -25.92
CA MET D 413 19.91 19.67 -26.39
C MET D 413 19.80 19.77 -27.90
N LEU D 414 20.89 20.07 -28.58
CA LEU D 414 20.89 20.18 -30.05
C LEU D 414 21.17 18.82 -30.67
N LYS D 415 20.56 18.57 -31.83
CA LYS D 415 20.82 17.33 -32.57
C LYS D 415 22.24 17.26 -33.11
C1 NAG E . -7.97 -18.66 -24.85
C2 NAG E . -6.57 -19.25 -24.98
C3 NAG E . -6.53 -20.37 -26.02
C4 NAG E . -7.60 -21.41 -25.69
C5 NAG E . -8.97 -20.73 -25.54
C6 NAG E . -10.09 -21.65 -25.11
C7 NAG E . -5.35 -17.42 -26.26
C8 NAG E . -6.28 -17.59 -27.44
N2 NAG E . -5.54 -18.24 -25.20
O3 NAG E . -5.25 -20.97 -26.01
O4 NAG E . -7.68 -22.42 -26.70
O5 NAG E . -8.89 -19.70 -24.54
O6 NAG E . -9.68 -22.89 -24.55
O7 NAG E . -4.45 -16.59 -26.27
C1 NAG E . -7.05 -23.60 -26.16
C2 NAG E . -7.63 -24.86 -26.82
C3 NAG E . -6.95 -26.11 -26.28
C4 NAG E . -5.43 -25.99 -26.37
C5 NAG E . -4.97 -24.69 -25.73
C6 NAG E . -3.48 -24.46 -25.89
C7 NAG E . -9.96 -24.66 -27.56
C8 NAG E . -11.40 -24.80 -27.16
N2 NAG E . -9.07 -24.94 -26.61
O3 NAG E . -7.39 -27.24 -27.03
O4 NAG E . -4.82 -27.08 -25.69
O5 NAG E . -5.63 -23.58 -26.33
O6 NAG E . -2.93 -23.74 -24.79
O7 NAG E . -9.63 -24.31 -28.69
C1 FUL E . -9.28 -22.78 -23.17
C2 FUL E . -9.35 -24.04 -22.37
O2 FUL E . -9.33 -25.25 -23.14
C3 FUL E . -8.16 -23.92 -21.45
O3 FUL E . -8.06 -25.07 -20.64
C4 FUL E . -8.32 -22.63 -20.54
O4 FUL E . -9.23 -22.84 -19.47
C5 FUL E . -8.77 -21.37 -21.36
C6 FUL E . -9.37 -20.27 -20.53
O5 FUL E . -9.75 -21.71 -22.38
C1 NAG F . -35.56 -11.80 9.52
C2 NAG F . -36.76 -12.65 9.91
C3 NAG F . -38.05 -11.92 9.54
C4 NAG F . -38.08 -10.50 10.08
C5 NAG F . -36.77 -9.74 9.86
C6 NAG F . -36.64 -8.55 10.78
C7 NAG F . -36.37 -15.06 9.89
C8 NAG F . -36.35 -16.32 9.07
N2 NAG F . -36.69 -13.93 9.25
O3 NAG F . -39.14 -12.65 10.11
O4 NAG F . -39.10 -9.79 9.38
O5 NAG F . -35.64 -10.57 10.16
O6 NAG F . -37.10 -7.37 10.16
O7 NAG F . -36.09 -15.07 11.08
C1 NAG F . -39.99 -9.01 10.21
C2 NAG F . -40.89 -8.23 9.26
C3 NAG F . -41.93 -7.43 10.04
C4 NAG F . -42.69 -8.32 11.01
C5 NAG F . -41.71 -9.09 11.89
C6 NAG F . -42.41 -10.09 12.79
C7 NAG F . -39.85 -7.63 7.12
C8 NAG F . -39.04 -6.60 6.38
N2 NAG F . -40.12 -7.35 8.40
O3 NAG F . -42.84 -6.86 9.10
O4 NAG F . -43.53 -7.54 11.86
O5 NAG F . -40.79 -9.83 11.06
O6 NAG F . -41.48 -10.91 13.49
O7 NAG F . -40.21 -8.68 6.58
C1 NAG G . 35.07 26.14 23.97
C2 NAG G . 36.06 27.29 24.23
C3 NAG G . 35.47 28.32 25.19
C4 NAG G . 34.06 28.72 24.78
C5 NAG G . 33.22 27.45 24.62
C6 NAG G . 31.77 27.65 24.24
C7 NAG G . 38.37 26.46 23.99
C8 NAG G . 39.57 25.93 24.71
N2 NAG G . 37.31 26.77 24.75
O3 NAG G . 36.32 29.45 25.22
O4 NAG G . 33.49 29.61 25.72
O5 NAG G . 33.82 26.65 23.60
O6 NAG G . 31.44 28.92 23.69
O7 NAG G . 38.35 26.61 22.76
C1 NAG G . 33.47 30.92 25.11
C2 NAG G . 32.33 31.76 25.70
C3 NAG G . 32.33 33.15 25.07
C4 NAG G . 33.69 33.80 25.21
C5 NAG G . 34.79 32.89 24.66
C6 NAG G . 36.17 33.42 24.90
C7 NAG G . 30.35 30.54 26.50
C8 NAG G . 29.03 29.95 26.13
N2 NAG G . 31.04 31.12 25.51
O3 NAG G . 31.34 33.94 25.73
O4 NAG G . 33.70 35.04 24.51
O5 NAG G . 34.72 31.60 25.28
O6 NAG G . 36.92 33.51 23.70
O7 NAG G . 30.79 30.48 27.64
C1 FUL G . 31.77 29.02 22.30
C2 FUL G . 31.10 30.13 21.56
O2 FUL G . 30.65 31.20 22.40
C3 FUL G . 32.16 30.57 20.56
O3 FUL G . 31.68 31.66 19.79
C4 FUL G . 32.56 29.34 19.63
O4 FUL G . 31.58 29.11 18.64
C5 FUL G . 32.79 28.04 20.48
C6 FUL G . 32.87 26.74 19.68
O5 FUL G . 31.78 27.88 21.51
C1 NAG H . 12.80 5.49 -8.84
C2 NAG H . 11.31 5.59 -9.18
C3 NAG H . 10.56 4.35 -8.70
C4 NAG H . 11.24 3.06 -9.14
C5 NAG H . 12.71 3.10 -8.76
C6 NAG H . 13.50 1.91 -9.27
C7 NAG H . 10.50 7.92 -9.23
C8 NAG H . 9.92 9.04 -8.41
N2 NAG H . 10.74 6.78 -8.56
O3 NAG H . 9.22 4.38 -9.19
O4 NAG H . 10.64 1.97 -8.44
O5 NAG H . 13.31 4.26 -9.35
O6 NAG H . 13.34 1.79 -10.68
O7 NAG H . 10.73 8.03 -10.42
C1 NAG H . 10.32 0.80 -9.22
C2 NAG H . 10.07 -0.31 -8.20
C3 NAG H . 9.59 -1.59 -8.88
C4 NAG H . 8.38 -1.29 -9.76
C5 NAG H . 8.73 -0.17 -10.74
C6 NAG H . 7.56 0.27 -11.59
C7 NAG H . 11.40 -0.14 -6.15
C8 NAG H . 12.68 -0.51 -5.47
N2 NAG H . 11.25 -0.57 -7.40
O3 NAG H . 9.25 -2.53 -7.88
O4 NAG H . 8.00 -2.46 -10.47
O5 NAG H . 9.16 0.99 -10.01
O6 NAG H . 7.82 1.50 -12.23
O7 NAG H . 10.55 0.56 -5.59
C1 NAG I . -34.50 -57.80 5.44
C2 NAG I . -35.95 -57.57 5.08
C3 NAG I . -36.26 -58.18 3.69
C4 NAG I . -35.30 -57.57 2.67
C5 NAG I . -33.85 -57.74 3.12
C6 NAG I . -32.81 -57.08 2.22
C7 NAG I . -37.40 -59.18 6.45
C8 NAG I . -36.93 -60.38 5.66
N2 NAG I . -36.90 -57.97 6.13
O3 NAG I . -37.61 -57.87 3.37
O4 NAG I . -35.54 -58.11 1.37
O5 NAG I . -33.66 -57.21 4.45
O6 NAG I . -33.22 -55.93 1.48
O7 NAG I . -38.18 -59.32 7.39
C1 NAG I . -36.32 -57.11 0.68
C2 NAG I . -36.27 -57.25 -0.83
C3 NAG I . -37.05 -56.12 -1.48
C4 NAG I . -38.47 -56.04 -0.92
C5 NAG I . -38.42 -55.97 0.61
C6 NAG I . -39.80 -56.02 1.23
C7 NAG I . -34.08 -58.31 -1.21
C8 NAG I . -32.70 -58.13 -1.74
N2 NAG I . -34.90 -57.25 -1.31
O3 NAG I . -37.09 -56.31 -2.89
O4 NAG I . -39.13 -54.89 -1.42
O5 NAG I . -37.68 -57.08 1.13
O6 NAG I . -40.15 -54.79 1.85
O7 NAG I . -34.44 -59.37 -0.69
C1 FUL I . -33.54 -54.77 2.28
C2 FUL I . -33.69 -53.54 1.45
O2 FUL I . -33.97 -53.80 0.08
C3 FUL I . -34.80 -52.77 2.14
O3 FUL I . -35.06 -51.55 1.47
C4 FUL I . -34.40 -52.47 3.62
O4 FUL I . -33.60 -51.31 3.71
C5 FUL I . -33.66 -53.66 4.33
C6 FUL I . -32.76 -53.20 5.46
O5 FUL I . -32.83 -54.45 3.43
C1 NAG J . -2.10 -30.13 18.64
C2 NAG J . -0.99 -29.44 17.83
C3 NAG J . 0.37 -30.10 18.09
C4 NAG J . 0.65 -30.29 19.57
C5 NAG J . -0.53 -31.01 20.23
C6 NAG J . -0.40 -31.16 21.72
C7 NAG J . -1.55 -28.42 15.68
C8 NAG J . -1.89 -28.67 14.23
N2 NAG J . -1.31 -29.50 16.42
O3 NAG J . 1.42 -29.30 17.54
O4 NAG J . 1.83 -31.07 19.74
O5 NAG J . -1.71 -30.24 20.01
O6 NAG J . 0.00 -29.94 22.33
O7 NAG J . -1.51 -27.28 16.14
C1 NAG J . 2.78 -30.46 20.64
C2 NAG J . 3.83 -31.52 21.01
C3 NAG J . 4.90 -30.91 21.93
C4 NAG J . 5.42 -29.59 21.38
C5 NAG J . 4.28 -28.66 21.01
C6 NAG J . 4.77 -27.40 20.32
C7 NAG J . 2.74 -33.73 21.04
C8 NAG J . 2.14 -34.80 21.90
N2 NAG J . 3.21 -32.65 21.68
O3 NAG J . 5.96 -31.83 22.05
O4 NAG J . 6.21 -28.95 22.40
O5 NAG J . 3.42 -29.32 20.08
O6 NAG J . 3.74 -26.42 20.25
O7 NAG J . 2.79 -33.83 19.82
C1 NAG K . -9.52 45.72 -3.81
C2 NAG K . -10.85 45.12 -3.30
C3 NAG K . -11.15 45.60 -1.88
C4 NAG K . -9.96 45.37 -0.96
C5 NAG K . -8.71 46.01 -1.57
C6 NAG K . -7.42 45.84 -0.78
C7 NAG K . -12.49 44.65 -5.07
C8 NAG K . -13.60 45.21 -5.92
N2 NAG K . -11.94 45.49 -4.19
O3 NAG K . -12.28 44.89 -1.38
O4 NAG K . -10.24 45.93 0.32
O5 NAG K . -8.49 45.44 -2.87
O6 NAG K . -7.33 44.67 0.03
O7 NAG K . -12.12 43.49 -5.17
C1 NAG K . -10.17 44.88 1.32
C2 NAG K . -10.39 45.44 2.71
C3 NAG K . -10.20 44.33 3.75
C4 NAG K . -11.07 43.13 3.42
C5 NAG K . -10.85 42.69 1.97
C6 NAG K . -11.77 41.59 1.52
C7 NAG K . -9.81 47.82 2.72
C8 NAG K . -8.77 48.84 3.06
N2 NAG K . -9.49 46.55 2.99
O3 NAG K . -10.55 44.83 5.03
O4 NAG K . -10.76 42.05 4.28
O5 NAG K . -11.06 43.80 1.07
O6 NAG K . -13.04 41.67 2.16
O7 NAG K . -10.89 48.13 2.21
C1 FUL K . -7.06 43.47 -0.74
C2 FUL K . -6.39 42.37 0.04
O2 FUL K . -6.59 42.43 1.45
C3 FUL K . -6.92 41.09 -0.58
O3 FUL K . -6.37 39.95 0.06
C4 FUL K . -6.57 41.06 -2.11
O4 FUL K . -5.25 40.56 -2.28
C5 FUL K . -6.72 42.47 -2.82
C6 FUL K . -5.88 42.64 -4.06
O5 FUL K . -6.41 43.59 -1.96
C1 NAG L . 31.47 38.27 -19.65
C2 NAG L . 32.85 38.24 -18.97
C3 NAG L . 33.65 39.50 -19.32
C4 NAG L . 33.66 39.76 -20.82
C5 NAG L . 32.23 39.77 -21.35
C6 NAG L . 32.09 39.97 -22.84
C7 NAG L . 32.95 37.02 -16.83
C8 NAG L . 32.74 37.10 -15.34
N2 NAG L . 32.69 38.14 -17.52
O3 NAG L . 34.99 39.38 -18.84
O4 NAG L . 34.26 41.04 -21.07
O5 NAG L . 31.62 38.50 -21.03
O6 NAG L . 33.06 39.22 -23.57
O7 NAG L . 33.33 35.99 -17.37
C1 NAG L . 35.35 40.99 -22.00
C2 NAG L . 35.66 42.42 -22.42
C3 NAG L . 36.80 42.45 -23.43
C4 NAG L . 38.00 41.65 -22.94
C5 NAG L . 37.57 40.26 -22.49
C6 NAG L . 38.70 39.47 -21.86
C7 NAG L . 33.55 43.70 -22.27
C8 NAG L . 32.40 44.28 -23.04
N2 NAG L . 34.47 43.05 -23.00
O3 NAG L . 37.22 43.80 -23.62
O4 NAG L . 38.94 41.52 -24.01
O5 NAG L . 36.54 40.37 -21.49
O6 NAG L . 38.43 38.07 -21.88
O7 NAG L . 33.67 43.85 -21.06
C1 NAG M . -41.68 -7.84 -22.09
C2 NAG M . -42.90 -8.33 -22.90
C3 NAG M . -42.45 -9.01 -24.19
C4 NAG M . -41.53 -8.10 -24.97
C5 NAG M . -40.35 -7.69 -24.10
C6 NAG M . -39.39 -6.75 -24.78
C7 NAG M . -44.81 -8.86 -21.44
C8 NAG M . -45.51 -9.93 -20.65
N2 NAG M . -43.71 -9.24 -22.09
O3 NAG M . -43.60 -9.35 -24.95
O4 NAG M . -41.05 -8.76 -26.15
O5 NAG M . -40.85 -7.01 -22.94
O6 NAG M . -38.32 -6.41 -23.90
O7 NAG M . -45.25 -7.71 -21.50
C1 NAG N . -38.86 2.01 -2.92
C2 NAG N . -39.72 3.22 -2.60
C3 NAG N . -41.18 2.93 -2.93
C4 NAG N . -41.33 2.44 -4.36
C5 NAG N . -40.39 1.27 -4.63
C6 NAG N . -40.36 0.88 -6.09
C7 NAG N . -38.97 4.74 -0.79
C8 NAG N . -38.93 4.96 0.69
N2 NAG N . -39.57 3.61 -1.20
O3 NAG N . -41.95 4.11 -2.77
O4 NAG N . -42.67 2.03 -4.61
O5 NAG N . -39.05 1.63 -4.28
O6 NAG N . -40.32 2.03 -6.93
O7 NAG N . -38.48 5.54 -1.58
ZN ZN O . -17.87 -14.57 -9.13
ZN ZN P . -19.03 -12.13 -5.70
C1 EDO Q . -37.93 -19.79 5.96
O1 EDO Q . -38.09 -18.37 6.03
C2 EDO Q . -38.35 -20.31 4.60
O2 EDO Q . -37.48 -19.79 3.58
C1 EDO R . -16.05 -14.20 -14.66
O1 EDO R . -17.36 -14.15 -14.09
C2 EDO R . -16.17 -13.69 -16.09
O2 EDO R . -14.92 -13.81 -16.78
C1 NAG S . 11.62 -0.39 23.00
C2 NAG S . 10.38 -0.61 23.87
C3 NAG S . 10.47 0.19 25.17
C4 NAG S . 11.79 -0.08 25.88
C5 NAG S . 12.94 0.20 24.92
C6 NAG S . 14.30 -0.10 25.52
C7 NAG S . 8.42 -1.15 22.49
C8 NAG S . 7.21 -0.60 21.78
N2 NAG S . 9.17 -0.27 23.15
O3 NAG S . 9.39 -0.18 26.01
O4 NAG S . 11.91 0.74 27.04
O5 NAG S . 12.81 -0.63 23.76
O6 NAG S . 15.34 0.43 24.72
O7 NAG S . 8.69 -2.36 22.46
C1 NAG T . 17.87 -7.73 3.74
C2 NAG T . 17.66 -9.21 3.41
C3 NAG T . 16.28 -9.66 3.85
C4 NAG T . 16.06 -9.33 5.33
C5 NAG T . 16.29 -7.85 5.57
C6 NAG T . 16.20 -7.46 7.02
C7 NAG T . 18.83 -10.20 1.48
C8 NAG T . 18.85 -10.35 -0.01
N2 NAG T . 17.85 -9.45 1.98
O3 NAG T . 16.13 -11.05 3.63
O4 NAG T . 14.73 -9.66 5.72
O5 NAG T . 17.62 -7.50 5.14
O6 NAG T . 16.88 -8.39 7.86
O7 NAG T . 19.68 -10.74 2.19
ZN ZN U . 27.69 17.34 8.72
ZN ZN V . 27.75 14.62 5.28
C1 EDO W . 6.34 11.42 -3.46
O1 EDO W . 7.47 11.53 -2.58
C2 EDO W . 6.83 11.31 -4.90
O2 EDO W . 7.50 10.06 -5.08
C1 NAG X . -0.28 -61.49 11.22
C2 NAG X . 0.59 -62.48 10.45
C3 NAG X . -0.27 -63.28 9.49
C4 NAG X . -1.40 -63.96 10.24
C5 NAG X . -2.21 -62.91 11.02
C6 NAG X . -3.29 -63.49 11.89
C7 NAG X . 2.83 -61.47 10.29
C8 NAG X . 3.80 -60.75 9.39
N2 NAG X . 1.65 -61.79 9.73
O3 NAG X . 0.54 -64.25 8.83
O4 NAG X . -2.28 -64.63 9.34
O5 NAG X . -1.33 -62.18 11.89
O6 NAG X . -3.46 -62.71 13.06
O7 NAG X . 3.10 -61.74 11.45
C1 NAG Y . 1.50 -46.92 26.64
C2 NAG Y . 2.64 -47.05 27.65
C3 NAG Y . 3.93 -47.42 26.94
C4 NAG Y . 3.73 -48.71 26.16
C5 NAG Y . 2.57 -48.56 25.18
C6 NAG Y . 2.21 -49.86 24.50
C7 NAG Y . 2.46 -45.72 29.71
C8 NAG Y . 2.74 -44.39 30.36
N2 NAG Y . 2.82 -45.83 28.42
O3 NAG Y . 4.98 -47.59 27.89
O4 NAG Y . 4.93 -49.04 25.45
O5 NAG Y . 1.39 -48.13 25.89
O6 NAG Y . 1.91 -50.88 25.45
O7 NAG Y . 1.93 -46.65 30.33
ZN ZN Z . -22.35 -45.19 13.16
ZN ZN AA . -20.44 -42.83 16.34
C1 EDO BA . -0.98 -32.26 8.73
O1 EDO BA . -2.02 -33.22 8.94
C2 EDO BA . -1.16 -31.07 9.69
O2 EDO BA . -0.57 -31.37 10.96
C1 EDO CA . -17.16 -35.97 -0.10
O1 EDO CA . -18.31 -35.43 -0.77
C2 EDO CA . -15.92 -35.10 -0.32
O2 EDO CA . -14.76 -35.94 -0.31
C1 NAG DA . 25.38 54.45 -27.63
C2 NAG DA . 26.31 55.06 -28.69
C3 NAG DA . 27.33 55.97 -28.02
C4 NAG DA . 26.60 57.07 -27.24
C5 NAG DA . 25.65 56.44 -26.23
C6 NAG DA . 24.79 57.45 -25.52
C7 NAG DA . 26.59 53.80 -30.77
C8 NAG DA . 27.40 52.76 -31.49
N2 NAG DA . 26.96 54.05 -29.51
O3 NAG DA . 28.19 56.53 -28.99
O4 NAG DA . 27.53 57.93 -26.59
O5 NAG DA . 24.75 55.52 -26.87
O6 NAG DA . 23.82 58.02 -26.39
O7 NAG DA . 25.65 54.37 -31.30
ZN ZN EA . 6.77 40.95 -12.69
ZN ZN FA . 9.38 39.88 -16.06
C1 EDO GA . 32.37 39.66 -10.73
O1 EDO GA . 32.53 40.10 -12.09
C2 EDO GA . 31.96 40.83 -9.84
O2 EDO GA . 30.57 41.10 -10.00
#